data_6KSH
#
_entry.id   6KSH
#
_cell.length_a   139.410
_cell.length_b   139.410
_cell.length_c   453.156
_cell.angle_alpha   90.000
_cell.angle_beta   90.000
_cell.angle_gamma   120.000
#
_symmetry.space_group_name_H-M   'P 65 2 2'
#
loop_
_entity.id
_entity.type
_entity.pdbx_description
1 polymer 'Pyruvate kinase'
2 non-polymer 'MAGNESIUM ION'
3 non-polymer "ADENOSINE-5'-TRIPHOSPHATE"
4 non-polymer 'POTASSIUM ION'
5 non-polymer 'OXALATE ION'
6 water water
#
_entity_poly.entity_id   1
_entity_poly.type   'polypeptide(L)'
_entity_poly.pdbx_seq_one_letter_code
;GGHMSSFKYKNSAAGASMQSAANITLRQILEPNNVNLRSKKTHIVCTLGPACKSVETLVKLIDAGMDICRFNFSHGSHED
HKEMFNNVLKAQELRPNCLLGMLLDTKGPEIRTGFLKNKEVHLKEGSKLKLVTDYEFLGDETCIACSYKKLPQSVKPGNI
ILIADGSVSCKVLETHEDHVITEVLNSAVIGERKNMNLPNVKVDLPIISEKDKNDILNFAIPMGCNFIAASFIQSADDVR
LIRNLLGPRGRHIKIIPKIENIEGIIHFDKILAESDGIMIARGDLGMEISPEKVFLAQKLMISKCNLQGKPIITATQMLE
SMTKNPRPTRAEVTDVANAVLDGTDCVMLSGETAGGKFPVEAVTIMSKICLEAEACIDYKLLYQSLVNAIETPISVQEAV
ARSAVETAESIQASLIIALTETGYTARLIAKYKPSCTILALSASDSTVKCLNVHRGVTCIKVGSFQGTDIVIRNAIEIAK
QRNMAKVGDSVIAIHGIKEEVSGGTNLMKVVQIE
;
_entity_poly.pdbx_strand_id   A,B,C,D
#
# COMPACT_ATOMS: atom_id res chain seq x y z
N GLY A 15 -20.51 2.18 -10.09
CA GLY A 15 -19.16 1.63 -9.91
C GLY A 15 -18.70 1.51 -8.47
N ALA A 16 -17.75 0.54 -8.21
CA ALA A 16 -17.05 0.22 -6.94
C ALA A 16 -15.99 -0.91 -7.08
N SER A 17 -15.09 -1.04 -6.06
CA SER A 17 -13.97 -2.01 -5.91
C SER A 17 -14.14 -2.82 -4.61
N MET A 18 -13.77 -4.16 -4.55
CA MET A 18 -14.16 -5.04 -3.40
C MET A 18 -13.16 -6.03 -2.65
N GLN A 19 -13.82 -6.96 -1.83
CA GLN A 19 -13.57 -8.15 -0.94
C GLN A 19 -12.37 -8.14 0.03
N SER A 20 -12.70 -8.52 1.31
CA SER A 20 -11.81 -8.64 2.47
C SER A 20 -10.78 -9.76 2.36
N ALA A 21 -9.53 -9.46 2.81
CA ALA A 21 -8.37 -10.36 2.83
C ALA A 21 -8.58 -11.50 3.82
N ALA A 22 -8.26 -12.73 3.37
CA ALA A 22 -8.40 -13.96 4.14
C ALA A 22 -7.01 -14.51 4.52
N ASN A 23 -6.95 -15.31 5.62
CA ASN A 23 -5.73 -15.97 6.12
C ASN A 23 -6.14 -17.39 6.50
N ILE A 24 -5.82 -18.37 5.63
CA ILE A 24 -6.18 -19.77 5.84
C ILE A 24 -4.97 -20.63 6.21
N THR A 25 -5.10 -21.38 7.30
CA THR A 25 -4.07 -22.31 7.81
C THR A 25 -4.60 -23.73 7.70
N LEU A 26 -3.71 -24.73 7.75
CA LEU A 26 -4.05 -26.16 7.73
C LEU A 26 -4.90 -26.44 8.95
N ARG A 27 -4.50 -25.85 10.09
CA ARG A 27 -5.16 -25.91 11.39
C ARG A 27 -6.68 -25.63 11.26
N GLN A 28 -7.05 -24.53 10.58
N GLN A 28 -7.06 -24.53 10.58
CA GLN A 28 -8.45 -24.12 10.34
CA GLN A 28 -8.46 -24.16 10.39
C GLN A 28 -9.21 -25.16 9.53
C GLN A 28 -9.22 -25.17 9.53
N ILE A 29 -8.56 -25.72 8.48
CA ILE A 29 -9.13 -26.73 7.58
C ILE A 29 -9.32 -28.07 8.32
N LEU A 30 -8.39 -28.47 9.20
CA LEU A 30 -8.43 -29.78 9.82
C LEU A 30 -9.01 -29.85 11.25
N GLU A 31 -8.64 -28.93 12.15
CA GLU A 31 -9.19 -28.96 13.52
C GLU A 31 -10.67 -28.50 13.56
N PRO A 32 -11.54 -29.14 14.38
CA PRO A 32 -12.95 -28.73 14.41
C PRO A 32 -13.18 -27.42 15.18
N ASN A 33 -14.08 -26.55 14.64
CA ASN A 33 -14.46 -25.29 15.27
C ASN A 33 -15.65 -25.59 16.17
N ASN A 34 -15.36 -25.90 17.44
CA ASN A 34 -16.38 -26.27 18.41
C ASN A 34 -17.02 -25.08 19.12
N VAL A 35 -16.89 -23.86 18.59
CA VAL A 35 -17.53 -22.73 19.27
C VAL A 35 -19.08 -22.73 19.06
N ASN A 36 -19.81 -22.01 19.95
CA ASN A 36 -21.27 -21.87 19.94
C ASN A 36 -21.74 -21.21 18.64
N LEU A 37 -22.79 -21.76 18.05
CA LEU A 37 -23.38 -21.25 16.81
C LEU A 37 -23.97 -19.84 16.97
N ARG A 38 -24.28 -19.40 18.19
CA ARG A 38 -24.84 -18.07 18.40
C ARG A 38 -23.77 -16.98 18.65
N SER A 39 -22.49 -17.38 18.63
CA SER A 39 -21.42 -16.44 18.87
C SER A 39 -20.93 -15.79 17.59
N LYS A 40 -21.35 -16.32 16.42
CA LYS A 40 -20.98 -15.82 15.08
C LYS A 40 -21.39 -14.34 14.90
N LYS A 41 -20.76 -13.65 13.93
CA LYS A 41 -21.01 -12.23 13.64
C LYS A 41 -22.09 -12.02 12.61
N THR A 42 -22.14 -12.88 11.59
CA THR A 42 -23.13 -12.74 10.52
C THR A 42 -24.45 -13.23 11.09
N HIS A 43 -25.51 -12.44 10.89
CA HIS A 43 -26.82 -12.80 11.38
C HIS A 43 -27.62 -13.54 10.35
N ILE A 44 -28.55 -14.40 10.81
CA ILE A 44 -29.35 -15.23 9.91
C ILE A 44 -30.78 -14.83 9.95
N VAL A 45 -31.35 -14.54 8.77
CA VAL A 45 -32.77 -14.29 8.54
C VAL A 45 -33.39 -15.65 8.12
N CYS A 46 -34.38 -16.14 8.89
CA CYS A 46 -35.11 -17.38 8.61
C CYS A 46 -36.54 -17.06 8.21
N THR A 47 -36.98 -17.57 7.04
CA THR A 47 -38.33 -17.41 6.52
C THR A 47 -39.15 -18.49 7.20
N LEU A 48 -40.23 -18.08 7.86
CA LEU A 48 -41.06 -19.00 8.60
C LEU A 48 -42.20 -19.51 7.76
N GLY A 49 -42.59 -20.74 8.02
CA GLY A 49 -43.62 -21.42 7.26
C GLY A 49 -43.94 -22.73 7.89
N PRO A 50 -44.71 -23.61 7.18
CA PRO A 50 -45.17 -24.88 7.79
C PRO A 50 -44.08 -25.77 8.36
N ALA A 51 -42.92 -25.86 7.69
CA ALA A 51 -41.79 -26.69 8.12
C ALA A 51 -41.22 -26.34 9.52
N CYS A 52 -41.42 -25.10 9.97
CA CYS A 52 -40.89 -24.62 11.25
C CYS A 52 -41.93 -23.84 12.06
N LYS A 53 -43.23 -24.17 11.93
CA LYS A 53 -44.33 -23.50 12.63
C LYS A 53 -44.31 -23.72 14.16
N SER A 54 -44.08 -24.96 14.61
CA SER A 54 -44.10 -25.33 16.02
C SER A 54 -43.05 -24.59 16.88
N VAL A 55 -43.40 -24.31 18.15
CA VAL A 55 -42.55 -23.68 19.16
C VAL A 55 -41.27 -24.51 19.33
N GLU A 56 -41.41 -25.83 19.33
CA GLU A 56 -40.30 -26.76 19.43
C GLU A 56 -39.27 -26.57 18.30
N THR A 57 -39.73 -26.35 17.04
CA THR A 57 -38.80 -26.12 15.91
C THR A 57 -38.18 -24.74 16.01
N LEU A 58 -38.97 -23.74 16.40
CA LEU A 58 -38.50 -22.37 16.60
C LEU A 58 -37.38 -22.27 17.66
N VAL A 59 -37.45 -23.08 18.72
CA VAL A 59 -36.41 -23.13 19.76
C VAL A 59 -35.13 -23.77 19.18
N LYS A 60 -35.29 -24.84 18.40
CA LYS A 60 -34.21 -25.52 17.71
C LYS A 60 -33.51 -24.55 16.75
N LEU A 61 -34.27 -23.69 16.04
CA LEU A 61 -33.73 -22.71 15.08
C LEU A 61 -32.95 -21.64 15.81
N ILE A 62 -33.38 -21.28 17.03
CA ILE A 62 -32.71 -20.32 17.89
C ILE A 62 -31.36 -20.94 18.29
N ASP A 63 -31.36 -22.18 18.75
CA ASP A 63 -30.12 -22.86 19.15
C ASP A 63 -29.11 -23.01 18.00
N ALA A 64 -29.62 -23.17 16.76
CA ALA A 64 -28.86 -23.30 15.54
C ALA A 64 -28.35 -21.97 14.97
N GLY A 65 -28.84 -20.84 15.48
CA GLY A 65 -28.36 -19.53 15.04
C GLY A 65 -29.31 -18.55 14.36
N MET A 66 -30.63 -18.73 14.45
CA MET A 66 -31.60 -17.80 13.85
C MET A 66 -31.59 -16.46 14.63
N ASP A 67 -31.56 -15.34 13.91
CA ASP A 67 -31.50 -14.00 14.51
C ASP A 67 -32.71 -13.11 14.16
N ILE A 68 -33.23 -13.28 12.96
CA ILE A 68 -34.36 -12.51 12.44
C ILE A 68 -35.33 -13.52 11.87
N CYS A 69 -36.63 -13.20 11.96
CA CYS A 69 -37.73 -14.03 11.45
C CYS A 69 -38.40 -13.30 10.29
N ARG A 70 -38.40 -13.92 9.11
CA ARG A 70 -39.07 -13.36 7.93
C ARG A 70 -40.46 -13.97 7.74
N PHE A 71 -41.49 -13.10 7.70
CA PHE A 71 -42.90 -13.47 7.48
C PHE A 71 -43.28 -13.03 6.06
N ASN A 72 -43.26 -13.98 5.11
CA ASN A 72 -43.59 -13.66 3.72
C ASN A 72 -45.10 -13.57 3.51
N PHE A 73 -45.59 -12.35 3.33
CA PHE A 73 -47.02 -12.08 3.13
C PHE A 73 -47.49 -12.40 1.72
N SER A 74 -46.62 -12.97 0.87
CA SER A 74 -47.00 -13.49 -0.44
C SER A 74 -47.65 -14.86 -0.22
N HIS A 75 -47.40 -15.48 0.96
CA HIS A 75 -47.89 -16.80 1.30
C HIS A 75 -48.68 -16.79 2.60
N GLY A 76 -49.32 -17.90 2.91
CA GLY A 76 -50.14 -18.01 4.11
C GLY A 76 -51.34 -17.09 4.09
N SER A 77 -51.69 -16.60 5.28
CA SER A 77 -52.83 -15.72 5.59
C SER A 77 -52.42 -14.93 6.84
N HIS A 78 -53.15 -13.83 7.16
CA HIS A 78 -52.85 -13.05 8.37
C HIS A 78 -52.94 -13.90 9.62
N GLU A 79 -54.00 -14.74 9.73
CA GLU A 79 -54.24 -15.67 10.81
C GLU A 79 -53.11 -16.68 10.98
N ASP A 80 -52.69 -17.36 9.89
CA ASP A 80 -51.56 -18.30 9.98
C ASP A 80 -50.22 -17.61 10.36
N HIS A 81 -49.97 -16.38 9.82
CA HIS A 81 -48.79 -15.56 10.17
C HIS A 81 -48.88 -15.09 11.64
N LYS A 82 -50.08 -14.75 12.13
CA LYS A 82 -50.34 -14.32 13.50
C LYS A 82 -49.96 -15.46 14.48
N GLU A 83 -50.29 -16.73 14.13
CA GLU A 83 -50.01 -17.93 14.90
C GLU A 83 -48.50 -18.23 15.00
N MET A 84 -47.81 -18.17 13.86
CA MET A 84 -46.36 -18.35 13.74
C MET A 84 -45.67 -17.30 14.62
N PHE A 85 -46.08 -16.02 14.52
CA PHE A 85 -45.56 -14.90 15.30
C PHE A 85 -45.65 -15.14 16.81
N ASN A 86 -46.80 -15.63 17.29
CA ASN A 86 -47.02 -15.91 18.70
C ASN A 86 -46.20 -17.11 19.21
N ASN A 87 -45.93 -18.07 18.31
CA ASN A 87 -45.10 -19.25 18.61
C ASN A 87 -43.62 -18.82 18.75
N VAL A 88 -43.22 -17.78 17.99
CA VAL A 88 -41.89 -17.17 18.08
C VAL A 88 -41.76 -16.52 19.48
N LEU A 89 -42.80 -15.77 19.90
CA LEU A 89 -42.83 -15.11 21.22
C LEU A 89 -42.74 -16.14 22.34
N LYS A 90 -43.37 -17.33 22.16
CA LYS A 90 -43.31 -18.43 23.13
C LYS A 90 -41.91 -19.07 23.11
N ALA A 91 -41.30 -19.22 21.92
CA ALA A 91 -39.94 -19.75 21.78
C ALA A 91 -38.91 -18.83 22.48
N GLN A 92 -39.17 -17.49 22.48
CA GLN A 92 -38.33 -16.50 23.15
C GLN A 92 -38.42 -16.59 24.67
N GLU A 93 -39.55 -17.08 25.20
CA GLU A 93 -39.72 -17.28 26.66
C GLU A 93 -38.87 -18.46 27.13
N LEU A 94 -38.60 -19.41 26.22
CA LEU A 94 -37.77 -20.56 26.45
C LEU A 94 -36.28 -20.24 26.21
N ARG A 95 -36.00 -19.15 25.47
CA ARG A 95 -34.64 -18.70 25.18
C ARG A 95 -34.51 -17.21 25.54
N PRO A 96 -34.44 -16.89 26.86
CA PRO A 96 -34.45 -15.48 27.30
C PRO A 96 -33.28 -14.62 26.83
N ASN A 97 -32.13 -15.25 26.50
CA ASN A 97 -30.89 -14.61 26.01
C ASN A 97 -30.95 -14.35 24.50
N CYS A 98 -32.12 -14.52 23.88
CA CYS A 98 -32.30 -14.36 22.45
C CYS A 98 -33.44 -13.41 22.13
N LEU A 99 -33.14 -12.26 21.53
CA LEU A 99 -34.16 -11.28 21.15
C LEU A 99 -34.20 -11.28 19.66
N LEU A 100 -35.28 -11.80 19.06
CA LEU A 100 -35.41 -11.89 17.61
C LEU A 100 -36.07 -10.68 16.98
N GLY A 101 -35.54 -10.28 15.83
CA GLY A 101 -36.11 -9.21 15.01
C GLY A 101 -37.22 -9.81 14.17
N MET A 102 -38.32 -9.07 14.00
CA MET A 102 -39.47 -9.55 13.22
C MET A 102 -39.56 -8.77 11.91
N LEU A 103 -39.43 -9.48 10.81
CA LEU A 103 -39.44 -8.90 9.46
C LEU A 103 -40.70 -9.26 8.65
N LEU A 104 -41.44 -8.25 8.19
CA LEU A 104 -42.60 -8.48 7.34
C LEU A 104 -42.12 -8.27 5.89
N ASP A 105 -42.26 -9.28 5.04
CA ASP A 105 -41.88 -9.17 3.63
C ASP A 105 -43.18 -9.01 2.81
N THR A 106 -43.33 -7.85 2.15
CA THR A 106 -44.55 -7.51 1.40
C THR A 106 -44.81 -8.38 0.16
N LYS A 107 -46.05 -8.28 -0.37
CA LYS A 107 -46.42 -8.96 -1.60
C LYS A 107 -45.76 -8.13 -2.73
N GLY A 108 -46.08 -6.84 -2.75
CA GLY A 108 -45.59 -5.87 -3.73
C GLY A 108 -46.20 -6.11 -5.10
N PRO A 109 -45.60 -5.53 -6.16
CA PRO A 109 -46.14 -5.77 -7.53
C PRO A 109 -45.75 -7.12 -8.15
N GLU A 110 -46.08 -8.21 -7.47
CA GLU A 110 -45.80 -9.60 -7.82
C GLU A 110 -46.77 -10.23 -8.78
N ILE A 111 -46.26 -11.20 -9.54
CA ILE A 111 -46.97 -12.07 -10.48
C ILE A 111 -46.75 -13.50 -9.94
N ARG A 112 -47.85 -14.20 -9.64
CA ARG A 112 -47.77 -15.50 -9.01
C ARG A 112 -48.58 -16.54 -9.74
N THR A 113 -48.20 -17.81 -9.56
CA THR A 113 -48.97 -18.93 -10.05
C THR A 113 -50.10 -19.09 -9.03
N GLY A 114 -51.11 -19.90 -9.35
CA GLY A 114 -52.24 -20.06 -8.45
C GLY A 114 -52.19 -21.18 -7.44
N PHE A 115 -53.36 -21.54 -6.98
CA PHE A 115 -53.59 -22.63 -6.05
C PHE A 115 -53.69 -23.93 -6.81
N LEU A 116 -53.39 -25.01 -6.12
CA LEU A 116 -53.38 -26.34 -6.72
C LEU A 116 -54.31 -27.30 -6.03
N LYS A 117 -54.84 -28.25 -6.81
CA LYS A 117 -55.75 -29.28 -6.31
C LYS A 117 -55.09 -30.13 -5.22
N ASN A 118 -53.87 -30.66 -5.47
CA ASN A 118 -53.17 -31.52 -4.53
C ASN A 118 -51.94 -30.86 -3.88
N LYS A 119 -51.96 -29.51 -3.78
CA LYS A 119 -50.95 -28.68 -3.11
C LYS A 119 -49.54 -28.73 -3.75
N GLU A 120 -49.30 -29.70 -4.65
CA GLU A 120 -48.05 -29.90 -5.40
C GLU A 120 -48.36 -30.50 -6.76
N VAL A 121 -47.67 -29.99 -7.79
CA VAL A 121 -47.75 -30.48 -9.17
C VAL A 121 -46.38 -30.94 -9.59
N HIS A 122 -46.30 -32.04 -10.32
CA HIS A 122 -45.04 -32.60 -10.78
C HIS A 122 -44.99 -32.35 -12.28
N LEU A 123 -44.44 -31.19 -12.65
CA LEU A 123 -44.29 -30.74 -14.03
C LEU A 123 -43.22 -31.55 -14.72
N LYS A 124 -43.45 -31.90 -15.99
CA LYS A 124 -42.53 -32.76 -16.74
C LYS A 124 -42.06 -32.09 -18.03
N GLU A 125 -40.75 -32.19 -18.30
CA GLU A 125 -40.06 -31.71 -19.50
C GLU A 125 -40.74 -32.21 -20.78
N GLY A 126 -41.18 -31.27 -21.60
CA GLY A 126 -41.83 -31.55 -22.87
C GLY A 126 -43.34 -31.45 -22.88
N SER A 127 -43.97 -31.40 -21.69
CA SER A 127 -45.43 -31.32 -21.54
C SER A 127 -45.97 -29.92 -21.79
N LYS A 128 -47.25 -29.81 -22.17
CA LYS A 128 -47.91 -28.52 -22.39
C LYS A 128 -48.56 -28.10 -21.07
N LEU A 129 -48.46 -26.82 -20.76
CA LEU A 129 -49.04 -26.26 -19.55
C LEU A 129 -49.83 -25.06 -20.00
N LYS A 130 -51.14 -25.10 -19.74
CA LYS A 130 -52.04 -23.99 -20.06
C LYS A 130 -51.98 -23.05 -18.85
N LEU A 131 -51.84 -21.72 -19.09
CA LEU A 131 -51.82 -20.73 -18.00
C LEU A 131 -53.08 -19.90 -18.11
N VAL A 132 -53.98 -19.98 -17.12
CA VAL A 132 -55.24 -19.24 -17.14
C VAL A 132 -55.17 -18.00 -16.27
N THR A 133 -56.10 -17.05 -16.51
CA THR A 133 -56.17 -15.81 -15.76
C THR A 133 -57.18 -15.91 -14.63
N ASP A 134 -57.95 -17.03 -14.54
CA ASP A 134 -58.91 -17.24 -13.44
C ASP A 134 -58.13 -17.64 -12.16
N TYR A 135 -57.83 -16.64 -11.32
CA TYR A 135 -56.98 -16.88 -10.16
C TYR A 135 -57.62 -17.68 -9.00
N GLU A 136 -58.93 -17.95 -9.11
CA GLU A 136 -59.68 -18.77 -8.13
C GLU A 136 -59.57 -20.26 -8.51
N PHE A 137 -59.11 -20.57 -9.74
CA PHE A 137 -58.98 -21.93 -10.26
C PHE A 137 -57.90 -22.73 -9.57
N LEU A 138 -58.25 -23.93 -9.04
CA LEU A 138 -57.30 -24.84 -8.39
C LEU A 138 -56.76 -25.67 -9.54
N GLY A 139 -55.46 -25.50 -9.81
CA GLY A 139 -54.83 -26.15 -10.94
C GLY A 139 -54.22 -27.52 -10.75
N ASP A 140 -53.63 -28.03 -11.81
CA ASP A 140 -52.93 -29.30 -11.85
C ASP A 140 -51.84 -29.17 -12.89
N GLU A 141 -51.03 -30.23 -13.10
CA GLU A 141 -49.88 -30.23 -14.03
C GLU A 141 -50.25 -29.90 -15.49
N THR A 142 -51.53 -29.94 -15.86
CA THR A 142 -51.95 -29.63 -17.23
C THR A 142 -52.35 -28.15 -17.36
N CYS A 143 -52.90 -27.55 -16.27
CA CYS A 143 -53.42 -26.19 -16.28
C CYS A 143 -53.28 -25.46 -14.93
N ILE A 144 -52.64 -24.28 -14.94
CA ILE A 144 -52.42 -23.47 -13.73
C ILE A 144 -52.77 -22.00 -14.00
N ALA A 145 -53.21 -21.27 -12.97
CA ALA A 145 -53.55 -19.85 -13.08
C ALA A 145 -52.34 -18.93 -12.83
N CYS A 146 -52.47 -17.67 -13.30
CA CYS A 146 -51.50 -16.58 -13.17
C CYS A 146 -52.26 -15.42 -12.54
N SER A 147 -51.65 -14.72 -11.56
CA SER A 147 -52.28 -13.59 -10.87
C SER A 147 -52.44 -12.37 -11.78
N TYR A 148 -51.68 -12.33 -12.89
CA TYR A 148 -51.66 -11.24 -13.85
C TYR A 148 -52.69 -11.46 -14.99
N LYS A 149 -53.82 -10.70 -14.94
CA LYS A 149 -54.91 -10.78 -15.93
C LYS A 149 -54.47 -10.38 -17.34
N LYS A 150 -53.42 -9.55 -17.49
CA LYS A 150 -52.93 -9.09 -18.81
C LYS A 150 -51.94 -10.07 -19.49
N LEU A 151 -51.60 -11.20 -18.83
CA LEU A 151 -50.68 -12.22 -19.34
C LEU A 151 -50.89 -12.56 -20.83
N PRO A 152 -52.12 -12.93 -21.29
CA PRO A 152 -52.30 -13.22 -22.72
C PRO A 152 -51.83 -12.07 -23.61
N GLN A 153 -52.16 -10.82 -23.26
CA GLN A 153 -51.78 -9.64 -24.05
C GLN A 153 -50.29 -9.27 -23.90
N SER A 154 -49.65 -9.69 -22.80
CA SER A 154 -48.26 -9.35 -22.50
C SER A 154 -47.21 -10.28 -23.09
N VAL A 155 -47.50 -11.58 -23.25
CA VAL A 155 -46.52 -12.53 -23.81
C VAL A 155 -46.78 -12.80 -25.32
N LYS A 156 -45.75 -13.29 -26.02
CA LYS A 156 -45.80 -13.62 -27.46
C LYS A 156 -45.18 -15.00 -27.68
N PRO A 157 -45.57 -15.78 -28.72
CA PRO A 157 -44.94 -17.10 -28.93
C PRO A 157 -43.42 -17.05 -29.06
N GLY A 158 -42.75 -17.92 -28.30
CA GLY A 158 -41.29 -18.02 -28.25
C GLY A 158 -40.71 -17.57 -26.93
N ASN A 159 -41.41 -16.65 -26.22
CA ASN A 159 -41.02 -16.08 -24.92
C ASN A 159 -40.94 -17.17 -23.86
N ILE A 160 -39.96 -17.00 -22.95
CA ILE A 160 -39.73 -17.92 -21.84
C ILE A 160 -40.25 -17.36 -20.55
N ILE A 161 -41.37 -17.89 -20.07
CA ILE A 161 -41.92 -17.51 -18.79
C ILE A 161 -41.11 -18.27 -17.72
N LEU A 162 -40.61 -17.55 -16.69
CA LEU A 162 -39.85 -18.17 -15.61
C LEU A 162 -40.68 -18.27 -14.35
N ILE A 163 -40.69 -19.46 -13.73
CA ILE A 163 -41.48 -19.73 -12.52
C ILE A 163 -40.53 -20.21 -11.39
N ALA A 164 -40.85 -19.84 -10.12
CA ALA A 164 -40.12 -20.25 -8.91
C ALA A 164 -38.60 -20.00 -9.00
N ASP A 165 -38.17 -18.70 -8.95
CA ASP A 165 -36.75 -18.28 -9.03
C ASP A 165 -36.07 -18.78 -10.31
N GLY A 166 -36.88 -19.17 -11.29
CA GLY A 166 -36.42 -19.68 -12.56
C GLY A 166 -36.17 -21.16 -12.52
N SER A 167 -36.65 -21.85 -11.48
CA SER A 167 -36.48 -23.31 -11.36
C SER A 167 -37.31 -24.03 -12.42
N VAL A 168 -38.34 -23.35 -12.95
CA VAL A 168 -39.17 -23.83 -14.05
C VAL A 168 -39.13 -22.79 -15.17
N SER A 169 -38.91 -23.25 -16.40
CA SER A 169 -38.93 -22.43 -17.61
C SER A 169 -40.05 -22.98 -18.49
N CYS A 170 -40.89 -22.09 -19.04
CA CYS A 170 -42.01 -22.43 -19.94
C CYS A 170 -41.88 -21.65 -21.20
N LYS A 171 -41.89 -22.30 -22.36
CA LYS A 171 -41.87 -21.58 -23.65
C LYS A 171 -43.31 -21.35 -24.11
N VAL A 172 -43.68 -20.08 -24.46
CA VAL A 172 -45.03 -19.75 -24.98
C VAL A 172 -45.18 -20.37 -26.38
N LEU A 173 -46.20 -21.23 -26.55
CA LEU A 173 -46.53 -21.91 -27.81
C LEU A 173 -47.57 -21.12 -28.59
N GLU A 174 -48.60 -20.61 -27.88
CA GLU A 174 -49.68 -19.78 -28.44
C GLU A 174 -50.41 -18.94 -27.38
N THR A 175 -50.73 -17.69 -27.74
CA THR A 175 -51.44 -16.74 -26.89
C THR A 175 -52.90 -16.60 -27.31
N HIS A 176 -53.83 -16.72 -26.35
CA HIS A 176 -55.25 -16.57 -26.66
C HIS A 176 -55.87 -15.35 -25.97
N GLU A 177 -57.20 -15.34 -25.81
CA GLU A 177 -57.92 -14.24 -25.19
C GLU A 177 -57.74 -14.23 -23.67
N ASP A 178 -58.04 -15.37 -23.01
CA ASP A 178 -58.02 -15.57 -21.55
C ASP A 178 -56.88 -16.46 -21.06
N HIS A 179 -56.19 -17.14 -21.97
CA HIS A 179 -55.14 -18.08 -21.61
C HIS A 179 -53.98 -18.08 -22.58
N VAL A 180 -52.94 -18.82 -22.22
CA VAL A 180 -51.69 -19.01 -22.95
C VAL A 180 -51.38 -20.51 -22.90
N ILE A 181 -50.92 -21.09 -24.01
CA ILE A 181 -50.46 -22.47 -24.01
C ILE A 181 -48.93 -22.41 -24.00
N THR A 182 -48.31 -23.10 -23.04
CA THR A 182 -46.86 -23.17 -22.92
C THR A 182 -46.38 -24.61 -23.07
N GLU A 183 -45.06 -24.78 -23.15
CA GLU A 183 -44.38 -26.07 -23.18
C GLU A 183 -43.38 -26.01 -22.03
N VAL A 184 -43.47 -26.96 -21.07
CA VAL A 184 -42.56 -27.03 -19.91
C VAL A 184 -41.17 -27.46 -20.42
N LEU A 185 -40.14 -26.67 -20.09
CA LEU A 185 -38.81 -26.98 -20.62
C LEU A 185 -37.99 -27.89 -19.71
N ASN A 186 -38.44 -28.09 -18.45
CA ASN A 186 -37.73 -28.94 -17.50
C ASN A 186 -38.65 -29.48 -16.45
N SER A 187 -38.36 -30.68 -15.96
CA SER A 187 -39.15 -31.33 -14.92
C SER A 187 -38.86 -30.65 -13.58
N ALA A 188 -39.91 -30.31 -12.84
CA ALA A 188 -39.81 -29.66 -11.55
C ALA A 188 -41.10 -29.91 -10.77
N VAL A 189 -40.98 -29.93 -9.43
CA VAL A 189 -42.17 -30.06 -8.59
C VAL A 189 -42.37 -28.71 -7.91
N ILE A 190 -43.54 -28.11 -8.12
CA ILE A 190 -43.85 -26.82 -7.52
C ILE A 190 -45.11 -26.88 -6.68
N GLY A 191 -45.21 -25.96 -5.73
CA GLY A 191 -46.38 -25.82 -4.88
C GLY A 191 -47.22 -24.64 -5.30
N GLU A 192 -48.04 -24.13 -4.38
CA GLU A 192 -48.91 -22.99 -4.68
C GLU A 192 -48.16 -21.64 -4.67
N ARG A 193 -48.75 -20.64 -5.37
CA ARG A 193 -48.32 -19.25 -5.45
C ARG A 193 -46.81 -19.05 -5.62
N LYS A 194 -46.26 -19.70 -6.67
CA LYS A 194 -44.85 -19.57 -7.01
C LYS A 194 -44.67 -18.28 -7.74
N ASN A 195 -43.47 -17.66 -7.62
CA ASN A 195 -43.24 -16.39 -8.31
C ASN A 195 -43.06 -16.64 -9.80
N MET A 196 -43.33 -15.59 -10.59
CA MET A 196 -43.24 -15.65 -12.03
C MET A 196 -42.58 -14.42 -12.58
N ASN A 197 -41.92 -14.58 -13.72
CA ASN A 197 -41.35 -13.47 -14.44
C ASN A 197 -41.75 -13.56 -15.91
N LEU A 198 -42.29 -12.45 -16.43
CA LEU A 198 -42.71 -12.37 -17.81
C LEU A 198 -41.68 -11.54 -18.56
N PRO A 199 -40.95 -12.11 -19.56
CA PRO A 199 -39.85 -11.36 -20.20
C PRO A 199 -40.23 -10.07 -20.93
N ASN A 200 -39.46 -8.99 -20.65
CA ASN A 200 -39.57 -7.65 -21.27
C ASN A 200 -40.96 -6.98 -21.17
N VAL A 201 -41.79 -7.44 -20.20
CA VAL A 201 -43.13 -6.96 -19.91
C VAL A 201 -43.02 -5.87 -18.82
N LYS A 202 -43.60 -4.68 -19.10
CA LYS A 202 -43.66 -3.59 -18.11
C LYS A 202 -44.96 -3.84 -17.31
N VAL A 203 -44.81 -4.47 -16.13
CA VAL A 203 -45.86 -4.89 -15.21
C VAL A 203 -46.67 -3.68 -14.68
N ASP A 204 -47.92 -3.56 -15.13
CA ASP A 204 -48.82 -2.48 -14.71
C ASP A 204 -49.38 -2.77 -13.30
N LEU A 205 -48.51 -2.64 -12.26
CA LEU A 205 -48.90 -2.89 -10.87
C LEU A 205 -48.34 -1.84 -9.91
N PRO A 206 -49.13 -1.36 -8.91
CA PRO A 206 -48.61 -0.32 -8.00
C PRO A 206 -47.52 -0.86 -7.08
N ILE A 207 -46.66 0.02 -6.54
CA ILE A 207 -45.62 -0.41 -5.58
C ILE A 207 -46.30 -0.87 -4.29
N ILE A 208 -47.32 -0.12 -3.85
CA ILE A 208 -48.13 -0.43 -2.68
C ILE A 208 -49.60 -0.59 -3.11
N SER A 209 -50.09 -1.82 -3.01
CA SER A 209 -51.46 -2.17 -3.34
C SER A 209 -52.30 -2.06 -2.05
N GLU A 210 -53.62 -2.26 -2.16
CA GLU A 210 -54.51 -2.24 -1.00
C GLU A 210 -54.16 -3.42 -0.09
N LYS A 211 -53.78 -4.57 -0.69
CA LYS A 211 -53.35 -5.75 0.05
C LYS A 211 -52.08 -5.48 0.81
N ASP A 212 -51.12 -4.73 0.22
CA ASP A 212 -49.89 -4.34 0.89
C ASP A 212 -50.21 -3.43 2.08
N LYS A 213 -51.12 -2.46 1.85
CA LYS A 213 -51.61 -1.48 2.84
C LYS A 213 -52.23 -2.17 4.07
N ASN A 214 -53.03 -3.23 3.86
CA ASN A 214 -53.65 -4.02 4.92
C ASN A 214 -52.59 -4.88 5.65
N ASP A 215 -51.55 -5.33 4.92
CA ASP A 215 -50.48 -6.13 5.53
C ASP A 215 -49.67 -5.28 6.46
N ILE A 216 -49.37 -4.03 6.04
CA ILE A 216 -48.55 -3.11 6.83
C ILE A 216 -49.35 -2.53 8.01
N LEU A 217 -50.54 -1.97 7.76
CA LEU A 217 -51.31 -1.29 8.81
C LEU A 217 -52.03 -2.24 9.78
N ASN A 218 -52.48 -3.40 9.30
CA ASN A 218 -53.28 -4.32 10.09
C ASN A 218 -52.50 -5.51 10.64
N PHE A 219 -51.21 -5.65 10.30
CA PHE A 219 -50.36 -6.71 10.83
C PHE A 219 -49.03 -6.15 11.29
N ALA A 220 -48.24 -5.53 10.41
CA ALA A 220 -46.93 -5.00 10.79
C ALA A 220 -46.95 -4.08 12.01
N ILE A 221 -47.82 -3.05 12.00
CA ILE A 221 -47.93 -2.08 13.09
C ILE A 221 -48.58 -2.71 14.36
N PRO A 222 -49.75 -3.39 14.30
CA PRO A 222 -50.29 -4.00 15.52
C PRO A 222 -49.49 -5.18 16.09
N MET A 223 -48.84 -6.01 15.24
CA MET A 223 -48.07 -7.14 15.74
C MET A 223 -46.70 -6.76 16.31
N GLY A 224 -46.17 -5.61 15.90
CA GLY A 224 -44.87 -5.14 16.36
C GLY A 224 -43.69 -5.66 15.55
N CYS A 225 -43.78 -5.59 14.20
CA CYS A 225 -42.66 -5.97 13.33
C CYS A 225 -41.65 -4.86 13.41
N ASN A 226 -40.36 -5.22 13.33
CA ASN A 226 -39.25 -4.29 13.41
C ASN A 226 -38.83 -3.82 12.03
N PHE A 227 -39.03 -4.68 11.00
CA PHE A 227 -38.64 -4.41 9.61
C PHE A 227 -39.74 -4.67 8.63
N ILE A 228 -39.79 -3.85 7.56
CA ILE A 228 -40.66 -4.01 6.40
C ILE A 228 -39.69 -4.24 5.25
N ALA A 229 -39.66 -5.46 4.70
CA ALA A 229 -38.82 -5.75 3.52
C ALA A 229 -39.75 -5.50 2.34
N ALA A 230 -39.58 -4.36 1.69
CA ALA A 230 -40.45 -3.95 0.60
C ALA A 230 -40.03 -4.52 -0.73
N SER A 231 -40.84 -5.46 -1.23
CA SER A 231 -40.62 -6.12 -2.52
C SER A 231 -40.71 -5.15 -3.68
N PHE A 232 -39.73 -5.26 -4.59
CA PHE A 232 -39.60 -4.55 -5.87
C PHE A 232 -39.48 -3.04 -5.81
N ILE A 233 -38.76 -2.49 -4.81
CA ILE A 233 -38.51 -1.04 -4.72
C ILE A 233 -37.77 -0.57 -5.97
N GLN A 234 -38.26 0.50 -6.60
CA GLN A 234 -37.65 1.08 -7.80
C GLN A 234 -37.06 2.46 -7.56
N SER A 235 -37.49 3.17 -6.51
CA SER A 235 -37.02 4.53 -6.25
C SER A 235 -36.96 4.89 -4.78
N ALA A 236 -36.27 5.99 -4.45
CA ALA A 236 -36.22 6.53 -3.10
C ALA A 236 -37.62 7.07 -2.73
N ASP A 237 -38.43 7.43 -3.76
CA ASP A 237 -39.82 7.89 -3.62
C ASP A 237 -40.71 6.79 -3.08
N ASP A 238 -40.42 5.53 -3.44
CA ASP A 238 -41.17 4.35 -3.00
C ASP A 238 -40.91 4.12 -1.53
N VAL A 239 -39.67 4.38 -1.09
CA VAL A 239 -39.24 4.25 0.29
C VAL A 239 -39.96 5.32 1.15
N ARG A 240 -40.06 6.56 0.64
CA ARG A 240 -40.74 7.66 1.34
C ARG A 240 -42.25 7.40 1.45
N LEU A 241 -42.83 6.79 0.40
CA LEU A 241 -44.24 6.40 0.34
C LEU A 241 -44.57 5.42 1.48
N ILE A 242 -43.69 4.42 1.74
CA ILE A 242 -43.88 3.42 2.80
C ILE A 242 -43.78 4.09 4.17
N ARG A 243 -42.75 4.93 4.36
CA ARG A 243 -42.48 5.70 5.58
C ARG A 243 -43.70 6.51 5.96
N ASN A 244 -44.31 7.17 4.95
CA ASN A 244 -45.53 7.97 5.10
C ASN A 244 -46.71 7.10 5.45
N LEU A 245 -46.83 5.93 4.80
CA LEU A 245 -47.88 4.95 5.05
C LEU A 245 -47.81 4.48 6.51
N LEU A 246 -46.58 4.17 6.99
CA LEU A 246 -46.28 3.73 8.36
C LEU A 246 -46.70 4.77 9.40
N GLY A 247 -46.54 6.05 9.07
CA GLY A 247 -46.93 7.19 9.89
C GLY A 247 -46.31 7.25 11.27
N PRO A 248 -46.96 7.98 12.21
CA PRO A 248 -46.41 8.10 13.57
C PRO A 248 -46.32 6.76 14.31
N ARG A 249 -47.36 5.90 14.22
CA ARG A 249 -47.36 4.59 14.88
C ARG A 249 -46.17 3.67 14.47
N GLY A 250 -45.80 3.66 13.18
CA GLY A 250 -44.70 2.86 12.67
C GLY A 250 -43.34 3.56 12.54
N ARG A 251 -43.11 4.63 13.31
CA ARG A 251 -41.89 5.45 13.30
C ARG A 251 -40.62 4.63 13.63
N HIS A 252 -40.77 3.50 14.36
CA HIS A 252 -39.65 2.63 14.75
C HIS A 252 -39.47 1.42 13.84
N ILE A 253 -40.38 1.23 12.86
CA ILE A 253 -40.26 0.13 11.90
C ILE A 253 -39.26 0.55 10.80
N LYS A 254 -38.21 -0.26 10.61
CA LYS A 254 -37.16 0.00 9.62
C LYS A 254 -37.64 -0.48 8.28
N ILE A 255 -37.26 0.26 7.22
CA ILE A 255 -37.62 -0.11 5.85
C ILE A 255 -36.37 -0.68 5.19
N ILE A 256 -36.47 -1.95 4.76
CA ILE A 256 -35.45 -2.68 4.07
C ILE A 256 -35.94 -2.89 2.63
N PRO A 257 -35.67 -1.95 1.68
CA PRO A 257 -36.05 -2.21 0.29
C PRO A 257 -35.43 -3.50 -0.26
N LYS A 258 -36.19 -4.18 -1.11
CA LYS A 258 -35.68 -5.37 -1.78
C LYS A 258 -35.31 -4.99 -3.19
N ILE A 259 -34.06 -5.27 -3.56
CA ILE A 259 -33.55 -5.00 -4.90
C ILE A 259 -33.74 -6.30 -5.70
N GLU A 260 -34.70 -6.28 -6.65
CA GLU A 260 -35.07 -7.44 -7.46
C GLU A 260 -35.56 -7.10 -8.87
N ASN A 261 -35.20 -5.93 -9.41
CA ASN A 261 -35.52 -5.51 -10.79
C ASN A 261 -34.47 -4.51 -11.25
N ILE A 262 -34.40 -4.21 -12.57
CA ILE A 262 -33.42 -3.29 -13.15
C ILE A 262 -33.50 -1.87 -12.54
N GLU A 263 -34.71 -1.35 -12.31
CA GLU A 263 -34.88 -0.01 -11.74
C GLU A 263 -34.23 0.13 -10.33
N GLY A 264 -34.27 -0.94 -9.54
CA GLY A 264 -33.65 -0.99 -8.22
C GLY A 264 -32.13 -0.89 -8.28
N ILE A 265 -31.53 -1.48 -9.33
CA ILE A 265 -30.09 -1.43 -9.58
C ILE A 265 -29.68 -0.01 -9.99
N ILE A 266 -30.32 0.58 -11.03
CA ILE A 266 -30.08 1.93 -11.52
C ILE A 266 -30.18 2.99 -10.40
N HIS A 267 -31.24 2.92 -9.58
CA HIS A 267 -31.50 3.88 -8.51
C HIS A 267 -30.99 3.43 -7.15
N PHE A 268 -30.04 2.50 -7.12
CA PHE A 268 -29.52 1.93 -5.88
C PHE A 268 -29.01 2.95 -4.89
N ASP A 269 -28.08 3.81 -5.30
CA ASP A 269 -27.46 4.86 -4.48
C ASP A 269 -28.50 5.69 -3.73
N LYS A 270 -29.59 6.13 -4.41
CA LYS A 270 -30.66 6.94 -3.81
C LYS A 270 -31.60 6.10 -2.96
N ILE A 271 -31.86 4.84 -3.38
CA ILE A 271 -32.71 3.92 -2.63
C ILE A 271 -32.00 3.71 -1.31
N LEU A 272 -30.69 3.39 -1.38
CA LEU A 272 -29.84 3.15 -0.22
C LEU A 272 -29.83 4.34 0.73
N ALA A 273 -29.75 5.56 0.21
CA ALA A 273 -29.75 6.78 1.02
C ALA A 273 -31.04 6.93 1.90
N GLU A 274 -32.23 6.66 1.33
CA GLU A 274 -33.52 6.72 2.06
C GLU A 274 -33.80 5.53 2.98
N SER A 275 -33.29 4.35 2.63
CA SER A 275 -33.48 3.08 3.30
C SER A 275 -32.82 2.97 4.69
N ASP A 276 -33.22 1.94 5.47
CA ASP A 276 -32.66 1.58 6.77
C ASP A 276 -31.80 0.31 6.63
N GLY A 277 -31.55 -0.09 5.38
CA GLY A 277 -30.80 -1.29 5.02
C GLY A 277 -31.31 -1.85 3.72
N ILE A 278 -30.63 -2.88 3.18
CA ILE A 278 -31.00 -3.46 1.88
C ILE A 278 -31.08 -4.97 1.95
N MET A 279 -31.94 -5.57 1.09
CA MET A 279 -32.00 -6.99 0.88
C MET A 279 -31.76 -7.23 -0.62
N ILE A 280 -30.76 -8.06 -0.93
CA ILE A 280 -30.45 -8.45 -2.31
C ILE A 280 -31.35 -9.66 -2.58
N ALA A 281 -32.52 -9.39 -3.17
CA ALA A 281 -33.53 -10.40 -3.48
C ALA A 281 -33.13 -11.07 -4.83
N ARG A 282 -32.08 -11.90 -4.79
CA ARG A 282 -31.46 -12.56 -5.94
C ARG A 282 -32.39 -13.46 -6.75
N GLY A 283 -33.43 -14.02 -6.11
CA GLY A 283 -34.39 -14.91 -6.77
C GLY A 283 -35.11 -14.24 -7.92
N ASP A 284 -35.87 -13.18 -7.63
CA ASP A 284 -36.55 -12.37 -8.61
C ASP A 284 -35.58 -11.58 -9.50
N LEU A 285 -34.46 -11.11 -8.92
CA LEU A 285 -33.42 -10.38 -9.66
C LEU A 285 -32.78 -11.25 -10.77
N GLY A 286 -32.47 -12.51 -10.45
CA GLY A 286 -31.92 -13.51 -11.36
C GLY A 286 -32.92 -13.98 -12.40
N MET A 287 -34.23 -13.59 -12.28
CA MET A 287 -35.28 -13.87 -13.28
C MET A 287 -35.38 -12.68 -14.25
N GLU A 288 -35.20 -11.45 -13.73
CA GLU A 288 -35.19 -10.17 -14.48
C GLU A 288 -33.91 -10.03 -15.28
N ILE A 289 -32.73 -10.16 -14.65
CA ILE A 289 -31.45 -10.06 -15.34
C ILE A 289 -30.83 -11.46 -15.59
N SER A 290 -29.81 -11.53 -16.46
CA SER A 290 -29.12 -12.78 -16.79
C SER A 290 -28.49 -13.36 -15.53
N PRO A 291 -28.68 -14.67 -15.24
CA PRO A 291 -28.08 -15.25 -14.01
C PRO A 291 -26.64 -14.82 -13.74
N GLU A 292 -25.77 -14.80 -14.78
CA GLU A 292 -24.35 -14.39 -14.65
C GLU A 292 -24.14 -12.92 -14.19
N LYS A 293 -25.16 -12.02 -14.35
CA LYS A 293 -25.07 -10.60 -13.92
C LYS A 293 -25.31 -10.37 -12.44
N VAL A 294 -25.96 -11.31 -11.76
CA VAL A 294 -26.37 -11.21 -10.35
C VAL A 294 -25.19 -11.16 -9.38
N PHE A 295 -24.10 -11.94 -9.63
CA PHE A 295 -22.93 -11.90 -8.72
C PHE A 295 -22.28 -10.50 -8.74
N LEU A 296 -22.34 -9.79 -9.89
CA LEU A 296 -21.82 -8.44 -10.06
C LEU A 296 -22.65 -7.51 -9.20
N ALA A 297 -23.99 -7.59 -9.36
CA ALA A 297 -24.96 -6.78 -8.60
C ALA A 297 -24.83 -7.02 -7.09
N GLN A 298 -24.67 -8.31 -6.66
CA GLN A 298 -24.44 -8.65 -5.26
C GLN A 298 -23.21 -7.95 -4.67
N LYS A 299 -22.03 -8.16 -5.30
CA LYS A 299 -20.75 -7.59 -4.88
C LYS A 299 -20.78 -6.09 -4.84
N LEU A 300 -21.37 -5.45 -5.86
CA LEU A 300 -21.50 -3.99 -5.91
C LEU A 300 -22.32 -3.44 -4.74
N MET A 301 -23.52 -3.96 -4.53
CA MET A 301 -24.42 -3.53 -3.47
C MET A 301 -23.86 -3.72 -2.05
N ILE A 302 -23.11 -4.82 -1.81
CA ILE A 302 -22.48 -5.07 -0.51
C ILE A 302 -21.39 -4.03 -0.24
N SER A 303 -20.54 -3.79 -1.26
CA SER A 303 -19.46 -2.80 -1.25
C SER A 303 -19.98 -1.41 -0.82
N LYS A 304 -21.06 -0.94 -1.47
CA LYS A 304 -21.72 0.34 -1.25
C LYS A 304 -22.33 0.47 0.12
N CYS A 305 -23.01 -0.61 0.60
CA CYS A 305 -23.64 -0.65 1.91
C CYS A 305 -22.57 -0.58 2.98
N ASN A 306 -21.50 -1.40 2.86
CA ASN A 306 -20.38 -1.43 3.81
C ASN A 306 -19.80 -0.03 3.96
N LEU A 307 -19.59 0.67 2.83
CA LEU A 307 -19.09 2.03 2.78
C LEU A 307 -20.03 3.04 3.48
N GLN A 308 -21.36 2.87 3.36
CA GLN A 308 -22.31 3.78 4.00
C GLN A 308 -22.64 3.38 5.42
N GLY A 309 -22.19 2.21 5.84
CA GLY A 309 -22.49 1.67 7.16
C GLY A 309 -23.94 1.23 7.27
N LYS A 310 -24.60 0.91 6.14
CA LYS A 310 -25.98 0.42 6.12
C LYS A 310 -25.98 -1.12 6.06
N PRO A 311 -26.83 -1.77 6.88
CA PRO A 311 -26.85 -3.26 6.89
C PRO A 311 -27.39 -3.83 5.59
N ILE A 312 -26.88 -5.02 5.18
CA ILE A 312 -27.30 -5.67 3.94
C ILE A 312 -27.57 -7.17 4.17
N ILE A 313 -28.70 -7.67 3.61
CA ILE A 313 -29.09 -9.08 3.67
C ILE A 313 -28.90 -9.68 2.27
N THR A 314 -28.03 -10.71 2.16
CA THR A 314 -27.81 -11.49 0.93
C THR A 314 -28.87 -12.59 1.02
N ALA A 315 -29.74 -12.66 0.01
CA ALA A 315 -30.85 -13.58 0.07
C ALA A 315 -30.99 -14.46 -1.17
N THR A 316 -31.71 -15.58 -1.00
CA THR A 316 -32.27 -16.56 -1.96
C THR A 316 -31.30 -17.52 -2.60
N GLN A 317 -31.66 -18.82 -2.51
CA GLN A 317 -30.95 -19.99 -3.09
C GLN A 317 -29.55 -20.15 -2.53
N MET A 318 -29.37 -19.83 -1.26
CA MET A 318 -28.08 -19.93 -0.59
C MET A 318 -27.76 -21.36 -0.27
N LEU A 319 -28.77 -22.14 0.16
CA LEU A 319 -28.62 -23.55 0.52
C LEU A 319 -29.82 -24.30 -0.08
N GLU A 320 -30.15 -24.00 -1.34
CA GLU A 320 -31.33 -24.49 -2.06
C GLU A 320 -31.55 -26.00 -1.99
N SER A 321 -30.49 -26.79 -2.22
CA SER A 321 -30.55 -28.25 -2.20
C SER A 321 -30.99 -28.80 -0.83
N MET A 322 -30.81 -28.00 0.25
CA MET A 322 -31.19 -28.38 1.62
C MET A 322 -32.71 -28.49 1.84
N THR A 323 -33.55 -28.10 0.83
CA THR A 323 -35.01 -28.31 0.91
C THR A 323 -35.32 -29.85 0.85
N LYS A 324 -34.41 -30.64 0.24
CA LYS A 324 -34.54 -32.10 0.06
C LYS A 324 -33.40 -32.90 0.72
N ASN A 325 -32.24 -32.27 0.93
CA ASN A 325 -31.06 -32.98 1.46
C ASN A 325 -30.61 -32.47 2.81
N PRO A 326 -30.09 -33.34 3.69
CA PRO A 326 -29.59 -32.86 4.99
C PRO A 326 -28.20 -32.21 4.86
N ARG A 327 -27.61 -32.17 3.64
CA ARG A 327 -26.29 -31.60 3.38
C ARG A 327 -26.38 -30.67 2.21
N PRO A 328 -25.58 -29.58 2.16
CA PRO A 328 -25.63 -28.69 0.97
C PRO A 328 -24.60 -29.08 -0.09
N THR A 329 -24.76 -28.55 -1.32
CA THR A 329 -23.79 -28.79 -2.39
C THR A 329 -22.55 -27.90 -2.17
N ARG A 330 -21.49 -28.15 -2.95
CA ARG A 330 -20.22 -27.43 -2.87
C ARG A 330 -20.37 -25.95 -3.15
N ALA A 331 -21.16 -25.59 -4.18
CA ALA A 331 -21.48 -24.21 -4.57
C ALA A 331 -22.23 -23.44 -3.49
N GLU A 332 -23.09 -24.14 -2.76
CA GLU A 332 -23.91 -23.58 -1.68
C GLU A 332 -23.05 -23.15 -0.51
N VAL A 333 -22.04 -23.98 -0.15
CA VAL A 333 -21.09 -23.64 0.91
C VAL A 333 -20.29 -22.39 0.51
N THR A 334 -19.67 -22.37 -0.68
CA THR A 334 -18.90 -21.21 -1.14
C THR A 334 -19.76 -19.93 -1.24
N ASP A 335 -21.03 -20.04 -1.68
CA ASP A 335 -21.94 -18.91 -1.76
C ASP A 335 -22.12 -18.21 -0.40
N VAL A 336 -22.37 -18.98 0.66
CA VAL A 336 -22.49 -18.44 2.01
C VAL A 336 -21.17 -17.84 2.49
N ALA A 337 -20.05 -18.58 2.39
CA ALA A 337 -18.72 -18.09 2.76
C ALA A 337 -18.33 -16.82 2.06
N ASN A 338 -18.48 -16.79 0.73
CA ASN A 338 -18.15 -15.62 -0.08
C ASN A 338 -19.07 -14.45 0.19
N ALA A 339 -20.35 -14.69 0.56
CA ALA A 339 -21.26 -13.56 0.93
C ALA A 339 -20.69 -12.92 2.19
N VAL A 340 -20.26 -13.72 3.17
CA VAL A 340 -19.62 -13.28 4.42
C VAL A 340 -18.35 -12.52 4.11
N LEU A 341 -17.46 -13.08 3.26
CA LEU A 341 -16.21 -12.39 2.92
C LEU A 341 -16.43 -11.11 2.09
N ASP A 342 -17.53 -11.02 1.31
CA ASP A 342 -17.86 -9.81 0.54
C ASP A 342 -18.22 -8.67 1.49
N GLY A 343 -18.78 -9.02 2.66
CA GLY A 343 -19.13 -8.06 3.70
C GLY A 343 -20.60 -8.01 4.06
N THR A 344 -21.35 -9.07 3.73
CA THR A 344 -22.77 -9.10 4.09
C THR A 344 -22.97 -9.07 5.63
N ASP A 345 -24.02 -8.37 6.11
CA ASP A 345 -24.34 -8.34 7.53
C ASP A 345 -25.13 -9.60 7.86
N CYS A 346 -26.12 -9.92 6.98
CA CYS A 346 -26.99 -11.08 7.11
C CYS A 346 -26.95 -11.94 5.88
N VAL A 347 -27.28 -13.22 6.09
CA VAL A 347 -27.50 -14.21 5.04
C VAL A 347 -28.95 -14.66 5.28
N MET A 348 -29.63 -15.22 4.29
CA MET A 348 -31.03 -15.57 4.48
C MET A 348 -31.41 -16.97 4.00
N LEU A 349 -32.36 -17.60 4.71
CA LEU A 349 -32.91 -18.89 4.38
C LEU A 349 -34.36 -18.69 4.05
N SER A 350 -34.76 -19.16 2.89
CA SER A 350 -36.12 -18.99 2.37
C SER A 350 -36.92 -20.27 2.47
N GLY A 351 -37.04 -21.00 1.38
CA GLY A 351 -37.74 -22.28 1.33
C GLY A 351 -37.06 -23.33 2.19
N GLU A 352 -35.73 -23.18 2.41
CA GLU A 352 -34.92 -24.11 3.24
C GLU A 352 -35.47 -24.22 4.67
N THR A 353 -36.05 -23.12 5.19
CA THR A 353 -36.68 -23.14 6.52
C THR A 353 -38.18 -23.21 6.44
N ALA A 354 -38.80 -22.46 5.52
CA ALA A 354 -40.25 -22.35 5.42
C ALA A 354 -40.99 -23.63 4.98
N GLY A 355 -40.45 -24.35 3.99
CA GLY A 355 -41.09 -25.56 3.47
C GLY A 355 -40.24 -26.80 3.29
N GLY A 356 -38.94 -26.67 3.50
CA GLY A 356 -38.00 -27.78 3.33
C GLY A 356 -38.07 -28.86 4.36
N LYS A 357 -37.35 -29.95 4.09
CA LYS A 357 -37.32 -31.13 4.94
C LYS A 357 -36.32 -31.03 6.10
N PHE A 358 -35.33 -30.14 6.01
CA PHE A 358 -34.25 -30.03 7.01
C PHE A 358 -34.01 -28.57 7.48
N PRO A 359 -35.03 -27.85 8.04
CA PRO A 359 -34.82 -26.44 8.40
C PRO A 359 -33.69 -26.19 9.39
N VAL A 360 -33.61 -27.01 10.43
CA VAL A 360 -32.62 -26.94 11.50
C VAL A 360 -31.21 -27.22 10.96
N GLU A 361 -31.05 -28.28 10.14
CA GLU A 361 -29.72 -28.60 9.64
C GLU A 361 -29.25 -27.53 8.65
N ALA A 362 -30.20 -26.82 8.00
CA ALA A 362 -29.89 -25.69 7.09
C ALA A 362 -29.36 -24.52 7.91
N VAL A 363 -30.04 -24.15 9.02
CA VAL A 363 -29.61 -23.04 9.90
C VAL A 363 -28.26 -23.38 10.57
N THR A 364 -28.09 -24.65 10.96
CA THR A 364 -26.86 -25.13 11.58
C THR A 364 -25.65 -24.98 10.67
N ILE A 365 -25.71 -25.51 9.43
CA ILE A 365 -24.53 -25.45 8.57
C ILE A 365 -24.26 -24.01 8.13
N MET A 366 -25.32 -23.19 7.95
CA MET A 366 -25.12 -21.77 7.64
C MET A 366 -24.29 -21.08 8.72
N SER A 367 -24.56 -21.34 10.00
CA SER A 367 -23.81 -20.79 11.12
C SER A 367 -22.36 -21.28 11.09
N LYS A 368 -22.14 -22.58 10.82
CA LYS A 368 -20.83 -23.18 10.70
C LYS A 368 -20.02 -22.57 9.57
N ILE A 369 -20.65 -22.34 8.40
CA ILE A 369 -20.00 -21.65 7.26
C ILE A 369 -19.62 -20.20 7.66
N CYS A 370 -20.54 -19.47 8.35
CA CYS A 370 -20.27 -18.10 8.84
C CYS A 370 -19.10 -18.08 9.83
N LEU A 371 -19.09 -19.01 10.80
CA LEU A 371 -18.00 -19.13 11.76
C LEU A 371 -16.65 -19.37 11.07
N GLU A 372 -16.60 -20.26 10.06
CA GLU A 372 -15.37 -20.52 9.30
C GLU A 372 -14.85 -19.31 8.52
N ALA A 373 -15.75 -18.67 7.75
CA ALA A 373 -15.46 -17.50 6.93
C ALA A 373 -14.98 -16.32 7.80
N GLU A 374 -15.69 -16.02 8.92
CA GLU A 374 -15.31 -14.95 9.85
C GLU A 374 -13.95 -15.20 10.49
N ALA A 375 -13.62 -16.47 10.72
CA ALA A 375 -12.38 -16.87 11.37
C ALA A 375 -11.15 -16.63 10.50
N CYS A 376 -11.31 -16.51 9.19
CA CYS A 376 -10.14 -16.26 8.38
C CYS A 376 -10.06 -14.83 7.81
N ILE A 377 -11.03 -13.95 8.17
CA ILE A 377 -11.02 -12.53 7.82
C ILE A 377 -9.79 -11.88 8.47
N ASP A 378 -9.13 -10.95 7.74
CA ASP A 378 -8.00 -10.18 8.27
C ASP A 378 -8.58 -8.83 8.78
N TYR A 379 -8.92 -8.78 10.07
CA TYR A 379 -9.57 -7.63 10.68
C TYR A 379 -8.74 -6.35 10.75
N LYS A 380 -7.41 -6.47 10.98
CA LYS A 380 -6.49 -5.33 10.99
C LYS A 380 -6.57 -4.65 9.60
N LEU A 381 -6.49 -5.45 8.52
CA LEU A 381 -6.59 -4.97 7.14
C LEU A 381 -7.97 -4.44 6.81
N LEU A 382 -9.03 -5.15 7.22
CA LEU A 382 -10.42 -4.78 6.99
C LEU A 382 -10.71 -3.39 7.52
N TYR A 383 -10.25 -3.07 8.74
CA TYR A 383 -10.40 -1.77 9.38
C TYR A 383 -9.64 -0.69 8.61
N GLN A 384 -8.41 -0.99 8.15
CA GLN A 384 -7.59 -0.06 7.38
C GLN A 384 -8.26 0.31 6.05
N SER A 385 -8.85 -0.69 5.38
CA SER A 385 -9.51 -0.47 4.10
C SER A 385 -10.80 0.36 4.23
N LEU A 386 -11.50 0.29 5.41
CA LEU A 386 -12.71 1.06 5.68
C LEU A 386 -12.35 2.51 5.98
N VAL A 387 -11.43 2.72 6.91
CA VAL A 387 -10.93 4.03 7.31
C VAL A 387 -10.36 4.81 6.09
N ASN A 388 -9.74 4.09 5.11
CA ASN A 388 -9.19 4.72 3.90
C ASN A 388 -10.31 5.20 2.95
N ALA A 389 -11.41 4.44 2.85
CA ALA A 389 -12.55 4.79 2.00
C ALA A 389 -13.43 5.92 2.58
N ILE A 390 -13.57 6.01 3.92
CA ILE A 390 -14.43 7.01 4.57
C ILE A 390 -13.69 8.34 4.77
N GLU A 391 -14.23 9.40 4.11
CA GLU A 391 -13.74 10.79 4.14
C GLU A 391 -13.81 11.45 5.53
N THR A 392 -12.63 11.88 6.05
CA THR A 392 -12.51 12.58 7.34
C THR A 392 -12.30 14.11 7.09
N PRO A 393 -12.71 15.04 8.00
CA PRO A 393 -13.31 14.83 9.33
C PRO A 393 -14.63 14.07 9.35
N ILE A 394 -14.83 13.37 10.47
CA ILE A 394 -16.04 12.59 10.78
C ILE A 394 -16.59 13.14 12.11
N SER A 395 -17.81 12.75 12.47
CA SER A 395 -18.41 13.23 13.71
C SER A 395 -17.67 12.66 14.93
N VAL A 396 -17.84 13.31 16.09
CA VAL A 396 -17.24 12.88 17.34
C VAL A 396 -17.68 11.44 17.70
N GLN A 397 -18.99 11.14 17.51
N GLN A 397 -18.97 11.14 17.49
CA GLN A 397 -19.59 9.85 17.77
CA GLN A 397 -19.61 9.86 17.76
C GLN A 397 -18.98 8.77 16.88
C GLN A 397 -19.01 8.76 16.88
N GLU A 398 -18.76 9.06 15.59
CA GLU A 398 -18.17 8.10 14.67
C GLU A 398 -16.72 7.81 15.03
N ALA A 399 -15.94 8.87 15.40
CA ALA A 399 -14.53 8.75 15.77
C ALA A 399 -14.34 7.91 17.02
N VAL A 400 -15.16 8.15 18.05
CA VAL A 400 -15.11 7.38 19.29
C VAL A 400 -15.48 5.92 18.98
N ALA A 401 -16.51 5.68 18.12
CA ALA A 401 -16.94 4.34 17.70
C ALA A 401 -15.84 3.56 16.97
N ARG A 402 -15.10 4.24 16.14
CA ARG A 402 -13.97 3.78 15.35
C ARG A 402 -12.79 3.49 16.26
N SER A 403 -12.52 4.41 17.22
CA SER A 403 -11.46 4.32 18.24
C SER A 403 -11.63 3.04 19.04
N ALA A 404 -12.88 2.72 19.38
CA ALA A 404 -13.27 1.52 20.11
C ALA A 404 -12.84 0.26 19.35
N VAL A 405 -13.09 0.21 18.03
CA VAL A 405 -12.73 -0.92 17.15
C VAL A 405 -11.19 -1.08 17.04
N GLU A 406 -10.46 0.01 16.79
CA GLU A 406 -9.01 -0.05 16.73
C GLU A 406 -8.40 -0.50 18.09
N THR A 407 -8.92 0.03 19.23
CA THR A 407 -8.40 -0.30 20.55
C THR A 407 -8.63 -1.76 20.89
N ALA A 408 -9.84 -2.25 20.61
CA ALA A 408 -10.26 -3.62 20.81
C ALA A 408 -9.31 -4.56 20.08
N GLU A 409 -8.98 -4.23 18.81
CA GLU A 409 -8.10 -5.03 17.99
C GLU A 409 -6.64 -5.02 18.48
N SER A 410 -6.13 -3.84 18.93
CA SER A 410 -4.77 -3.66 19.43
C SER A 410 -4.49 -4.44 20.71
N ILE A 411 -5.51 -4.59 21.59
CA ILE A 411 -5.35 -5.21 22.91
C ILE A 411 -6.01 -6.59 23.03
N GLN A 412 -6.64 -7.05 21.91
CA GLN A 412 -7.32 -8.34 21.79
C GLN A 412 -8.46 -8.51 22.84
N ALA A 413 -9.23 -7.43 23.02
CA ALA A 413 -10.42 -7.31 23.86
C ALA A 413 -11.46 -8.27 23.38
N SER A 414 -12.25 -8.81 24.31
CA SER A 414 -13.31 -9.77 24.07
C SER A 414 -14.61 -9.16 23.59
N LEU A 415 -14.88 -7.89 23.98
CA LEU A 415 -16.15 -7.21 23.71
C LEU A 415 -16.05 -5.71 23.64
N ILE A 416 -17.01 -5.10 22.92
CA ILE A 416 -17.23 -3.67 22.88
C ILE A 416 -18.64 -3.52 23.41
N ILE A 417 -18.76 -2.90 24.57
CA ILE A 417 -20.04 -2.65 25.22
C ILE A 417 -20.45 -1.24 24.87
N ALA A 418 -21.58 -1.09 24.19
CA ALA A 418 -22.10 0.21 23.80
C ALA A 418 -23.43 0.47 24.49
N LEU A 419 -23.52 1.59 25.20
CA LEU A 419 -24.77 1.99 25.83
C LEU A 419 -25.45 2.93 24.86
N THR A 420 -26.60 2.50 24.32
CA THR A 420 -27.34 3.26 23.31
C THR A 420 -28.87 3.12 23.42
N GLU A 421 -29.60 4.25 23.37
CA GLU A 421 -31.05 4.25 23.40
C GLU A 421 -31.63 4.01 21.97
N THR A 422 -31.04 4.66 20.97
CA THR A 422 -31.53 4.52 19.60
C THR A 422 -30.80 3.42 18.83
N GLY A 423 -29.67 2.97 19.36
CA GLY A 423 -28.84 1.96 18.72
C GLY A 423 -27.80 2.59 17.81
N TYR A 424 -27.81 3.92 17.72
CA TYR A 424 -26.92 4.70 16.87
C TYR A 424 -25.46 4.37 17.08
N THR A 425 -24.97 4.36 18.32
CA THR A 425 -23.59 4.05 18.70
C THR A 425 -23.20 2.64 18.20
N ALA A 426 -24.12 1.66 18.39
CA ALA A 426 -23.92 0.27 17.98
C ALA A 426 -23.80 0.15 16.46
N ARG A 427 -24.62 0.90 15.71
CA ARG A 427 -24.56 0.91 14.25
C ARG A 427 -23.25 1.51 13.76
N LEU A 428 -22.72 2.54 14.48
CA LEU A 428 -21.45 3.16 14.15
C LEU A 428 -20.28 2.22 14.42
N ILE A 429 -20.29 1.50 15.57
CA ILE A 429 -19.24 0.50 15.87
C ILE A 429 -19.31 -0.62 14.81
N ALA A 430 -20.52 -1.16 14.50
CA ALA A 430 -20.73 -2.22 13.51
C ALA A 430 -20.16 -1.94 12.10
N LYS A 431 -20.14 -0.66 11.71
CA LYS A 431 -19.64 -0.14 10.44
C LYS A 431 -18.13 -0.42 10.30
N TYR A 432 -17.43 -0.49 11.43
CA TYR A 432 -15.99 -0.67 11.40
C TYR A 432 -15.59 -2.15 11.59
N LYS A 433 -16.63 -3.03 11.50
CA LYS A 433 -16.56 -4.49 11.54
C LYS A 433 -15.49 -5.03 12.50
N PRO A 434 -15.64 -4.84 13.84
CA PRO A 434 -14.62 -5.36 14.77
C PRO A 434 -14.55 -6.89 14.86
N SER A 435 -13.37 -7.39 15.26
CA SER A 435 -13.11 -8.84 15.38
C SER A 435 -13.88 -9.47 16.55
N CYS A 436 -14.27 -8.63 17.52
CA CYS A 436 -14.98 -9.07 18.73
C CYS A 436 -16.45 -8.72 18.66
N THR A 437 -17.27 -9.33 19.55
CA THR A 437 -18.71 -9.07 19.61
C THR A 437 -19.00 -7.67 20.17
N ILE A 438 -20.03 -7.02 19.63
CA ILE A 438 -20.53 -5.72 20.10
C ILE A 438 -21.73 -6.05 21.00
N LEU A 439 -21.68 -5.60 22.25
CA LEU A 439 -22.74 -5.78 23.22
C LEU A 439 -23.50 -4.48 23.35
N ALA A 440 -24.56 -4.35 22.57
CA ALA A 440 -25.44 -3.19 22.58
C ALA A 440 -26.39 -3.32 23.76
N LEU A 441 -26.39 -2.33 24.66
CA LEU A 441 -27.19 -2.31 25.87
C LEU A 441 -28.20 -1.17 25.74
N SER A 442 -29.48 -1.53 25.70
CA SER A 442 -30.55 -0.54 25.54
C SER A 442 -31.75 -0.82 26.38
N ALA A 443 -32.48 0.25 26.73
CA ALA A 443 -33.72 0.16 27.48
C ALA A 443 -34.95 0.28 26.57
N SER A 444 -34.75 0.22 25.24
CA SER A 444 -35.79 0.27 24.21
C SER A 444 -35.96 -1.11 23.57
N ASP A 445 -37.22 -1.56 23.45
N ASP A 445 -37.23 -1.58 23.47
CA ASP A 445 -37.59 -2.85 22.88
CA ASP A 445 -37.54 -2.90 22.87
C ASP A 445 -37.42 -2.90 21.38
C ASP A 445 -37.35 -2.90 21.37
N SER A 446 -37.66 -1.76 20.69
CA SER A 446 -37.49 -1.63 19.22
C SER A 446 -36.01 -1.70 18.88
N THR A 447 -35.16 -0.97 19.60
CA THR A 447 -33.71 -0.92 19.44
C THR A 447 -33.02 -2.31 19.55
N VAL A 448 -33.28 -3.04 20.65
CA VAL A 448 -32.71 -4.33 20.97
C VAL A 448 -33.08 -5.44 19.90
N LYS A 449 -34.14 -5.21 19.11
CA LYS A 449 -34.60 -6.12 18.08
C LYS A 449 -34.23 -5.61 16.68
N CYS A 450 -34.12 -4.28 16.50
CA CYS A 450 -33.74 -3.64 15.22
C CYS A 450 -32.25 -3.80 14.91
N LEU A 451 -31.41 -3.81 15.95
CA LEU A 451 -29.95 -3.96 15.84
C LEU A 451 -29.49 -5.32 15.34
N ASN A 452 -30.40 -6.31 15.31
CA ASN A 452 -30.16 -7.68 14.83
C ASN A 452 -29.73 -7.75 13.34
N VAL A 453 -30.03 -6.70 12.55
CA VAL A 453 -29.70 -6.70 11.13
C VAL A 453 -28.22 -6.28 10.88
N HIS A 454 -27.57 -5.73 11.92
CA HIS A 454 -26.19 -5.28 11.89
C HIS A 454 -25.28 -6.39 12.30
N ARG A 455 -24.25 -6.64 11.49
CA ARG A 455 -23.24 -7.67 11.73
C ARG A 455 -22.53 -7.52 13.10
N GLY A 456 -22.47 -8.62 13.84
CA GLY A 456 -21.79 -8.73 15.11
C GLY A 456 -22.38 -7.98 16.28
N VAL A 457 -23.62 -7.50 16.16
CA VAL A 457 -24.25 -6.81 17.27
C VAL A 457 -25.16 -7.76 18.04
N THR A 458 -24.86 -7.97 19.33
CA THR A 458 -25.65 -8.77 20.29
C THR A 458 -26.28 -7.80 21.31
N CYS A 459 -27.57 -8.02 21.59
CA CYS A 459 -28.30 -7.11 22.47
C CYS A 459 -28.69 -7.66 23.80
N ILE A 460 -28.71 -6.76 24.79
CA ILE A 460 -29.20 -6.97 26.15
C ILE A 460 -30.15 -5.81 26.45
N LYS A 461 -31.39 -6.15 26.82
CA LYS A 461 -32.41 -5.18 27.19
C LYS A 461 -32.21 -4.90 28.68
N VAL A 462 -31.93 -3.63 29.00
CA VAL A 462 -31.68 -3.13 30.35
C VAL A 462 -32.86 -2.26 30.83
N GLY A 463 -32.84 -1.85 32.11
CA GLY A 463 -33.85 -0.99 32.73
C GLY A 463 -33.73 0.46 32.31
N SER A 464 -34.88 1.11 32.01
CA SER A 464 -35.06 2.48 31.48
C SER A 464 -34.20 3.58 32.15
N PHE A 465 -34.17 3.62 33.49
CA PHE A 465 -33.32 4.61 34.16
C PHE A 465 -32.41 3.91 35.18
N GLN A 466 -31.35 3.26 34.64
CA GLN A 466 -30.35 2.52 35.42
C GLN A 466 -28.97 3.13 35.23
N GLY A 467 -28.13 3.01 36.26
CA GLY A 467 -26.77 3.54 36.30
C GLY A 467 -25.84 2.96 35.25
N THR A 468 -25.00 3.84 34.66
CA THR A 468 -24.03 3.49 33.61
C THR A 468 -23.13 2.32 34.04
N ASP A 469 -22.52 2.41 35.24
CA ASP A 469 -21.60 1.38 35.70
C ASP A 469 -22.29 0.09 36.15
N ILE A 470 -23.51 0.18 36.75
CA ILE A 470 -24.22 -1.03 37.17
C ILE A 470 -24.69 -1.79 35.91
N VAL A 471 -25.18 -1.04 34.91
CA VAL A 471 -25.63 -1.61 33.63
C VAL A 471 -24.44 -2.31 32.90
N ILE A 472 -23.21 -1.72 32.95
CA ILE A 472 -21.98 -2.29 32.39
C ILE A 472 -21.56 -3.55 33.15
N ARG A 473 -21.66 -3.56 34.51
CA ARG A 473 -21.31 -4.77 35.27
C ARG A 473 -22.29 -5.89 35.02
N ASN A 474 -23.61 -5.56 34.94
CA ASN A 474 -24.64 -6.56 34.68
C ASN A 474 -24.46 -7.20 33.30
N ALA A 475 -23.90 -6.43 32.34
CA ALA A 475 -23.58 -6.86 30.98
C ALA A 475 -22.37 -7.77 30.99
N ILE A 476 -21.34 -7.41 31.79
CA ILE A 476 -20.12 -8.20 31.98
C ILE A 476 -20.48 -9.55 32.63
N GLU A 477 -21.41 -9.51 33.61
CA GLU A 477 -21.92 -10.68 34.32
C GLU A 477 -22.69 -11.59 33.37
N ILE A 478 -23.50 -11.02 32.44
CA ILE A 478 -24.23 -11.78 31.43
C ILE A 478 -23.24 -12.33 30.41
N ALA A 479 -22.16 -11.57 30.09
CA ALA A 479 -21.11 -11.98 29.14
C ALA A 479 -20.33 -13.18 29.66
N LYS A 480 -20.06 -13.21 31.00
CA LYS A 480 -19.40 -14.31 31.71
C LYS A 480 -20.35 -15.52 31.69
N GLN A 481 -21.65 -15.28 32.00
CA GLN A 481 -22.73 -16.27 31.98
C GLN A 481 -22.94 -16.90 30.60
N ARG A 482 -22.61 -16.16 29.52
CA ARG A 482 -22.78 -16.61 28.13
C ARG A 482 -21.49 -17.02 27.44
N ASN A 483 -20.38 -17.20 28.20
CA ASN A 483 -19.04 -17.59 27.70
C ASN A 483 -18.47 -16.63 26.64
N MET A 484 -18.93 -15.38 26.66
CA MET A 484 -18.48 -14.35 25.71
C MET A 484 -17.14 -13.76 26.17
N ALA A 485 -16.94 -13.65 27.50
CA ALA A 485 -15.73 -13.12 28.13
C ALA A 485 -15.44 -13.82 29.47
N LYS A 486 -14.15 -14.13 29.72
CA LYS A 486 -13.63 -14.77 30.93
C LYS A 486 -12.82 -13.75 31.77
N VAL A 487 -12.45 -14.09 33.02
CA VAL A 487 -11.67 -13.17 33.88
C VAL A 487 -10.27 -12.98 33.30
N GLY A 488 -9.76 -11.76 33.38
CA GLY A 488 -8.46 -11.39 32.84
C GLY A 488 -8.58 -10.59 31.56
N ASP A 489 -9.68 -10.79 30.83
CA ASP A 489 -10.00 -10.14 29.55
C ASP A 489 -10.25 -8.66 29.70
N SER A 490 -10.06 -7.94 28.61
CA SER A 490 -10.32 -6.51 28.50
C SER A 490 -11.60 -6.32 27.69
N VAL A 491 -12.39 -5.29 28.04
CA VAL A 491 -13.59 -4.90 27.32
C VAL A 491 -13.55 -3.41 27.08
N ILE A 492 -14.09 -2.98 25.97
CA ILE A 492 -14.16 -1.57 25.67
C ILE A 492 -15.58 -1.16 26.08
N ALA A 493 -15.70 -0.07 26.82
CA ALA A 493 -17.00 0.45 27.21
C ALA A 493 -17.09 1.83 26.54
N ILE A 494 -18.20 2.09 25.85
CA ILE A 494 -18.39 3.34 25.12
C ILE A 494 -19.81 3.92 25.35
N HIS A 495 -19.87 5.25 25.65
CA HIS A 495 -21.09 6.03 25.90
C HIS A 495 -20.81 7.53 25.85
N ASN A 506 -18.61 12.22 25.41
CA ASN A 506 -18.22 11.21 24.43
C ASN A 506 -16.94 10.53 24.86
N LEU A 507 -17.02 9.26 25.28
CA LEU A 507 -15.86 8.57 25.83
C LEU A 507 -15.79 7.08 25.56
N MET A 508 -14.61 6.54 25.78
CA MET A 508 -14.24 5.15 25.62
C MET A 508 -13.31 4.76 26.77
N LYS A 509 -13.60 3.63 27.42
CA LYS A 509 -12.76 3.16 28.51
C LYS A 509 -12.50 1.68 28.42
N VAL A 510 -11.36 1.24 28.92
CA VAL A 510 -10.95 -0.16 28.94
C VAL A 510 -11.09 -0.74 30.35
N VAL A 511 -12.04 -1.67 30.50
CA VAL A 511 -12.29 -2.36 31.77
C VAL A 511 -11.70 -3.78 31.74
N GLN A 512 -10.95 -4.12 32.77
CA GLN A 512 -10.43 -5.47 32.96
C GLN A 512 -11.52 -6.27 33.67
N ILE A 513 -11.87 -7.43 33.13
CA ILE A 513 -12.88 -8.33 33.67
C ILE A 513 -12.32 -9.01 34.90
N GLU A 514 -13.11 -9.03 35.98
CA GLU A 514 -12.77 -9.63 37.27
C GLU A 514 -13.98 -10.33 37.89
N GLY B 15 -0.75 -22.02 4.91
CA GLY B 15 -0.64 -20.63 5.32
C GLY B 15 -0.58 -19.65 4.17
N ALA B 16 -1.76 -19.30 3.60
CA ALA B 16 -1.87 -18.37 2.48
C ALA B 16 -2.83 -17.20 2.79
N SER B 17 -2.78 -16.14 1.94
CA SER B 17 -3.55 -14.90 1.97
C SER B 17 -4.00 -14.62 0.53
N MET B 18 -5.31 -14.19 0.25
CA MET B 18 -5.76 -14.12 -1.17
C MET B 18 -6.97 -13.18 -1.61
N GLN B 19 -7.53 -13.51 -2.85
CA GLN B 19 -8.64 -13.03 -3.74
C GLN B 19 -8.40 -11.66 -4.41
N SER B 20 -8.46 -11.66 -5.77
CA SER B 20 -8.25 -10.51 -6.63
C SER B 20 -9.35 -9.41 -6.50
N ALA B 21 -8.96 -8.15 -6.82
CA ALA B 21 -9.80 -6.96 -6.73
C ALA B 21 -10.75 -6.82 -7.92
N ALA B 22 -12.08 -6.76 -7.63
CA ALA B 22 -13.16 -6.60 -8.61
C ALA B 22 -13.55 -5.13 -8.79
N ASN B 23 -13.72 -4.69 -10.06
CA ASN B 23 -14.16 -3.36 -10.44
C ASN B 23 -15.48 -3.56 -11.17
N ILE B 24 -16.55 -3.22 -10.50
CA ILE B 24 -17.91 -3.47 -11.00
C ILE B 24 -18.62 -2.16 -11.28
N THR B 25 -19.10 -1.99 -12.49
CA THR B 25 -19.84 -0.78 -12.85
C THR B 25 -21.27 -1.19 -13.21
N LEU B 26 -22.21 -0.23 -13.21
CA LEU B 26 -23.61 -0.46 -13.61
C LEU B 26 -23.66 -0.95 -15.06
N ARG B 27 -22.69 -0.47 -15.86
CA ARG B 27 -22.48 -0.78 -17.27
C ARG B 27 -22.38 -2.30 -17.44
N GLN B 28 -21.48 -2.94 -16.67
N GLN B 28 -21.49 -2.95 -16.67
CA GLN B 28 -21.24 -4.38 -16.67
CA GLN B 28 -21.28 -4.40 -16.74
C GLN B 28 -22.48 -5.19 -16.29
C GLN B 28 -22.52 -5.19 -16.31
N ILE B 29 -23.28 -4.70 -15.31
CA ILE B 29 -24.49 -5.36 -14.81
C ILE B 29 -25.62 -5.32 -15.83
N LEU B 30 -25.86 -4.15 -16.39
CA LEU B 30 -26.98 -3.87 -17.30
C LEU B 30 -26.72 -4.11 -18.79
N GLU B 31 -25.50 -3.96 -19.25
CA GLU B 31 -25.20 -4.10 -20.67
C GLU B 31 -24.90 -5.53 -21.11
N PRO B 32 -25.52 -6.04 -22.20
CA PRO B 32 -25.20 -7.42 -22.65
C PRO B 32 -23.77 -7.53 -23.16
N ASN B 33 -23.09 -8.60 -22.74
CA ASN B 33 -21.74 -8.98 -23.16
C ASN B 33 -21.94 -9.81 -24.45
N ASN B 34 -21.56 -9.28 -25.61
CA ASN B 34 -21.83 -10.04 -26.84
C ASN B 34 -20.58 -10.72 -27.46
N VAL B 35 -19.46 -10.75 -26.71
CA VAL B 35 -18.21 -11.38 -27.11
C VAL B 35 -18.32 -12.94 -27.22
N ASN B 36 -17.42 -13.56 -28.01
CA ASN B 36 -17.34 -14.99 -28.28
C ASN B 36 -17.04 -15.77 -27.01
N LEU B 37 -17.74 -16.91 -26.82
CA LEU B 37 -17.56 -17.78 -25.65
C LEU B 37 -16.19 -18.41 -25.56
N ARG B 38 -15.49 -18.51 -26.69
CA ARG B 38 -14.14 -19.10 -26.72
C ARG B 38 -13.01 -18.08 -26.42
N SER B 39 -13.37 -16.78 -26.29
CA SER B 39 -12.46 -15.68 -25.98
C SER B 39 -12.10 -15.56 -24.48
N LYS B 40 -12.80 -16.30 -23.61
CA LYS B 40 -12.56 -16.32 -22.14
C LYS B 40 -11.14 -16.84 -21.78
N LYS B 41 -10.64 -16.47 -20.59
CA LYS B 41 -9.30 -16.89 -20.12
C LYS B 41 -9.41 -18.16 -19.33
N THR B 42 -10.50 -18.32 -18.56
CA THR B 42 -10.73 -19.51 -17.74
C THR B 42 -11.13 -20.62 -18.69
N HIS B 43 -10.41 -21.75 -18.58
CA HIS B 43 -10.69 -22.88 -19.42
C HIS B 43 -11.69 -23.80 -18.76
N ILE B 44 -12.41 -24.63 -19.55
CA ILE B 44 -13.47 -25.51 -19.02
C ILE B 44 -13.16 -26.97 -19.30
N VAL B 45 -13.24 -27.79 -18.26
CA VAL B 45 -13.09 -29.24 -18.34
C VAL B 45 -14.50 -29.83 -18.35
N CYS B 46 -14.91 -30.50 -19.44
CA CYS B 46 -16.22 -31.15 -19.46
C CYS B 46 -16.01 -32.64 -19.28
N THR B 47 -16.83 -33.30 -18.44
CA THR B 47 -16.79 -34.75 -18.27
C THR B 47 -17.74 -35.32 -19.33
N LEU B 48 -17.19 -36.18 -20.17
CA LEU B 48 -17.99 -36.78 -21.24
C LEU B 48 -18.69 -38.06 -20.81
N GLY B 49 -19.88 -38.25 -21.36
CA GLY B 49 -20.74 -39.37 -21.04
C GLY B 49 -21.90 -39.45 -22.00
N PRO B 50 -22.90 -40.30 -21.65
CA PRO B 50 -24.06 -40.52 -22.53
C PRO B 50 -24.80 -39.27 -23.04
N ALA B 51 -24.80 -38.19 -22.25
CA ALA B 51 -25.49 -36.94 -22.58
C ALA B 51 -24.85 -36.15 -23.70
N CYS B 52 -23.57 -36.40 -23.96
CA CYS B 52 -22.82 -35.73 -25.01
C CYS B 52 -21.99 -36.72 -25.82
N LYS B 53 -22.54 -37.89 -26.09
CA LYS B 53 -21.81 -38.93 -26.82
C LYS B 53 -21.68 -38.65 -28.33
N SER B 54 -22.67 -37.93 -28.93
CA SER B 54 -22.71 -37.63 -30.36
C SER B 54 -21.76 -36.52 -30.79
N VAL B 55 -21.30 -36.55 -32.06
CA VAL B 55 -20.40 -35.55 -32.67
C VAL B 55 -21.11 -34.17 -32.70
N GLU B 56 -22.42 -34.14 -33.04
CA GLU B 56 -23.26 -32.95 -33.11
C GLU B 56 -23.22 -32.19 -31.78
N THR B 57 -23.42 -32.92 -30.66
CA THR B 57 -23.39 -32.37 -29.31
C THR B 57 -21.98 -31.97 -28.92
N LEU B 58 -20.98 -32.82 -29.26
CA LEU B 58 -19.57 -32.50 -28.97
C LEU B 58 -19.12 -31.23 -29.68
N VAL B 59 -19.66 -30.96 -30.89
CA VAL B 59 -19.40 -29.72 -31.63
C VAL B 59 -20.06 -28.52 -30.89
N LYS B 60 -21.28 -28.71 -30.34
CA LYS B 60 -21.99 -27.66 -29.60
C LYS B 60 -21.28 -27.28 -28.32
N LEU B 61 -20.60 -28.25 -27.67
CA LEU B 61 -19.84 -28.03 -26.44
C LEU B 61 -18.57 -27.28 -26.77
N ILE B 62 -17.96 -27.53 -27.96
CA ILE B 62 -16.76 -26.80 -28.41
C ILE B 62 -17.15 -25.33 -28.60
N ASP B 63 -18.20 -25.04 -29.37
CA ASP B 63 -18.74 -23.69 -29.59
C ASP B 63 -19.10 -23.01 -28.25
N ALA B 64 -19.61 -23.78 -27.26
CA ALA B 64 -20.00 -23.29 -25.92
C ALA B 64 -18.81 -22.95 -25.05
N GLY B 65 -17.64 -23.50 -25.34
CA GLY B 65 -16.41 -23.14 -24.64
C GLY B 65 -15.57 -24.23 -24.00
N MET B 66 -15.82 -25.52 -24.33
CA MET B 66 -15.05 -26.66 -23.82
C MET B 66 -13.58 -26.56 -24.28
N ASP B 67 -12.63 -26.84 -23.35
CA ASP B 67 -11.18 -26.79 -23.64
C ASP B 67 -10.46 -28.10 -23.36
N ILE B 68 -10.93 -28.88 -22.37
CA ILE B 68 -10.35 -30.16 -21.97
C ILE B 68 -11.47 -31.18 -21.83
N CYS B 69 -11.30 -32.39 -22.40
CA CYS B 69 -12.26 -33.49 -22.28
C CYS B 69 -11.84 -34.44 -21.18
N ARG B 70 -12.74 -34.67 -20.20
CA ARG B 70 -12.54 -35.58 -19.06
C ARG B 70 -13.24 -36.91 -19.32
N PHE B 71 -12.49 -38.00 -19.11
CA PHE B 71 -12.88 -39.40 -19.27
C PHE B 71 -12.81 -40.05 -17.90
N ASN B 72 -13.98 -40.25 -17.24
CA ASN B 72 -14.00 -40.88 -15.92
C ASN B 72 -14.05 -42.39 -16.06
N PHE B 73 -12.89 -43.01 -15.83
CA PHE B 73 -12.73 -44.45 -15.94
C PHE B 73 -13.42 -45.22 -14.79
N SER B 74 -14.06 -44.48 -13.86
CA SER B 74 -14.88 -45.06 -12.80
C SER B 74 -16.23 -45.49 -13.39
N HIS B 75 -16.58 -44.90 -14.54
CA HIS B 75 -17.81 -45.13 -15.28
C HIS B 75 -17.54 -45.63 -16.71
N GLY B 76 -18.60 -46.06 -17.40
CA GLY B 76 -18.51 -46.60 -18.76
C GLY B 76 -17.59 -47.79 -18.87
N SER B 77 -17.01 -47.99 -20.06
CA SER B 77 -16.07 -49.08 -20.36
C SER B 77 -15.00 -48.57 -21.33
N HIS B 78 -13.94 -49.38 -21.58
CA HIS B 78 -12.85 -49.07 -22.52
C HIS B 78 -13.48 -48.85 -23.91
N GLU B 79 -14.53 -49.64 -24.22
CA GLU B 79 -15.34 -49.63 -25.44
C GLU B 79 -16.06 -48.29 -25.59
N ASP B 80 -16.89 -47.92 -24.58
CA ASP B 80 -17.64 -46.66 -24.53
C ASP B 80 -16.69 -45.45 -24.60
N HIS B 81 -15.52 -45.55 -23.92
CA HIS B 81 -14.50 -44.49 -23.85
C HIS B 81 -13.76 -44.28 -25.20
N LYS B 82 -13.49 -45.39 -25.93
CA LYS B 82 -12.87 -45.37 -27.25
C LYS B 82 -13.82 -44.67 -28.23
N GLU B 83 -15.12 -45.08 -28.25
CA GLU B 83 -16.17 -44.47 -29.07
C GLU B 83 -16.22 -42.95 -28.81
N MET B 84 -16.16 -42.57 -27.52
CA MET B 84 -16.17 -41.18 -27.07
C MET B 84 -14.94 -40.44 -27.55
N PHE B 85 -13.74 -41.05 -27.39
CA PHE B 85 -12.49 -40.43 -27.80
C PHE B 85 -12.47 -40.13 -29.30
N ASN B 86 -12.89 -41.10 -30.12
CA ASN B 86 -12.92 -40.99 -31.58
C ASN B 86 -13.95 -40.00 -32.07
N ASN B 87 -15.06 -39.82 -31.33
CA ASN B 87 -16.08 -38.83 -31.69
C ASN B 87 -15.61 -37.42 -31.38
N VAL B 88 -14.62 -37.27 -30.47
CA VAL B 88 -14.02 -35.99 -30.15
C VAL B 88 -13.10 -35.64 -31.34
N LEU B 89 -12.29 -36.64 -31.81
CA LEU B 89 -11.40 -36.48 -32.96
C LEU B 89 -12.20 -36.08 -34.19
N LYS B 90 -13.41 -36.64 -34.34
CA LYS B 90 -14.34 -36.27 -35.40
C LYS B 90 -14.87 -34.82 -35.21
N ALA B 91 -15.21 -34.43 -33.97
CA ALA B 91 -15.68 -33.06 -33.65
C ALA B 91 -14.58 -32.00 -33.87
N GLN B 92 -13.30 -32.40 -33.71
CA GLN B 92 -12.17 -31.52 -33.94
C GLN B 92 -11.94 -31.27 -35.42
N GLU B 93 -12.21 -32.26 -36.31
CA GLU B 93 -12.08 -32.13 -37.79
C GLU B 93 -13.03 -31.03 -38.29
N LEU B 94 -14.20 -30.89 -37.61
CA LEU B 94 -15.25 -29.92 -37.86
C LEU B 94 -14.95 -28.60 -37.16
N ARG B 95 -14.08 -28.61 -36.12
CA ARG B 95 -13.65 -27.40 -35.38
C ARG B 95 -12.11 -27.28 -35.40
N PRO B 96 -11.50 -26.92 -36.56
CA PRO B 96 -10.02 -26.92 -36.67
C PRO B 96 -9.26 -25.86 -35.85
N ASN B 97 -9.95 -24.80 -35.36
CA ASN B 97 -9.34 -23.73 -34.57
C ASN B 97 -9.34 -24.07 -33.07
N CYS B 98 -9.84 -25.26 -32.74
CA CYS B 98 -9.94 -25.75 -31.37
C CYS B 98 -9.11 -27.02 -31.21
N LEU B 99 -8.16 -26.98 -30.27
CA LEU B 99 -7.27 -28.09 -29.97
C LEU B 99 -7.52 -28.55 -28.54
N LEU B 100 -8.35 -29.57 -28.39
CA LEU B 100 -8.76 -30.09 -27.09
C LEU B 100 -7.72 -30.97 -26.37
N GLY B 101 -7.60 -30.77 -25.07
CA GLY B 101 -6.76 -31.59 -24.21
C GLY B 101 -7.57 -32.78 -23.76
N MET B 102 -6.94 -33.96 -23.68
CA MET B 102 -7.63 -35.18 -23.27
C MET B 102 -7.16 -35.60 -21.90
N LEU B 103 -8.09 -35.74 -20.97
CA LEU B 103 -7.80 -36.09 -19.59
C LEU B 103 -8.44 -37.44 -19.19
N LEU B 104 -7.59 -38.38 -18.70
CA LEU B 104 -8.02 -39.65 -18.16
C LEU B 104 -8.10 -39.48 -16.64
N ASP B 105 -9.29 -39.70 -16.07
CA ASP B 105 -9.51 -39.63 -14.64
C ASP B 105 -9.56 -41.06 -14.12
N THR B 106 -8.60 -41.44 -13.27
CA THR B 106 -8.47 -42.82 -12.74
C THR B 106 -9.56 -43.20 -11.76
N LYS B 107 -9.80 -44.52 -11.60
CA LYS B 107 -10.73 -45.05 -10.62
C LYS B 107 -10.12 -44.73 -9.26
N GLY B 108 -8.88 -45.17 -9.03
CA GLY B 108 -8.15 -44.97 -7.79
C GLY B 108 -8.68 -45.84 -6.65
N PRO B 109 -8.25 -45.58 -5.38
CA PRO B 109 -8.78 -46.38 -4.25
C PRO B 109 -10.21 -46.01 -3.83
N GLU B 110 -11.14 -46.12 -4.79
CA GLU B 110 -12.56 -45.78 -4.67
C GLU B 110 -13.39 -46.88 -4.04
N ILE B 111 -14.53 -46.47 -3.46
CA ILE B 111 -15.60 -47.27 -2.86
C ILE B 111 -16.87 -46.85 -3.61
N ARG B 112 -17.53 -47.81 -4.27
CA ARG B 112 -18.70 -47.47 -5.09
C ARG B 112 -19.95 -48.26 -4.78
N THR B 113 -21.11 -47.66 -5.12
CA THR B 113 -22.40 -48.36 -5.05
C THR B 113 -22.39 -49.28 -6.28
N GLY B 114 -23.09 -50.39 -6.22
CA GLY B 114 -23.09 -51.32 -7.34
C GLY B 114 -23.99 -50.98 -8.50
N PHE B 115 -24.29 -52.02 -9.30
CA PHE B 115 -25.15 -51.99 -10.48
C PHE B 115 -26.64 -52.14 -10.10
N LEU B 116 -27.50 -51.50 -10.90
CA LEU B 116 -28.92 -51.49 -10.66
C LEU B 116 -29.71 -52.22 -11.74
N LYS B 117 -30.82 -52.85 -11.35
CA LYS B 117 -31.69 -53.63 -12.22
C LYS B 117 -32.23 -52.76 -13.37
N ASN B 118 -32.75 -51.57 -13.05
CA ASN B 118 -33.30 -50.67 -14.05
C ASN B 118 -32.40 -49.42 -14.24
N LYS B 119 -31.08 -49.61 -13.99
CA LYS B 119 -29.94 -48.65 -14.11
C LYS B 119 -30.05 -47.40 -13.19
N GLU B 120 -31.24 -47.12 -12.66
CA GLU B 120 -31.56 -45.97 -11.81
C GLU B 120 -32.57 -46.41 -10.75
N VAL B 121 -32.43 -45.90 -9.52
CA VAL B 121 -33.34 -46.17 -8.39
C VAL B 121 -33.81 -44.85 -7.74
N HIS B 122 -35.02 -44.85 -7.19
CA HIS B 122 -35.62 -43.73 -6.48
C HIS B 122 -35.57 -44.10 -5.02
N LEU B 123 -34.58 -43.59 -4.29
CA LEU B 123 -34.45 -43.84 -2.85
C LEU B 123 -35.34 -42.82 -2.13
N LYS B 124 -36.15 -43.29 -1.12
CA LYS B 124 -37.08 -42.44 -0.37
C LYS B 124 -36.71 -42.29 1.10
N GLU B 125 -36.83 -41.06 1.63
CA GLU B 125 -36.58 -40.65 3.02
C GLU B 125 -37.38 -41.51 4.02
N GLY B 126 -36.68 -42.10 5.00
CA GLY B 126 -37.27 -42.94 6.04
C GLY B 126 -37.31 -44.43 5.76
N SER B 127 -37.14 -44.82 4.49
CA SER B 127 -37.14 -46.22 4.04
C SER B 127 -35.78 -46.85 4.36
N LYS B 128 -35.75 -48.19 4.48
CA LYS B 128 -34.53 -48.96 4.75
C LYS B 128 -33.80 -49.36 3.46
N LEU B 129 -32.47 -49.46 3.54
CA LEU B 129 -31.63 -49.86 2.41
C LEU B 129 -30.58 -50.86 2.89
N LYS B 130 -30.54 -52.04 2.24
CA LYS B 130 -29.58 -53.10 2.55
C LYS B 130 -28.34 -52.92 1.67
N LEU B 131 -27.18 -52.66 2.29
CA LEU B 131 -25.93 -52.50 1.57
C LEU B 131 -25.17 -53.82 1.61
N VAL B 132 -25.17 -54.55 0.48
CA VAL B 132 -24.54 -55.86 0.35
C VAL B 132 -23.09 -55.74 -0.13
N THR B 133 -22.29 -56.85 -0.03
CA THR B 133 -20.86 -56.89 -0.42
C THR B 133 -20.60 -57.74 -1.67
N ASP B 134 -21.65 -58.32 -2.28
CA ASP B 134 -21.54 -59.06 -3.55
C ASP B 134 -21.74 -58.01 -4.66
N TYR B 135 -20.64 -57.56 -5.30
CA TYR B 135 -20.67 -56.50 -6.31
C TYR B 135 -21.33 -56.91 -7.66
N GLU B 136 -21.83 -58.17 -7.77
CA GLU B 136 -22.53 -58.69 -8.95
C GLU B 136 -24.04 -58.52 -8.80
N PHE B 137 -24.49 -58.21 -7.57
CA PHE B 137 -25.90 -58.01 -7.25
C PHE B 137 -26.49 -56.75 -7.90
N LEU B 138 -27.42 -56.96 -8.87
CA LEU B 138 -28.17 -55.90 -9.55
C LEU B 138 -29.24 -55.49 -8.52
N GLY B 139 -29.04 -54.29 -7.96
CA GLY B 139 -29.88 -53.75 -6.92
C GLY B 139 -31.16 -53.06 -7.33
N ASP B 140 -31.90 -52.60 -6.32
CA ASP B 140 -33.17 -51.88 -6.41
C ASP B 140 -33.21 -50.85 -5.25
N GLU B 141 -34.37 -50.20 -4.98
CA GLU B 141 -34.46 -49.17 -3.93
C GLU B 141 -34.34 -49.73 -2.49
N THR B 142 -34.37 -51.09 -2.33
CA THR B 142 -34.30 -51.79 -1.04
C THR B 142 -32.91 -52.44 -0.76
N CYS B 143 -32.19 -52.86 -1.82
CA CYS B 143 -30.89 -53.53 -1.71
C CYS B 143 -29.88 -53.07 -2.76
N ILE B 144 -28.68 -52.60 -2.34
CA ILE B 144 -27.63 -52.12 -3.25
C ILE B 144 -26.25 -52.68 -2.83
N ALA B 145 -25.45 -53.09 -3.84
CA ALA B 145 -24.08 -53.62 -3.69
C ALA B 145 -23.06 -52.53 -3.30
N CYS B 146 -21.98 -52.95 -2.59
CA CYS B 146 -20.86 -52.09 -2.16
C CYS B 146 -19.53 -52.78 -2.52
N SER B 147 -18.64 -52.03 -3.20
CA SER B 147 -17.31 -52.46 -3.70
C SER B 147 -16.30 -52.83 -2.61
N TYR B 148 -16.47 -52.30 -1.41
CA TYR B 148 -15.55 -52.53 -0.31
C TYR B 148 -16.13 -53.65 0.53
N LYS B 149 -15.66 -54.89 0.25
CA LYS B 149 -16.11 -56.11 0.94
C LYS B 149 -16.03 -55.97 2.47
N LYS B 150 -15.08 -55.13 2.96
CA LYS B 150 -14.83 -54.83 4.38
C LYS B 150 -15.85 -53.84 5.02
N LEU B 151 -16.84 -53.31 4.25
CA LEU B 151 -17.90 -52.40 4.73
C LEU B 151 -18.67 -52.84 6.03
N PRO B 152 -19.17 -54.11 6.20
CA PRO B 152 -19.91 -54.43 7.44
C PRO B 152 -19.09 -54.34 8.71
N GLN B 153 -17.79 -54.71 8.63
CA GLN B 153 -16.83 -54.66 9.73
C GLN B 153 -16.21 -53.25 9.89
N SER B 154 -16.43 -52.35 8.91
CA SER B 154 -15.90 -50.98 8.92
C SER B 154 -16.85 -49.95 9.54
N VAL B 155 -18.18 -50.09 9.32
CA VAL B 155 -19.19 -49.15 9.88
C VAL B 155 -19.79 -49.70 11.20
N LYS B 156 -20.44 -48.81 11.97
CA LYS B 156 -21.08 -49.13 13.24
C LYS B 156 -22.48 -48.46 13.31
N PRO B 157 -23.47 -49.02 14.07
CA PRO B 157 -24.79 -48.35 14.14
C PRO B 157 -24.78 -46.89 14.61
N GLY B 158 -25.30 -46.01 13.74
CA GLY B 158 -25.40 -44.58 13.97
C GLY B 158 -24.60 -43.79 12.96
N ASN B 159 -23.60 -44.45 12.36
CA ASN B 159 -22.72 -43.90 11.35
C ASN B 159 -23.48 -43.43 10.12
N ILE B 160 -23.09 -42.26 9.59
CA ILE B 160 -23.70 -41.69 8.38
C ILE B 160 -22.85 -42.03 7.14
N ILE B 161 -23.39 -42.90 6.28
CA ILE B 161 -22.76 -43.28 5.03
C ILE B 161 -23.22 -42.25 4.03
N LEU B 162 -22.27 -41.73 3.24
CA LEU B 162 -22.57 -40.77 2.23
C LEU B 162 -22.48 -41.44 0.87
N ILE B 163 -23.40 -41.06 -0.03
CA ILE B 163 -23.53 -41.57 -1.40
C ILE B 163 -23.72 -40.38 -2.37
N ALA B 164 -23.07 -40.45 -3.55
CA ALA B 164 -23.16 -39.48 -4.65
C ALA B 164 -22.81 -38.01 -4.22
N ASP B 165 -21.55 -37.79 -3.77
CA ASP B 165 -21.02 -36.51 -3.24
C ASP B 165 -21.82 -36.01 -1.99
N GLY B 166 -22.42 -36.96 -1.25
CA GLY B 166 -23.21 -36.67 -0.06
C GLY B 166 -24.59 -36.10 -0.36
N SER B 167 -25.13 -36.41 -1.55
CA SER B 167 -26.48 -36.02 -1.92
C SER B 167 -27.48 -37.04 -1.32
N VAL B 168 -26.95 -38.19 -0.83
CA VAL B 168 -27.71 -39.25 -0.16
C VAL B 168 -26.96 -39.59 1.12
N SER B 169 -27.64 -39.47 2.28
CA SER B 169 -27.10 -39.76 3.60
C SER B 169 -27.85 -40.96 4.15
N CYS B 170 -27.12 -41.96 4.66
CA CYS B 170 -27.72 -43.19 5.21
C CYS B 170 -27.26 -43.47 6.62
N LYS B 171 -28.21 -43.58 7.60
CA LYS B 171 -27.89 -43.88 9.01
C LYS B 171 -27.87 -45.39 9.26
N VAL B 172 -26.69 -45.94 9.62
CA VAL B 172 -26.55 -47.37 9.89
C VAL B 172 -27.41 -47.78 11.09
N LEU B 173 -28.46 -48.57 10.83
CA LEU B 173 -29.34 -49.05 11.89
C LEU B 173 -28.70 -50.27 12.58
N GLU B 174 -28.31 -51.28 11.78
CA GLU B 174 -27.65 -52.51 12.24
C GLU B 174 -26.59 -53.02 11.28
N THR B 175 -25.56 -53.68 11.81
CA THR B 175 -24.49 -54.23 10.98
C THR B 175 -24.51 -55.74 11.09
N HIS B 176 -24.41 -56.45 9.95
CA HIS B 176 -24.40 -57.93 9.94
C HIS B 176 -23.10 -58.44 9.30
N GLU B 177 -22.93 -59.77 9.06
CA GLU B 177 -21.68 -60.33 8.51
C GLU B 177 -21.38 -59.90 7.05
N ASP B 178 -22.34 -60.13 6.13
CA ASP B 178 -22.26 -59.88 4.68
C ASP B 178 -22.99 -58.61 4.19
N HIS B 179 -23.80 -57.98 5.05
CA HIS B 179 -24.57 -56.79 4.71
C HIS B 179 -24.72 -55.81 5.89
N VAL B 180 -25.25 -54.62 5.59
CA VAL B 180 -25.51 -53.55 6.54
C VAL B 180 -26.94 -53.03 6.28
N ILE B 181 -27.72 -52.75 7.36
CA ILE B 181 -29.06 -52.20 7.21
C ILE B 181 -29.03 -50.75 7.63
N THR B 182 -29.36 -49.85 6.70
CA THR B 182 -29.38 -48.42 6.96
C THR B 182 -30.78 -47.85 6.79
N GLU B 183 -30.94 -46.56 7.11
CA GLU B 183 -32.15 -45.78 6.92
C GLU B 183 -31.77 -44.63 5.99
N VAL B 184 -32.53 -44.47 4.89
CA VAL B 184 -32.34 -43.43 3.89
C VAL B 184 -32.83 -42.11 4.55
N LEU B 185 -31.88 -41.21 4.87
CA LEU B 185 -32.19 -39.97 5.59
C LEU B 185 -32.82 -38.88 4.70
N ASN B 186 -32.83 -39.07 3.35
CA ASN B 186 -33.42 -38.13 2.40
C ASN B 186 -33.78 -38.81 1.08
N SER B 187 -34.83 -38.28 0.40
CA SER B 187 -35.27 -38.82 -0.90
C SER B 187 -34.33 -38.35 -1.99
N ALA B 188 -33.91 -39.26 -2.89
CA ALA B 188 -32.99 -38.99 -3.99
C ALA B 188 -32.97 -40.09 -5.05
N VAL B 189 -32.85 -39.71 -6.34
CA VAL B 189 -32.72 -40.65 -7.46
C VAL B 189 -31.24 -40.76 -7.82
N ILE B 190 -30.71 -42.01 -7.77
CA ILE B 190 -29.32 -42.32 -8.07
C ILE B 190 -29.21 -43.49 -9.05
N GLY B 191 -28.21 -43.40 -9.92
CA GLY B 191 -27.85 -44.42 -10.89
C GLY B 191 -26.77 -45.37 -10.38
N GLU B 192 -26.07 -46.02 -11.32
CA GLU B 192 -25.03 -47.00 -11.02
C GLU B 192 -23.69 -46.35 -10.65
N ARG B 193 -22.89 -47.10 -9.87
CA ARG B 193 -21.54 -46.78 -9.40
C ARG B 193 -21.38 -45.36 -8.80
N LYS B 194 -22.22 -45.04 -7.80
CA LYS B 194 -22.13 -43.76 -7.12
C LYS B 194 -21.01 -43.84 -6.06
N ASN B 195 -20.22 -42.77 -5.91
CA ASN B 195 -19.12 -42.76 -4.93
C ASN B 195 -19.65 -42.84 -3.50
N MET B 196 -18.88 -43.51 -2.63
CA MET B 196 -19.26 -43.67 -1.22
C MET B 196 -18.17 -43.25 -0.27
N ASN B 197 -18.57 -42.58 0.82
CA ASN B 197 -17.65 -42.25 1.89
C ASN B 197 -18.13 -42.94 3.16
N LEU B 198 -17.21 -43.70 3.78
CA LEU B 198 -17.48 -44.39 5.04
C LEU B 198 -16.89 -43.54 6.16
N PRO B 199 -17.71 -43.15 7.18
CA PRO B 199 -17.21 -42.24 8.21
C PRO B 199 -16.06 -42.76 9.05
N ASN B 200 -14.97 -41.98 9.11
CA ASN B 200 -13.75 -42.25 9.90
C ASN B 200 -13.17 -43.67 9.67
N VAL B 201 -13.24 -44.17 8.42
CA VAL B 201 -12.71 -45.48 8.01
C VAL B 201 -11.42 -45.27 7.21
N LYS B 202 -10.33 -45.95 7.61
CA LYS B 202 -9.04 -45.93 6.91
C LYS B 202 -9.16 -47.01 5.83
N VAL B 203 -9.27 -46.57 4.56
CA VAL B 203 -9.47 -47.44 3.39
C VAL B 203 -8.19 -48.20 3.05
N ASP B 204 -8.28 -49.54 3.04
CA ASP B 204 -7.15 -50.42 2.74
C ASP B 204 -7.18 -50.82 1.25
N LEU B 205 -6.72 -49.88 0.39
CA LEU B 205 -6.65 -50.02 -1.07
C LEU B 205 -5.41 -49.29 -1.63
N PRO B 206 -4.77 -49.78 -2.73
CA PRO B 206 -3.62 -49.06 -3.29
C PRO B 206 -4.03 -47.78 -4.00
N ILE B 207 -3.10 -46.82 -4.18
CA ILE B 207 -3.39 -45.59 -4.93
C ILE B 207 -3.43 -45.94 -6.43
N ILE B 208 -2.49 -46.79 -6.86
CA ILE B 208 -2.43 -47.27 -8.24
C ILE B 208 -2.63 -48.77 -8.23
N SER B 209 -3.79 -49.20 -8.70
CA SER B 209 -4.16 -50.61 -8.75
C SER B 209 -3.89 -51.16 -10.14
N GLU B 210 -4.06 -52.50 -10.30
CA GLU B 210 -3.90 -53.20 -11.58
C GLU B 210 -4.90 -52.70 -12.61
N LYS B 211 -6.14 -52.40 -12.18
CA LYS B 211 -7.20 -51.84 -13.02
C LYS B 211 -6.78 -50.46 -13.51
N ASP B 212 -6.12 -49.64 -12.63
CA ASP B 212 -5.60 -48.30 -12.94
C ASP B 212 -4.44 -48.37 -13.92
N LYS B 213 -3.51 -49.32 -13.70
CA LYS B 213 -2.35 -49.55 -14.58
C LYS B 213 -2.80 -49.89 -16.00
N ASN B 214 -3.84 -50.76 -16.13
CA ASN B 214 -4.41 -51.15 -17.43
C ASN B 214 -5.00 -49.94 -18.19
N ASP B 215 -5.69 -49.03 -17.48
CA ASP B 215 -6.29 -47.81 -18.04
C ASP B 215 -5.26 -46.80 -18.54
N ILE B 216 -4.15 -46.66 -17.79
CA ILE B 216 -3.04 -45.76 -18.12
C ILE B 216 -2.21 -46.33 -19.29
N LEU B 217 -1.81 -47.60 -19.18
CA LEU B 217 -0.96 -48.23 -20.17
C LEU B 217 -1.69 -48.68 -21.44
N ASN B 218 -3.03 -48.91 -21.38
CA ASN B 218 -3.73 -49.43 -22.56
C ASN B 218 -4.84 -48.52 -23.12
N PHE B 219 -4.99 -47.33 -22.54
CA PHE B 219 -5.89 -46.30 -23.05
C PHE B 219 -5.08 -45.00 -23.18
N ALA B 220 -4.66 -44.41 -22.04
CA ALA B 220 -3.91 -43.15 -21.97
C ALA B 220 -2.73 -43.04 -22.92
N ILE B 221 -1.80 -44.02 -22.90
CA ILE B 221 -0.64 -43.97 -23.78
C ILE B 221 -1.08 -44.26 -25.25
N PRO B 222 -1.76 -45.40 -25.60
CA PRO B 222 -2.16 -45.61 -27.01
C PRO B 222 -3.04 -44.52 -27.62
N MET B 223 -4.03 -43.98 -26.85
CA MET B 223 -4.97 -42.96 -27.32
C MET B 223 -4.37 -41.58 -27.44
N GLY B 224 -3.35 -41.28 -26.65
CA GLY B 224 -2.70 -39.99 -26.68
C GLY B 224 -3.27 -38.97 -25.69
N CYS B 225 -3.69 -39.44 -24.48
CA CYS B 225 -4.21 -38.58 -23.42
C CYS B 225 -3.13 -37.62 -22.95
N ASN B 226 -3.50 -36.36 -22.78
CA ASN B 226 -2.57 -35.30 -22.38
C ASN B 226 -2.38 -35.20 -20.88
N PHE B 227 -3.41 -35.59 -20.09
CA PHE B 227 -3.37 -35.54 -18.63
C PHE B 227 -3.87 -36.80 -17.98
N ILE B 228 -3.30 -37.10 -16.79
CA ILE B 228 -3.74 -38.18 -15.92
C ILE B 228 -4.24 -37.48 -14.65
N ALA B 229 -5.56 -37.42 -14.44
CA ALA B 229 -6.14 -36.89 -13.20
C ALA B 229 -6.14 -38.07 -12.24
N ALA B 230 -5.15 -38.11 -11.36
CA ALA B 230 -4.94 -39.22 -10.43
C ALA B 230 -5.75 -39.08 -9.15
N SER B 231 -6.77 -39.94 -8.98
CA SER B 231 -7.70 -39.97 -7.84
C SER B 231 -7.05 -40.34 -6.50
N PHE B 232 -7.46 -39.62 -5.44
CA PHE B 232 -7.06 -39.81 -4.04
C PHE B 232 -5.54 -39.81 -3.77
N ILE B 233 -4.77 -38.92 -4.44
CA ILE B 233 -3.32 -38.75 -4.22
C ILE B 233 -3.11 -38.27 -2.78
N GLN B 234 -2.22 -38.96 -2.04
CA GLN B 234 -1.95 -38.69 -0.63
C GLN B 234 -0.51 -38.27 -0.33
N SER B 235 0.40 -38.36 -1.33
CA SER B 235 1.82 -38.02 -1.19
C SER B 235 2.54 -37.76 -2.52
N ALA B 236 3.74 -37.17 -2.46
CA ALA B 236 4.59 -36.93 -3.62
C ALA B 236 5.14 -38.24 -4.19
N ASP B 237 5.24 -39.31 -3.36
CA ASP B 237 5.73 -40.59 -3.86
C ASP B 237 4.72 -41.31 -4.75
N ASP B 238 3.42 -41.00 -4.57
CA ASP B 238 2.31 -41.50 -5.40
C ASP B 238 2.46 -40.87 -6.80
N VAL B 239 2.86 -39.59 -6.86
CA VAL B 239 3.09 -38.85 -8.13
C VAL B 239 4.28 -39.49 -8.85
N ARG B 240 5.42 -39.64 -8.11
CA ARG B 240 6.68 -40.26 -8.55
C ARG B 240 6.34 -41.64 -9.17
N LEU B 241 5.52 -42.44 -8.46
CA LEU B 241 5.03 -43.75 -8.87
C LEU B 241 4.35 -43.70 -10.26
N ILE B 242 3.38 -42.77 -10.47
CA ILE B 242 2.67 -42.61 -11.75
C ILE B 242 3.63 -42.12 -12.84
N ARG B 243 4.60 -41.26 -12.48
CA ARG B 243 5.60 -40.80 -13.42
C ARG B 243 6.44 -41.96 -13.91
N ASN B 244 6.92 -42.81 -12.97
CA ASN B 244 7.72 -43.99 -13.34
C ASN B 244 6.90 -45.00 -14.13
N LEU B 245 5.59 -45.14 -13.77
CA LEU B 245 4.63 -46.00 -14.46
C LEU B 245 4.48 -45.55 -15.92
N LEU B 246 4.29 -44.23 -16.15
CA LEU B 246 4.15 -43.63 -17.48
C LEU B 246 5.34 -43.93 -18.39
N GLY B 247 6.53 -44.00 -17.82
CA GLY B 247 7.78 -44.31 -18.52
C GLY B 247 8.10 -43.35 -19.65
N PRO B 248 8.98 -43.77 -20.60
CA PRO B 248 9.33 -42.89 -21.73
C PRO B 248 8.18 -42.68 -22.73
N ARG B 249 7.39 -43.75 -23.02
CA ARG B 249 6.22 -43.70 -23.92
C ARG B 249 5.18 -42.64 -23.51
N GLY B 250 5.11 -42.34 -22.21
CA GLY B 250 4.18 -41.35 -21.67
C GLY B 250 4.86 -40.17 -21.00
N ARG B 251 6.03 -39.74 -21.55
CA ARG B 251 6.86 -38.65 -21.00
C ARG B 251 6.24 -37.26 -21.13
N HIS B 252 5.38 -37.07 -22.15
CA HIS B 252 4.71 -35.79 -22.41
C HIS B 252 3.30 -35.75 -21.80
N ILE B 253 2.94 -36.78 -21.03
CA ILE B 253 1.64 -36.84 -20.35
C ILE B 253 1.74 -36.13 -18.99
N LYS B 254 0.86 -35.15 -18.75
CA LYS B 254 0.91 -34.41 -17.48
C LYS B 254 0.19 -35.16 -16.36
N ILE B 255 0.68 -35.00 -15.11
CA ILE B 255 0.08 -35.62 -13.92
C ILE B 255 -0.65 -34.55 -13.12
N ILE B 256 -1.97 -34.74 -12.98
CA ILE B 256 -2.86 -33.86 -12.25
C ILE B 256 -3.40 -34.56 -11.00
N PRO B 257 -2.67 -34.55 -9.87
CA PRO B 257 -3.21 -35.17 -8.66
C PRO B 257 -4.54 -34.54 -8.25
N LYS B 258 -5.47 -35.40 -7.86
CA LYS B 258 -6.76 -34.96 -7.35
C LYS B 258 -6.66 -34.93 -5.84
N ILE B 259 -6.98 -33.79 -5.24
CA ILE B 259 -6.93 -33.62 -3.80
C ILE B 259 -8.36 -33.87 -3.31
N GLU B 260 -8.58 -35.02 -2.66
CA GLU B 260 -9.94 -35.34 -2.22
C GLU B 260 -10.02 -36.06 -0.86
N ASN B 261 -8.98 -35.90 -0.02
CA ASN B 261 -8.92 -36.49 1.32
C ASN B 261 -7.99 -35.67 2.20
N ILE B 262 -7.92 -36.01 3.50
CA ILE B 262 -7.13 -35.32 4.52
C ILE B 262 -5.64 -35.38 4.21
N GLU B 263 -5.13 -36.55 3.75
CA GLU B 263 -3.69 -36.71 3.45
C GLU B 263 -3.24 -35.85 2.26
N GLY B 264 -4.11 -35.70 1.28
CA GLY B 264 -3.86 -34.86 0.12
C GLY B 264 -3.69 -33.40 0.51
N ILE B 265 -4.43 -32.97 1.55
CA ILE B 265 -4.39 -31.61 2.08
C ILE B 265 -3.13 -31.40 2.91
N ILE B 266 -2.85 -32.35 3.83
CA ILE B 266 -1.70 -32.33 4.72
C ILE B 266 -0.41 -32.26 3.92
N HIS B 267 -0.27 -33.12 2.90
CA HIS B 267 0.94 -33.21 2.08
C HIS B 267 0.89 -32.40 0.81
N PHE B 268 -0.04 -31.42 0.70
CA PHE B 268 -0.29 -30.59 -0.46
C PHE B 268 0.96 -29.96 -1.08
N ASP B 269 1.82 -29.32 -0.29
CA ASP B 269 3.02 -28.64 -0.80
C ASP B 269 3.95 -29.58 -1.57
N LYS B 270 4.29 -30.76 -0.96
CA LYS B 270 5.15 -31.79 -1.57
C LYS B 270 4.47 -32.39 -2.82
N ILE B 271 3.13 -32.61 -2.78
CA ILE B 271 2.32 -33.12 -3.89
C ILE B 271 2.40 -32.11 -5.05
N LEU B 272 2.14 -30.81 -4.75
CA LEU B 272 2.20 -29.70 -5.70
C LEU B 272 3.55 -29.62 -6.40
N ALA B 273 4.65 -29.74 -5.63
CA ALA B 273 6.02 -29.67 -6.16
C ALA B 273 6.30 -30.72 -7.24
N GLU B 274 5.80 -31.97 -7.05
CA GLU B 274 5.95 -33.10 -7.97
C GLU B 274 4.95 -33.12 -9.14
N SER B 275 3.77 -32.53 -8.91
CA SER B 275 2.67 -32.47 -9.87
C SER B 275 2.91 -31.56 -11.07
N ASP B 276 2.01 -31.64 -12.06
CA ASP B 276 2.00 -30.79 -13.26
C ASP B 276 0.82 -29.82 -13.20
N GLY B 277 0.06 -29.90 -12.11
CA GLY B 277 -1.12 -29.11 -11.85
C GLY B 277 -1.97 -29.84 -10.84
N ILE B 278 -3.00 -29.17 -10.28
CA ILE B 278 -3.86 -29.78 -9.26
C ILE B 278 -5.33 -29.81 -9.67
N MET B 279 -6.05 -30.84 -9.19
CA MET B 279 -7.49 -30.89 -9.31
C MET B 279 -8.10 -30.87 -7.89
N ILE B 280 -8.94 -29.86 -7.62
CA ILE B 280 -9.63 -29.72 -6.34
C ILE B 280 -10.88 -30.56 -6.55
N ALA B 281 -10.84 -31.81 -6.06
CA ALA B 281 -11.94 -32.75 -6.20
C ALA B 281 -12.84 -32.60 -4.95
N ARG B 282 -13.70 -31.56 -5.01
CA ARG B 282 -14.56 -31.13 -3.91
C ARG B 282 -15.62 -32.13 -3.49
N GLY B 283 -16.07 -32.99 -4.40
CA GLY B 283 -17.09 -34.00 -4.13
C GLY B 283 -16.69 -34.95 -3.03
N ASP B 284 -15.62 -35.75 -3.26
CA ASP B 284 -15.05 -36.71 -2.29
C ASP B 284 -14.42 -36.01 -1.08
N LEU B 285 -13.87 -34.79 -1.29
CA LEU B 285 -13.27 -34.00 -0.23
C LEU B 285 -14.35 -33.51 0.76
N GLY B 286 -15.47 -33.04 0.20
CA GLY B 286 -16.64 -32.55 0.93
C GLY B 286 -17.29 -33.63 1.76
N MET B 287 -17.10 -34.90 1.35
CA MET B 287 -17.58 -36.11 2.02
C MET B 287 -16.60 -36.54 3.13
N GLU B 288 -15.28 -36.33 2.93
CA GLU B 288 -14.21 -36.64 3.88
C GLU B 288 -14.16 -35.62 5.03
N ILE B 289 -14.03 -34.30 4.72
CA ILE B 289 -14.02 -33.25 5.75
C ILE B 289 -15.41 -32.61 5.90
N SER B 290 -15.69 -31.89 7.01
CA SER B 290 -16.96 -31.18 7.15
C SER B 290 -17.18 -30.27 5.92
N PRO B 291 -18.43 -30.18 5.38
CA PRO B 291 -18.65 -29.38 4.16
C PRO B 291 -18.21 -27.93 4.26
N GLU B 292 -18.36 -27.30 5.43
CA GLU B 292 -17.99 -25.92 5.69
C GLU B 292 -16.49 -25.60 5.60
N LYS B 293 -15.64 -26.63 5.45
CA LYS B 293 -14.18 -26.53 5.43
C LYS B 293 -13.61 -26.66 4.03
N VAL B 294 -14.47 -26.98 3.04
CA VAL B 294 -14.06 -27.13 1.65
C VAL B 294 -13.70 -25.79 1.05
N PHE B 295 -14.51 -24.74 1.29
CA PHE B 295 -14.15 -23.41 0.76
C PHE B 295 -12.75 -22.95 1.23
N LEU B 296 -12.37 -23.28 2.47
CA LEU B 296 -11.06 -22.94 3.02
C LEU B 296 -9.96 -23.63 2.19
N ALA B 297 -10.11 -24.96 1.99
CA ALA B 297 -9.21 -25.83 1.22
C ALA B 297 -9.01 -25.30 -0.18
N GLN B 298 -10.12 -24.99 -0.89
CA GLN B 298 -10.15 -24.45 -2.24
C GLN B 298 -9.35 -23.14 -2.34
N LYS B 299 -9.69 -22.13 -1.51
CA LYS B 299 -9.00 -20.84 -1.51
C LYS B 299 -7.51 -20.96 -1.20
N LEU B 300 -7.12 -21.82 -0.26
CA LEU B 300 -5.71 -22.05 0.07
C LEU B 300 -4.92 -22.69 -1.11
N MET B 301 -5.48 -23.75 -1.73
CA MET B 301 -4.86 -24.49 -2.83
C MET B 301 -4.75 -23.63 -4.07
N ILE B 302 -5.78 -22.83 -4.40
CA ILE B 302 -5.72 -21.93 -5.56
C ILE B 302 -4.59 -20.91 -5.37
N SER B 303 -4.50 -20.32 -4.18
CA SER B 303 -3.46 -19.35 -3.79
C SER B 303 -2.05 -19.92 -3.94
N LYS B 304 -1.83 -21.15 -3.37
CA LYS B 304 -0.56 -21.86 -3.42
C LYS B 304 -0.15 -22.22 -4.85
N CYS B 305 -1.11 -22.64 -5.68
CA CYS B 305 -0.84 -22.94 -7.09
C CYS B 305 -0.48 -21.68 -7.86
N ASN B 306 -1.28 -20.59 -7.66
CA ASN B 306 -1.03 -19.30 -8.29
C ASN B 306 0.38 -18.82 -8.01
N LEU B 307 0.88 -19.00 -6.77
CA LEU B 307 2.23 -18.62 -6.42
C LEU B 307 3.28 -19.44 -7.13
N GLN B 308 3.08 -20.76 -7.25
CA GLN B 308 4.04 -21.64 -7.92
C GLN B 308 3.99 -21.60 -9.46
N GLY B 309 2.93 -21.02 -10.01
CA GLY B 309 2.69 -21.04 -11.45
C GLY B 309 2.19 -22.39 -11.95
N LYS B 310 1.64 -23.23 -11.04
CA LYS B 310 1.08 -24.54 -11.39
C LYS B 310 -0.42 -24.36 -11.64
N PRO B 311 -0.97 -24.96 -12.72
CA PRO B 311 -2.39 -24.78 -13.01
C PRO B 311 -3.30 -25.55 -12.06
N ILE B 312 -4.48 -24.99 -11.78
CA ILE B 312 -5.46 -25.59 -10.88
C ILE B 312 -6.86 -25.62 -11.52
N ILE B 313 -7.51 -26.79 -11.43
CA ILE B 313 -8.88 -27.10 -11.87
C ILE B 313 -9.75 -27.15 -10.60
N THR B 314 -10.76 -26.27 -10.49
CA THR B 314 -11.75 -26.30 -9.39
C THR B 314 -12.85 -27.21 -9.92
N ALA B 315 -13.20 -28.26 -9.17
CA ALA B 315 -14.18 -29.23 -9.63
C ALA B 315 -15.31 -29.53 -8.68
N THR B 316 -16.44 -30.03 -9.25
CA THR B 316 -17.62 -30.65 -8.67
C THR B 316 -18.64 -29.72 -8.07
N GLN B 317 -19.90 -29.96 -8.48
CA GLN B 317 -21.15 -29.33 -8.05
C GLN B 317 -21.16 -27.84 -8.30
N MET B 318 -20.46 -27.41 -9.36
CA MET B 318 -20.35 -26.00 -9.74
C MET B 318 -21.68 -25.50 -10.29
N LEU B 319 -22.38 -26.33 -11.09
CA LEU B 319 -23.70 -26.00 -11.70
C LEU B 319 -24.61 -27.23 -11.62
N GLU B 320 -24.55 -27.98 -10.46
CA GLU B 320 -25.29 -29.22 -10.18
C GLU B 320 -26.77 -29.21 -10.58
N SER B 321 -27.51 -28.16 -10.20
CA SER B 321 -28.94 -28.01 -10.53
C SER B 321 -29.23 -28.09 -12.06
N MET B 322 -28.19 -27.85 -12.90
CA MET B 322 -28.30 -27.90 -14.35
C MET B 322 -28.32 -29.32 -14.92
N THR B 323 -28.22 -30.37 -14.06
CA THR B 323 -28.43 -31.77 -14.50
C THR B 323 -29.95 -31.93 -14.82
N LYS B 324 -30.82 -31.11 -14.18
CA LYS B 324 -32.28 -31.11 -14.36
C LYS B 324 -32.86 -29.83 -15.01
N ASN B 325 -32.36 -28.63 -14.67
CA ASN B 325 -32.84 -27.31 -15.15
C ASN B 325 -31.97 -26.64 -16.23
N PRO B 326 -32.56 -25.91 -17.21
CA PRO B 326 -31.72 -25.22 -18.22
C PRO B 326 -31.00 -23.96 -17.72
N ARG B 327 -31.15 -23.60 -16.45
CA ARG B 327 -30.49 -22.44 -15.84
C ARG B 327 -30.01 -22.78 -14.44
N PRO B 328 -28.95 -22.13 -13.91
CA PRO B 328 -28.46 -22.52 -12.57
C PRO B 328 -29.10 -21.75 -11.41
N THR B 329 -28.70 -22.07 -10.18
CA THR B 329 -29.15 -21.41 -8.96
C THR B 329 -28.23 -20.24 -8.70
N ARG B 330 -28.62 -19.36 -7.76
CA ARG B 330 -27.82 -18.18 -7.41
C ARG B 330 -26.48 -18.54 -6.81
N ALA B 331 -26.41 -19.62 -6.03
CA ALA B 331 -25.19 -20.09 -5.38
C ALA B 331 -24.22 -20.67 -6.40
N GLU B 332 -24.77 -21.26 -7.49
CA GLU B 332 -23.98 -21.88 -8.55
C GLU B 332 -23.26 -20.87 -9.36
N VAL B 333 -23.93 -19.74 -9.68
CA VAL B 333 -23.32 -18.62 -10.41
C VAL B 333 -22.14 -18.02 -9.61
N THR B 334 -22.31 -17.76 -8.30
CA THR B 334 -21.26 -17.19 -7.48
C THR B 334 -20.06 -18.13 -7.31
N ASP B 335 -20.31 -19.46 -7.12
CA ASP B 335 -19.27 -20.48 -7.01
C ASP B 335 -18.30 -20.36 -8.18
N VAL B 336 -18.83 -20.31 -9.40
CA VAL B 336 -18.05 -20.21 -10.65
C VAL B 336 -17.32 -18.89 -10.67
N ALA B 337 -18.05 -17.76 -10.47
CA ALA B 337 -17.47 -16.42 -10.47
C ALA B 337 -16.33 -16.29 -9.45
N ASN B 338 -16.58 -16.77 -8.21
CA ASN B 338 -15.62 -16.74 -7.13
C ASN B 338 -14.43 -17.64 -7.39
N ALA B 339 -14.61 -18.81 -8.08
CA ALA B 339 -13.47 -19.68 -8.43
C ALA B 339 -12.56 -18.91 -9.41
N VAL B 340 -13.18 -18.18 -10.36
CA VAL B 340 -12.46 -17.33 -11.30
C VAL B 340 -11.68 -16.22 -10.54
N LEU B 341 -12.35 -15.42 -9.65
CA LEU B 341 -11.69 -14.37 -8.86
C LEU B 341 -10.65 -14.89 -7.87
N ASP B 342 -10.81 -16.13 -7.41
CA ASP B 342 -9.87 -16.81 -6.51
C ASP B 342 -8.53 -16.96 -7.22
N GLY B 343 -8.58 -17.34 -8.51
CA GLY B 343 -7.39 -17.51 -9.33
C GLY B 343 -7.32 -18.84 -10.04
N THR B 344 -8.45 -19.56 -10.11
CA THR B 344 -8.47 -20.85 -10.78
C THR B 344 -8.13 -20.74 -12.30
N ASP B 345 -7.46 -21.76 -12.86
CA ASP B 345 -7.12 -21.78 -14.28
C ASP B 345 -8.27 -22.36 -15.04
N CYS B 346 -8.87 -23.45 -14.50
CA CYS B 346 -10.00 -24.16 -15.08
C CYS B 346 -11.09 -24.35 -14.08
N VAL B 347 -12.26 -24.61 -14.61
CA VAL B 347 -13.50 -24.93 -13.90
C VAL B 347 -13.99 -26.21 -14.57
N MET B 348 -14.68 -27.05 -13.81
CA MET B 348 -15.10 -28.34 -14.32
C MET B 348 -16.58 -28.58 -14.21
N LEU B 349 -17.08 -29.39 -15.15
CA LEU B 349 -18.43 -29.92 -15.25
C LEU B 349 -18.33 -31.43 -15.22
N SER B 350 -19.12 -32.07 -14.35
CA SER B 350 -19.12 -33.51 -14.18
C SER B 350 -20.41 -34.10 -14.73
N GLY B 351 -21.41 -34.31 -13.87
CA GLY B 351 -22.73 -34.79 -14.23
C GLY B 351 -23.52 -33.82 -15.08
N GLU B 352 -23.18 -32.53 -15.02
CA GLU B 352 -23.83 -31.48 -15.81
C GLU B 352 -23.67 -31.72 -17.31
N THR B 353 -22.54 -32.34 -17.73
CA THR B 353 -22.32 -32.66 -19.15
C THR B 353 -22.38 -34.15 -19.47
N ALA B 354 -21.98 -35.02 -18.52
CA ALA B 354 -21.93 -36.48 -18.68
C ALA B 354 -23.30 -37.16 -18.71
N GLY B 355 -24.17 -36.85 -17.74
CA GLY B 355 -25.50 -37.45 -17.65
C GLY B 355 -26.66 -36.47 -17.57
N GLY B 356 -26.37 -35.19 -17.57
CA GLY B 356 -27.38 -34.15 -17.48
C GLY B 356 -28.31 -33.98 -18.68
N LYS B 357 -29.39 -33.23 -18.47
CA LYS B 357 -30.41 -32.96 -19.47
C LYS B 357 -30.07 -31.71 -20.29
N PHE B 358 -29.20 -30.85 -19.76
CA PHE B 358 -28.85 -29.61 -20.42
C PHE B 358 -27.32 -29.40 -20.50
N PRO B 359 -26.54 -30.28 -21.19
CA PRO B 359 -25.08 -30.10 -21.22
C PRO B 359 -24.59 -28.83 -21.91
N VAL B 360 -25.14 -28.52 -23.10
CA VAL B 360 -24.77 -27.33 -23.88
C VAL B 360 -25.06 -26.05 -23.11
N GLU B 361 -26.26 -25.96 -22.45
CA GLU B 361 -26.56 -24.73 -21.71
C GLU B 361 -25.70 -24.61 -20.48
N ALA B 362 -25.31 -25.77 -19.87
CA ALA B 362 -24.41 -25.78 -18.71
C ALA B 362 -23.07 -25.15 -19.05
N VAL B 363 -22.44 -25.56 -20.20
CA VAL B 363 -21.14 -25.05 -20.66
C VAL B 363 -21.24 -23.55 -21.03
N THR B 364 -22.31 -23.16 -21.75
CA THR B 364 -22.60 -21.78 -22.19
C THR B 364 -22.64 -20.83 -21.03
N ILE B 365 -23.47 -21.10 -20.01
CA ILE B 365 -23.55 -20.20 -18.87
C ILE B 365 -22.21 -20.17 -18.13
N MET B 366 -21.52 -21.31 -18.05
CA MET B 366 -20.20 -21.37 -17.43
C MET B 366 -19.22 -20.41 -18.12
N SER B 367 -19.19 -20.38 -19.45
CA SER B 367 -18.36 -19.41 -20.19
C SER B 367 -18.80 -17.96 -19.92
N LYS B 368 -20.11 -17.73 -19.79
CA LYS B 368 -20.64 -16.39 -19.56
C LYS B 368 -20.27 -15.85 -18.20
N ILE B 369 -20.27 -16.71 -17.18
CA ILE B 369 -19.89 -16.32 -15.82
C ILE B 369 -18.39 -16.01 -15.83
N CYS B 370 -17.54 -16.88 -16.45
CA CYS B 370 -16.10 -16.64 -16.56
C CYS B 370 -15.82 -15.29 -17.22
N LEU B 371 -16.44 -15.00 -18.40
CA LEU B 371 -16.26 -13.71 -19.08
C LEU B 371 -16.62 -12.53 -18.16
N GLU B 372 -17.75 -12.65 -17.47
CA GLU B 372 -18.25 -11.64 -16.54
C GLU B 372 -17.27 -11.43 -15.35
N ALA B 373 -16.75 -12.53 -14.74
CA ALA B 373 -15.80 -12.44 -13.64
C ALA B 373 -14.44 -11.92 -14.08
N GLU B 374 -13.98 -12.30 -15.27
CA GLU B 374 -12.69 -11.86 -15.82
C GLU B 374 -12.71 -10.39 -16.14
N ALA B 375 -13.85 -9.84 -16.57
CA ALA B 375 -14.01 -8.40 -16.87
C ALA B 375 -13.97 -7.51 -15.59
N CYS B 376 -13.96 -8.14 -14.39
CA CYS B 376 -13.89 -7.53 -13.04
C CYS B 376 -12.54 -7.28 -12.57
N ILE B 377 -11.65 -8.24 -12.84
CA ILE B 377 -10.29 -8.23 -12.35
C ILE B 377 -9.60 -6.93 -12.70
N ASP B 378 -8.95 -6.34 -11.68
CA ASP B 378 -8.07 -5.17 -11.83
C ASP B 378 -6.76 -5.88 -12.15
N TYR B 379 -6.38 -5.91 -13.43
CA TYR B 379 -5.20 -6.67 -13.85
C TYR B 379 -3.87 -6.06 -13.46
N LYS B 380 -3.81 -4.71 -13.32
CA LYS B 380 -2.59 -4.03 -12.89
C LYS B 380 -2.32 -4.35 -11.41
N LEU B 381 -3.39 -4.38 -10.58
CA LEU B 381 -3.28 -4.76 -9.16
C LEU B 381 -2.95 -6.24 -8.99
N LEU B 382 -3.44 -7.11 -9.89
CA LEU B 382 -3.19 -8.54 -9.83
C LEU B 382 -1.72 -8.84 -10.16
N TYR B 383 -1.16 -8.15 -11.16
CA TYR B 383 0.24 -8.29 -11.54
C TYR B 383 1.15 -7.88 -10.36
N GLN B 384 0.83 -6.74 -9.71
CA GLN B 384 1.59 -6.22 -8.57
C GLN B 384 1.62 -7.16 -7.39
N SER B 385 0.47 -7.79 -7.07
CA SER B 385 0.40 -8.73 -5.95
C SER B 385 1.21 -10.01 -6.19
N LEU B 386 1.29 -10.50 -7.47
CA LEU B 386 2.04 -11.70 -7.84
C LEU B 386 3.52 -11.40 -7.66
N VAL B 387 3.94 -10.28 -8.25
CA VAL B 387 5.28 -9.71 -8.22
C VAL B 387 5.76 -9.44 -6.80
N ASN B 388 4.88 -8.96 -5.91
CA ASN B 388 5.24 -8.75 -4.51
C ASN B 388 5.47 -10.08 -3.78
N ALA B 389 4.61 -11.09 -4.03
CA ALA B 389 4.69 -12.41 -3.39
C ALA B 389 5.82 -13.35 -3.91
N ILE B 390 6.52 -12.97 -5.01
CA ILE B 390 7.62 -13.75 -5.61
C ILE B 390 8.97 -13.08 -5.26
N GLU B 391 10.02 -13.90 -5.05
CA GLU B 391 11.34 -13.41 -4.67
C GLU B 391 12.30 -13.15 -5.86
N THR B 392 12.92 -11.93 -5.85
CA THR B 392 13.91 -11.47 -6.82
C THR B 392 15.31 -11.79 -6.25
N PRO B 393 16.25 -12.37 -7.05
CA PRO B 393 16.15 -12.68 -8.48
C PRO B 393 15.43 -13.97 -8.86
N ILE B 394 14.89 -13.91 -10.07
CA ILE B 394 14.18 -14.94 -10.82
C ILE B 394 15.04 -15.11 -12.07
N SER B 395 14.78 -16.14 -12.88
CA SER B 395 15.55 -16.36 -14.11
C SER B 395 15.30 -15.30 -15.18
N VAL B 396 16.23 -15.20 -16.12
CA VAL B 396 16.15 -14.34 -17.30
C VAL B 396 14.80 -14.63 -18.03
N GLN B 397 14.44 -15.92 -18.16
N GLN B 397 14.43 -15.93 -18.18
CA GLN B 397 13.21 -16.42 -18.80
CA GLN B 397 13.19 -16.40 -18.82
C GLN B 397 11.95 -15.91 -18.11
C GLN B 397 11.94 -15.88 -18.12
N GLU B 398 11.90 -15.96 -16.76
CA GLU B 398 10.74 -15.49 -15.96
C GLU B 398 10.57 -13.97 -16.05
N ALA B 399 11.70 -13.20 -15.95
CA ALA B 399 11.74 -11.73 -16.07
C ALA B 399 11.25 -11.22 -17.41
N VAL B 400 11.55 -11.94 -18.50
CA VAL B 400 11.14 -11.56 -19.86
C VAL B 400 9.65 -11.87 -20.02
N ALA B 401 9.14 -12.99 -19.44
CA ALA B 401 7.72 -13.36 -19.45
C ALA B 401 6.91 -12.36 -18.64
N ARG B 402 7.42 -11.98 -17.46
CA ARG B 402 6.89 -11.00 -16.52
C ARG B 402 6.73 -9.64 -17.25
N SER B 403 7.82 -9.16 -17.89
CA SER B 403 7.85 -7.90 -18.63
C SER B 403 6.92 -7.87 -19.83
N ALA B 404 6.66 -9.04 -20.47
CA ALA B 404 5.74 -9.13 -21.63
C ALA B 404 4.34 -8.80 -21.15
N VAL B 405 3.97 -9.29 -19.96
CA VAL B 405 2.68 -9.07 -19.30
C VAL B 405 2.56 -7.60 -18.94
N GLU B 406 3.63 -7.01 -18.31
CA GLU B 406 3.65 -5.61 -17.88
C GLU B 406 3.56 -4.66 -19.08
N THR B 407 4.35 -4.93 -20.13
CA THR B 407 4.31 -4.16 -21.37
C THR B 407 2.95 -4.25 -22.00
N ALA B 408 2.40 -5.48 -22.09
CA ALA B 408 1.07 -5.72 -22.66
C ALA B 408 0.00 -4.88 -21.99
N GLU B 409 0.03 -4.79 -20.63
CA GLU B 409 -0.91 -4.01 -19.83
C GLU B 409 -0.71 -2.49 -19.99
N SER B 410 0.55 -2.01 -19.97
CA SER B 410 0.93 -0.60 -20.12
C SER B 410 0.47 0.03 -21.45
N ILE B 411 0.51 -0.73 -22.57
CA ILE B 411 0.15 -0.24 -23.90
C ILE B 411 -1.19 -0.80 -24.41
N GLN B 412 -1.89 -1.57 -23.55
CA GLN B 412 -3.14 -2.27 -23.81
C GLN B 412 -3.04 -3.12 -25.11
N ALA B 413 -2.07 -4.06 -25.12
CA ALA B 413 -1.81 -4.96 -26.25
C ALA B 413 -2.92 -5.99 -26.39
N SER B 414 -3.20 -6.39 -27.65
CA SER B 414 -4.23 -7.36 -27.99
C SER B 414 -3.81 -8.80 -27.66
N LEU B 415 -2.51 -9.11 -27.79
CA LEU B 415 -1.99 -10.46 -27.59
C LEU B 415 -0.53 -10.50 -27.15
N ILE B 416 -0.16 -11.62 -26.53
CA ILE B 416 1.21 -11.97 -26.19
C ILE B 416 1.48 -13.26 -26.96
N ILE B 417 2.31 -13.17 -28.00
CA ILE B 417 2.66 -14.27 -28.88
C ILE B 417 3.93 -14.94 -28.35
N ALA B 418 3.78 -16.15 -27.82
CA ALA B 418 4.89 -16.95 -27.29
C ALA B 418 5.29 -18.07 -28.29
N LEU B 419 6.54 -18.06 -28.70
CA LEU B 419 7.12 -19.07 -29.60
C LEU B 419 7.78 -20.07 -28.66
N THR B 420 7.19 -21.26 -28.50
CA THR B 420 7.73 -22.24 -27.56
C THR B 420 7.51 -23.71 -28.00
N GLU B 421 8.56 -24.53 -27.89
CA GLU B 421 8.49 -25.94 -28.24
C GLU B 421 7.84 -26.74 -27.11
N THR B 422 8.35 -26.57 -25.87
CA THR B 422 7.88 -27.27 -24.68
C THR B 422 6.54 -26.71 -24.17
N GLY B 423 6.40 -25.38 -24.17
CA GLY B 423 5.24 -24.65 -23.67
C GLY B 423 5.62 -23.84 -22.45
N TYR B 424 6.90 -23.97 -22.03
CA TYR B 424 7.47 -23.36 -20.86
C TYR B 424 7.34 -21.85 -20.83
N THR B 425 7.56 -21.17 -21.97
CA THR B 425 7.46 -19.71 -22.09
C THR B 425 6.01 -19.28 -21.86
N ALA B 426 5.06 -19.97 -22.56
CA ALA B 426 3.62 -19.72 -22.40
C ALA B 426 3.22 -19.98 -20.94
N ARG B 427 3.79 -21.02 -20.31
CA ARG B 427 3.56 -21.37 -18.91
C ARG B 427 4.00 -20.28 -17.95
N LEU B 428 5.14 -19.61 -18.25
CA LEU B 428 5.70 -18.50 -17.47
C LEU B 428 4.84 -17.23 -17.61
N ILE B 429 4.41 -16.86 -18.84
CA ILE B 429 3.56 -15.69 -19.08
C ILE B 429 2.25 -15.87 -18.35
N ALA B 430 1.60 -17.04 -18.52
CA ALA B 430 0.34 -17.45 -17.89
C ALA B 430 0.35 -17.26 -16.36
N LYS B 431 1.53 -17.48 -15.72
CA LYS B 431 1.76 -17.30 -14.28
C LYS B 431 1.46 -15.85 -13.86
N TYR B 432 1.78 -14.88 -14.72
CA TYR B 432 1.57 -13.45 -14.42
C TYR B 432 0.21 -12.94 -14.83
N LYS B 433 -0.69 -13.85 -15.24
CA LYS B 433 -2.11 -13.63 -15.53
C LYS B 433 -2.40 -12.30 -16.28
N PRO B 434 -1.99 -12.18 -17.57
CA PRO B 434 -2.25 -10.93 -18.30
C PRO B 434 -3.73 -10.73 -18.69
N SER B 435 -4.08 -9.47 -18.97
CA SER B 435 -5.42 -9.04 -19.37
C SER B 435 -5.80 -9.55 -20.76
N CYS B 436 -4.81 -9.75 -21.62
CA CYS B 436 -4.98 -10.22 -23.00
C CYS B 436 -4.63 -11.70 -23.11
N THR B 437 -5.05 -12.33 -24.23
CA THR B 437 -4.78 -13.74 -24.55
C THR B 437 -3.29 -13.98 -24.83
N ILE B 438 -2.77 -15.10 -24.31
CA ILE B 438 -1.43 -15.59 -24.59
C ILE B 438 -1.62 -16.53 -25.80
N LEU B 439 -1.00 -16.18 -26.95
CA LEU B 439 -1.05 -17.00 -28.15
C LEU B 439 0.21 -17.85 -28.20
N ALA B 440 0.07 -19.15 -27.92
CA ALA B 440 1.19 -20.08 -27.88
C ALA B 440 1.35 -20.82 -29.19
N LEU B 441 2.52 -20.61 -29.80
CA LEU B 441 2.90 -21.15 -31.10
C LEU B 441 3.87 -22.31 -30.90
N SER B 442 3.45 -23.50 -31.30
CA SER B 442 4.28 -24.70 -31.17
C SER B 442 4.12 -25.65 -32.34
N ALA B 443 5.18 -26.42 -32.62
CA ALA B 443 5.17 -27.46 -33.65
C ALA B 443 4.73 -28.77 -33.00
N SER B 444 4.83 -28.86 -31.66
CA SER B 444 4.48 -30.04 -30.88
C SER B 444 2.98 -30.20 -30.62
N ASP B 445 2.43 -31.36 -31.05
CA ASP B 445 1.01 -31.67 -30.83
C ASP B 445 0.68 -31.82 -29.33
N SER B 446 1.59 -32.45 -28.54
CA SER B 446 1.40 -32.61 -27.09
C SER B 446 1.41 -31.25 -26.39
N THR B 447 2.33 -30.33 -26.74
CA THR B 447 2.43 -28.98 -26.17
C THR B 447 1.12 -28.21 -26.37
N VAL B 448 0.66 -28.17 -27.62
CA VAL B 448 -0.54 -27.50 -28.12
C VAL B 448 -1.82 -27.94 -27.33
N LYS B 449 -1.94 -29.25 -27.07
CA LYS B 449 -3.05 -29.83 -26.29
C LYS B 449 -2.82 -29.76 -24.77
N CYS B 450 -1.56 -29.61 -24.29
CA CYS B 450 -1.27 -29.57 -22.85
C CYS B 450 -1.48 -28.21 -22.22
N LEU B 451 -1.24 -27.15 -22.98
CA LEU B 451 -1.32 -25.77 -22.52
C LEU B 451 -2.73 -25.29 -22.18
N ASN B 452 -3.76 -26.05 -22.60
CA ASN B 452 -5.19 -25.85 -22.33
C ASN B 452 -5.52 -25.77 -20.84
N VAL B 453 -4.60 -26.22 -19.97
CA VAL B 453 -4.82 -26.23 -18.53
C VAL B 453 -4.42 -24.88 -17.92
N HIS B 454 -3.67 -24.09 -18.65
CA HIS B 454 -3.25 -22.77 -18.19
C HIS B 454 -4.23 -21.73 -18.61
N ARG B 455 -4.65 -20.92 -17.66
CA ARG B 455 -5.56 -19.80 -17.85
C ARG B 455 -5.02 -18.84 -18.95
N GLY B 456 -5.89 -18.55 -19.93
CA GLY B 456 -5.66 -17.60 -21.02
C GLY B 456 -4.69 -17.96 -22.12
N VAL B 457 -4.29 -19.24 -22.22
CA VAL B 457 -3.38 -19.69 -23.28
C VAL B 457 -4.22 -20.34 -24.40
N THR B 458 -4.05 -19.84 -25.65
CA THR B 458 -4.69 -20.35 -26.88
C THR B 458 -3.55 -20.79 -27.80
N CYS B 459 -3.67 -21.98 -28.41
CA CYS B 459 -2.61 -22.52 -29.24
C CYS B 459 -2.92 -22.61 -30.72
N ILE B 460 -1.85 -22.39 -31.47
CA ILE B 460 -1.75 -22.55 -32.89
C ILE B 460 -0.62 -23.57 -33.08
N LYS B 461 -0.89 -24.63 -33.87
CA LYS B 461 0.12 -25.63 -34.21
C LYS B 461 0.79 -25.15 -35.49
N VAL B 462 2.12 -24.97 -35.44
CA VAL B 462 2.91 -24.49 -36.57
C VAL B 462 3.48 -25.68 -37.36
N GLY B 463 3.36 -25.63 -38.68
CA GLY B 463 3.81 -26.71 -39.56
C GLY B 463 5.32 -26.89 -39.70
N SER B 464 6.08 -25.81 -39.49
CA SER B 464 7.54 -25.82 -39.60
C SER B 464 8.17 -24.89 -38.56
N PHE B 465 9.51 -24.75 -38.62
CA PHE B 465 10.29 -23.88 -37.74
C PHE B 465 11.15 -22.94 -38.60
N GLN B 466 10.48 -22.24 -39.55
CA GLN B 466 11.11 -21.29 -40.47
C GLN B 466 11.47 -20.00 -39.72
N GLY B 467 11.53 -18.88 -40.44
CA GLY B 467 11.84 -17.57 -39.87
C GLY B 467 10.98 -17.21 -38.66
N THR B 468 11.62 -16.56 -37.67
CA THR B 468 10.97 -16.11 -36.46
C THR B 468 9.89 -15.06 -36.79
N ASP B 469 10.09 -14.28 -37.85
CA ASP B 469 9.16 -13.25 -38.30
C ASP B 469 8.02 -13.79 -39.18
N ILE B 470 8.24 -14.89 -39.94
CA ILE B 470 7.21 -15.53 -40.77
C ILE B 470 6.16 -16.18 -39.83
N VAL B 471 6.65 -16.90 -38.77
CA VAL B 471 5.84 -17.54 -37.73
C VAL B 471 4.91 -16.50 -37.09
N ILE B 472 5.47 -15.36 -36.66
CA ILE B 472 4.74 -14.27 -36.02
C ILE B 472 3.67 -13.68 -36.96
N ARG B 473 4.03 -13.37 -38.23
CA ARG B 473 3.15 -12.80 -39.27
C ARG B 473 1.95 -13.69 -39.54
N ASN B 474 2.20 -14.99 -39.74
CA ASN B 474 1.17 -16.00 -40.01
C ASN B 474 0.21 -16.14 -38.86
N ALA B 475 0.71 -16.01 -37.60
CA ALA B 475 -0.05 -16.09 -36.34
C ALA B 475 -0.95 -14.87 -36.13
N ILE B 476 -0.53 -13.71 -36.65
CA ILE B 476 -1.31 -12.48 -36.56
C ILE B 476 -2.44 -12.57 -37.59
N GLU B 477 -2.12 -13.11 -38.78
CA GLU B 477 -3.07 -13.30 -39.88
C GLU B 477 -4.19 -14.23 -39.38
N ILE B 478 -3.81 -15.32 -38.70
CA ILE B 478 -4.73 -16.26 -38.09
C ILE B 478 -5.55 -15.56 -36.99
N ALA B 479 -4.88 -14.77 -36.13
CA ALA B 479 -5.50 -14.02 -35.03
C ALA B 479 -6.59 -13.05 -35.54
N LYS B 480 -6.31 -12.36 -36.66
CA LYS B 480 -7.22 -11.41 -37.31
C LYS B 480 -8.48 -12.11 -37.81
N GLN B 481 -8.30 -13.25 -38.55
CA GLN B 481 -9.36 -14.11 -39.09
C GLN B 481 -10.27 -14.62 -37.97
N ARG B 482 -9.66 -14.95 -36.81
CA ARG B 482 -10.31 -15.44 -35.58
C ARG B 482 -10.86 -14.26 -34.72
N ASN B 483 -10.66 -13.00 -35.16
CA ASN B 483 -11.11 -11.75 -34.52
C ASN B 483 -10.54 -11.55 -33.11
N MET B 484 -9.37 -12.16 -32.82
CA MET B 484 -8.64 -12.03 -31.55
C MET B 484 -7.83 -10.73 -31.55
N ALA B 485 -7.38 -10.31 -32.76
CA ALA B 485 -6.58 -9.11 -33.01
C ALA B 485 -7.11 -8.40 -34.24
N LYS B 486 -7.05 -7.08 -34.24
CA LYS B 486 -7.52 -6.28 -35.36
C LYS B 486 -6.40 -5.34 -35.82
N VAL B 487 -6.46 -4.86 -37.07
CA VAL B 487 -5.46 -3.93 -37.61
C VAL B 487 -5.36 -2.65 -36.75
N GLY B 488 -4.11 -2.27 -36.43
CA GLY B 488 -3.81 -1.10 -35.61
C GLY B 488 -3.58 -1.43 -34.15
N ASP B 489 -3.74 -2.71 -33.76
CA ASP B 489 -3.50 -3.15 -32.39
C ASP B 489 -2.01 -3.45 -32.19
N SER B 490 -1.57 -3.49 -30.95
CA SER B 490 -0.20 -3.85 -30.64
C SER B 490 -0.20 -5.28 -30.16
N VAL B 491 0.85 -6.01 -30.49
CA VAL B 491 1.05 -7.37 -29.98
C VAL B 491 2.45 -7.43 -29.40
N ILE B 492 2.65 -8.28 -28.40
CA ILE B 492 3.95 -8.52 -27.78
C ILE B 492 4.39 -9.87 -28.31
N ALA B 493 5.63 -9.95 -28.79
CA ALA B 493 6.23 -11.18 -29.28
C ALA B 493 7.41 -11.51 -28.37
N ILE B 494 7.39 -12.70 -27.75
CA ILE B 494 8.47 -13.15 -26.85
C ILE B 494 9.14 -14.43 -27.40
N HIS B 495 10.49 -14.43 -27.46
CA HIS B 495 11.38 -15.51 -27.94
C HIS B 495 12.83 -15.14 -27.78
N ASN B 506 17.25 -14.24 -25.31
CA ASN B 506 15.94 -14.07 -24.67
C ASN B 506 15.47 -12.63 -24.87
N LEU B 507 14.38 -12.45 -25.67
CA LEU B 507 13.90 -11.12 -25.99
C LEU B 507 12.37 -10.98 -26.09
N MET B 508 11.94 -9.71 -26.08
CA MET B 508 10.57 -9.27 -26.16
C MET B 508 10.48 -8.12 -27.15
N LYS B 509 9.51 -8.16 -28.08
CA LYS B 509 9.32 -7.05 -29.01
C LYS B 509 7.84 -6.66 -29.15
N VAL B 510 7.57 -5.39 -29.47
CA VAL B 510 6.21 -4.89 -29.66
C VAL B 510 5.98 -4.74 -31.16
N VAL B 511 4.92 -5.37 -31.67
CA VAL B 511 4.62 -5.37 -33.09
C VAL B 511 3.24 -4.72 -33.37
N GLN B 512 3.17 -3.87 -34.39
CA GLN B 512 1.90 -3.28 -34.82
C GLN B 512 1.26 -4.16 -35.90
N ILE B 513 -0.04 -4.45 -35.75
CA ILE B 513 -0.81 -5.21 -36.73
C ILE B 513 -1.06 -4.32 -37.95
N GLU B 514 -0.73 -4.83 -39.15
CA GLU B 514 -0.88 -4.17 -40.44
C GLU B 514 -1.36 -5.15 -41.50
N GLY C 15 20.27 -1.68 11.15
CA GLY C 15 19.34 -1.78 10.02
C GLY C 15 18.01 -1.08 10.22
N ALA C 16 17.60 -0.20 9.26
CA ALA C 16 16.33 0.56 9.25
C ALA C 16 15.96 1.08 7.84
N SER C 17 14.71 1.61 7.69
CA SER C 17 14.10 2.17 6.46
C SER C 17 13.28 3.37 6.92
N MET C 18 13.26 4.56 6.17
CA MET C 18 12.60 5.76 6.75
C MET C 18 12.09 6.95 5.81
N GLN C 19 11.84 8.15 6.49
CA GLN C 19 11.47 9.55 6.13
C GLN C 19 9.98 9.84 5.88
N SER C 20 9.47 10.87 6.61
CA SER C 20 8.08 11.35 6.58
C SER C 20 7.71 12.01 5.26
N ALA C 21 6.57 11.57 4.67
CA ALA C 21 6.04 12.05 3.38
C ALA C 21 5.54 13.50 3.44
N ALA C 22 6.07 14.36 2.54
CA ALA C 22 5.72 15.78 2.46
C ALA C 22 4.53 16.07 1.49
N ASN C 23 3.85 17.23 1.68
CA ASN C 23 2.74 17.73 0.84
C ASN C 23 3.00 19.21 0.66
N ILE C 24 3.58 19.59 -0.49
CA ILE C 24 3.92 20.98 -0.78
C ILE C 24 3.02 21.56 -1.86
N THR C 25 2.47 22.74 -1.60
CA THR C 25 1.68 23.49 -2.58
C THR C 25 2.39 24.86 -2.78
N LEU C 26 2.00 25.62 -3.84
CA LEU C 26 2.51 26.98 -4.11
C LEU C 26 2.16 27.92 -2.96
N ARG C 27 0.96 27.73 -2.39
CA ARG C 27 0.45 28.50 -1.25
C ARG C 27 1.45 28.52 -0.11
N GLN C 28 2.01 27.37 0.28
CA GLN C 28 3.00 27.28 1.36
C GLN C 28 4.28 28.02 0.99
N ILE C 29 4.65 28.00 -0.29
CA ILE C 29 5.86 28.67 -0.77
C ILE C 29 5.70 30.20 -0.87
N LEU C 30 4.58 30.67 -1.37
CA LEU C 30 4.44 32.10 -1.63
C LEU C 30 3.80 32.92 -0.54
N GLU C 31 2.91 32.30 0.25
CA GLU C 31 2.21 33.02 1.29
C GLU C 31 3.00 33.14 2.59
N PRO C 32 2.99 34.31 3.26
CA PRO C 32 3.71 34.42 4.54
C PRO C 32 2.98 33.70 5.68
N ASN C 33 3.79 33.06 6.53
CA ASN C 33 3.40 32.31 7.73
C ASN C 33 3.94 33.22 8.87
N ASN C 34 3.07 34.08 9.42
CA ASN C 34 3.50 35.04 10.46
C ASN C 34 3.17 34.57 11.87
N VAL C 35 2.88 33.26 11.96
CA VAL C 35 2.47 32.49 13.13
C VAL C 35 3.51 32.56 14.27
N ASN C 36 3.02 32.50 15.53
CA ASN C 36 3.80 32.51 16.77
C ASN C 36 4.82 31.36 16.72
N LEU C 37 6.10 31.71 16.95
CA LEU C 37 7.22 30.78 16.92
C LEU C 37 7.20 29.74 18.02
N ARG C 38 6.37 29.93 19.04
CA ARG C 38 6.29 28.94 20.12
C ARG C 38 5.16 27.90 19.92
N SER C 39 4.43 28.02 18.80
CA SER C 39 3.35 27.11 18.38
C SER C 39 3.89 25.90 17.61
N LYS C 40 5.21 25.85 17.36
CA LYS C 40 5.86 24.74 16.63
C LYS C 40 5.88 23.42 17.44
N LYS C 41 6.14 22.30 16.77
CA LYS C 41 6.19 21.00 17.42
C LYS C 41 7.63 20.68 17.80
N THR C 42 8.58 20.89 16.86
CA THR C 42 10.00 20.63 17.08
C THR C 42 10.52 21.57 18.14
N HIS C 43 11.24 21.02 19.13
CA HIS C 43 11.78 21.86 20.19
C HIS C 43 13.23 22.29 19.88
N ILE C 44 13.66 23.36 20.50
CA ILE C 44 14.98 23.89 20.22
C ILE C 44 15.81 23.85 21.45
N VAL C 45 17.01 23.27 21.32
CA VAL C 45 18.03 23.22 22.37
C VAL C 45 19.03 24.34 22.09
N CYS C 46 19.13 25.31 23.00
CA CYS C 46 20.06 26.45 22.85
C CYS C 46 21.24 26.34 23.76
N THR C 47 22.47 26.37 23.21
CA THR C 47 23.70 26.39 24.02
C THR C 47 23.91 27.82 24.51
N LEU C 48 23.98 27.99 25.84
CA LEU C 48 24.11 29.31 26.43
C LEU C 48 25.55 29.66 26.64
N GLY C 49 25.89 30.89 26.27
CA GLY C 49 27.23 31.44 26.40
C GLY C 49 27.23 32.96 26.43
N PRO C 50 28.42 33.57 26.33
CA PRO C 50 28.52 35.05 26.41
C PRO C 50 27.62 35.87 25.48
N ALA C 51 27.32 35.35 24.27
CA ALA C 51 26.49 35.99 23.25
C ALA C 51 25.03 36.18 23.72
N CYS C 52 24.61 35.36 24.70
CA CYS C 52 23.27 35.37 25.28
C CYS C 52 23.31 35.29 26.80
N LYS C 53 24.15 36.12 27.46
CA LYS C 53 24.25 36.09 28.94
C LYS C 53 23.19 36.95 29.63
N SER C 54 22.75 38.04 29.00
CA SER C 54 21.76 38.95 29.58
C SER C 54 20.36 38.33 29.62
N VAL C 55 19.58 38.72 30.64
CA VAL C 55 18.19 38.31 30.86
C VAL C 55 17.38 38.72 29.63
N GLU C 56 17.60 39.97 29.14
CA GLU C 56 16.98 40.56 27.94
C GLU C 56 17.19 39.68 26.70
N THR C 57 18.40 39.13 26.51
CA THR C 57 18.67 38.28 25.35
C THR C 57 17.97 36.91 25.49
N LEU C 58 18.02 36.33 26.70
CA LEU C 58 17.37 35.06 27.05
C LEU C 58 15.86 35.18 26.89
N VAL C 59 15.28 36.37 27.18
CA VAL C 59 13.85 36.63 26.98
C VAL C 59 13.54 36.61 25.47
N LYS C 60 14.41 37.21 24.64
CA LYS C 60 14.25 37.24 23.20
C LYS C 60 14.42 35.85 22.62
N LEU C 61 15.31 35.01 23.23
CA LEU C 61 15.53 33.60 22.81
C LEU C 61 14.31 32.74 23.10
N ILE C 62 13.62 33.01 24.23
CA ILE C 62 12.37 32.34 24.60
C ILE C 62 11.29 32.67 23.54
N ASP C 63 11.15 33.95 23.19
CA ASP C 63 10.18 34.45 22.23
C ASP C 63 10.44 33.92 20.84
N ALA C 64 11.74 33.76 20.50
CA ALA C 64 12.22 33.24 19.23
C ALA C 64 12.01 31.70 19.14
N GLY C 65 11.75 31.04 20.27
CA GLY C 65 11.47 29.62 20.29
C GLY C 65 12.39 28.67 21.03
N MET C 66 13.24 29.16 21.97
CA MET C 66 14.11 28.29 22.78
C MET C 66 13.25 27.46 23.76
N ASP C 67 13.53 26.14 23.88
CA ASP C 67 12.77 25.24 24.77
C ASP C 67 13.64 24.55 25.82
N ILE C 68 14.92 24.28 25.49
CA ILE C 68 15.88 23.64 26.40
C ILE C 68 17.17 24.45 26.39
N CYS C 69 17.73 24.67 27.60
CA CYS C 69 18.97 25.41 27.83
C CYS C 69 20.14 24.48 28.01
N ARG C 70 21.14 24.58 27.11
CA ARG C 70 22.34 23.74 27.19
C ARG C 70 23.49 24.48 27.82
N PHE C 71 24.07 23.88 28.87
CA PHE C 71 25.22 24.39 29.61
C PHE C 71 26.34 23.43 29.33
N ASN C 72 27.30 23.82 28.46
CA ASN C 72 28.45 22.99 28.11
C ASN C 72 29.58 23.20 29.12
N PHE C 73 29.79 22.19 29.99
CA PHE C 73 30.80 22.24 31.04
C PHE C 73 32.22 21.97 30.52
N SER C 74 32.40 22.04 29.19
CA SER C 74 33.70 21.94 28.55
C SER C 74 34.25 23.36 28.49
N HIS C 75 33.33 24.36 28.59
CA HIS C 75 33.60 25.80 28.51
C HIS C 75 33.20 26.56 29.77
N GLY C 76 33.74 27.78 29.92
CA GLY C 76 33.47 28.66 31.06
C GLY C 76 33.82 28.10 32.43
N SER C 77 33.36 28.79 33.49
CA SER C 77 33.57 28.38 34.88
C SER C 77 32.26 27.98 35.57
N HIS C 78 32.35 27.20 36.67
CA HIS C 78 31.24 26.71 37.49
C HIS C 78 30.37 27.93 37.85
N GLU C 79 31.04 29.06 38.22
CA GLU C 79 30.41 30.33 38.57
C GLU C 79 29.76 31.00 37.38
N ASP C 80 30.38 30.94 36.18
CA ASP C 80 29.83 31.50 34.94
C ASP C 80 28.48 30.82 34.64
N HIS C 81 28.44 29.47 34.73
CA HIS C 81 27.27 28.62 34.48
C HIS C 81 26.14 28.84 35.48
N LYS C 82 26.51 29.13 36.75
CA LYS C 82 25.58 29.36 37.84
C LYS C 82 24.89 30.71 37.64
N GLU C 83 25.67 31.78 37.30
CA GLU C 83 25.14 33.13 37.00
C GLU C 83 24.24 33.08 35.76
N MET C 84 24.56 32.19 34.80
CA MET C 84 23.81 31.96 33.58
C MET C 84 22.46 31.29 33.92
N PHE C 85 22.51 30.22 34.74
CA PHE C 85 21.35 29.46 35.21
C PHE C 85 20.40 30.39 35.95
N ASN C 86 20.95 31.26 36.82
CA ASN C 86 20.15 32.21 37.59
C ASN C 86 19.50 33.23 36.68
N ASN C 87 20.23 33.70 35.63
CA ASN C 87 19.70 34.59 34.60
C ASN C 87 18.58 33.93 33.78
N VAL C 88 18.65 32.59 33.55
CA VAL C 88 17.58 31.83 32.87
C VAL C 88 16.32 31.87 33.76
N LEU C 89 16.53 31.66 35.08
CA LEU C 89 15.47 31.68 36.08
C LEU C 89 14.80 33.05 36.13
N LYS C 90 15.58 34.13 35.96
CA LYS C 90 15.09 35.50 35.95
C LYS C 90 14.24 35.79 34.70
N ALA C 91 14.71 35.31 33.51
CA ALA C 91 14.04 35.47 32.21
C ALA C 91 12.70 34.74 32.24
N GLN C 92 12.68 33.52 32.83
CA GLN C 92 11.49 32.67 33.00
C GLN C 92 10.42 33.32 33.86
N GLU C 93 10.79 34.34 34.64
CA GLU C 93 9.86 35.10 35.48
C GLU C 93 9.17 36.19 34.65
N LEU C 94 9.74 36.53 33.49
CA LEU C 94 9.14 37.49 32.55
C LEU C 94 8.27 36.75 31.55
N ARG C 95 8.55 35.47 31.36
CA ARG C 95 7.82 34.58 30.48
C ARG C 95 7.30 33.35 31.31
N PRO C 96 6.19 33.50 32.07
CA PRO C 96 5.71 32.38 32.92
C PRO C 96 4.99 31.23 32.19
N ASN C 97 4.53 31.47 30.95
CA ASN C 97 3.83 30.47 30.13
C ASN C 97 4.86 29.59 29.38
N CYS C 98 6.13 29.69 29.78
CA CYS C 98 7.23 28.95 29.19
C CYS C 98 8.08 28.30 30.28
N LEU C 99 8.17 26.98 30.23
CA LEU C 99 8.91 26.19 31.22
C LEU C 99 10.04 25.48 30.51
N LEU C 100 11.23 26.01 30.66
CA LEU C 100 12.44 25.51 30.01
C LEU C 100 13.06 24.30 30.70
N GLY C 101 13.65 23.43 29.90
CA GLY C 101 14.39 22.27 30.37
C GLY C 101 15.84 22.67 30.54
N MET C 102 16.51 22.13 31.57
CA MET C 102 17.91 22.46 31.85
C MET C 102 18.78 21.27 31.54
N LEU C 103 19.69 21.46 30.59
CA LEU C 103 20.57 20.41 30.11
C LEU C 103 22.02 20.69 30.42
N LEU C 104 22.67 19.76 31.14
CA LEU C 104 24.10 19.80 31.43
C LEU C 104 24.81 18.89 30.42
N ASP C 105 25.80 19.44 29.73
CA ASP C 105 26.61 18.69 28.76
C ASP C 105 27.98 18.47 29.35
N THR C 106 28.32 17.20 29.64
CA THR C 106 29.60 16.86 30.25
C THR C 106 30.79 16.96 29.28
N LYS C 107 31.99 17.02 29.86
CA LYS C 107 33.28 17.05 29.20
C LYS C 107 33.50 15.69 28.50
N GLY C 108 33.48 14.62 29.28
CA GLY C 108 33.70 13.26 28.81
C GLY C 108 35.17 12.97 28.50
N PRO C 109 35.46 11.84 27.80
CA PRO C 109 36.87 11.53 27.47
C PRO C 109 37.36 12.33 26.26
N GLU C 110 37.30 13.66 26.40
CA GLU C 110 37.64 14.67 25.41
C GLU C 110 39.11 15.04 25.36
N ILE C 111 39.55 15.48 24.18
CA ILE C 111 40.88 16.02 23.88
C ILE C 111 40.58 17.43 23.38
N ARG C 112 41.24 18.45 23.95
CA ARG C 112 40.98 19.84 23.59
C ARG C 112 42.24 20.65 23.33
N THR C 113 42.06 21.79 22.59
CA THR C 113 43.11 22.78 22.37
C THR C 113 43.14 23.55 23.71
N GLY C 114 44.25 24.18 24.04
CA GLY C 114 44.38 24.88 25.31
C GLY C 114 43.77 26.26 25.37
N PHE C 115 44.28 27.07 26.33
CA PHE C 115 43.88 28.45 26.55
C PHE C 115 44.85 29.32 25.78
N LEU C 116 44.42 30.53 25.40
CA LEU C 116 45.25 31.46 24.62
C LEU C 116 45.50 32.78 25.35
N LYS C 117 46.67 33.41 25.12
CA LYS C 117 47.03 34.69 25.74
C LYS C 117 46.26 35.88 25.14
N ASN C 118 45.59 35.66 24.00
CA ASN C 118 44.77 36.65 23.30
C ASN C 118 43.32 36.14 23.19
N LYS C 119 43.06 34.98 23.81
CA LYS C 119 41.79 34.24 23.92
C LYS C 119 41.20 33.76 22.56
N GLU C 120 41.67 34.34 21.44
CA GLU C 120 41.26 34.05 20.05
C GLU C 120 42.41 34.33 19.06
N VAL C 121 42.86 33.28 18.34
CA VAL C 121 43.94 33.37 17.35
C VAL C 121 43.43 33.09 15.92
N HIS C 122 44.21 33.53 14.91
CA HIS C 122 43.89 33.39 13.49
C HIS C 122 44.89 32.44 12.79
N LEU C 123 44.56 31.14 12.71
CA LEU C 123 45.40 30.12 12.07
C LEU C 123 45.34 30.29 10.55
N LYS C 124 46.51 30.42 9.89
CA LYS C 124 46.60 30.64 8.43
C LYS C 124 47.06 29.40 7.65
N GLU C 125 46.54 29.22 6.41
CA GLU C 125 46.87 28.09 5.51
C GLU C 125 48.36 28.08 5.14
N GLY C 126 48.97 26.89 5.28
CA GLY C 126 50.37 26.66 4.98
C GLY C 126 51.34 27.10 6.08
N SER C 127 50.78 27.50 7.23
CA SER C 127 51.56 27.94 8.39
C SER C 127 51.84 26.77 9.32
N LYS C 128 53.08 26.73 9.87
CA LYS C 128 53.52 25.70 10.82
C LYS C 128 52.96 26.01 12.22
N LEU C 129 52.45 24.96 12.90
CA LEU C 129 51.86 25.10 14.23
C LEU C 129 52.39 24.01 15.17
N LYS C 130 52.91 24.43 16.32
CA LYS C 130 53.40 23.51 17.35
C LYS C 130 52.23 23.19 18.29
N LEU C 131 52.10 21.91 18.68
CA LEU C 131 51.06 21.46 19.60
C LEU C 131 51.69 20.77 20.81
N VAL C 132 51.84 21.53 21.90
CA VAL C 132 52.45 21.09 23.16
C VAL C 132 51.47 20.29 24.03
N THR C 133 52.01 19.51 25.00
CA THR C 133 51.22 18.70 25.95
C THR C 133 50.98 19.44 27.30
N ASP C 134 51.77 20.50 27.60
CA ASP C 134 51.63 21.33 28.80
C ASP C 134 50.35 22.18 28.62
N TYR C 135 49.25 21.77 29.28
CA TYR C 135 47.94 22.41 29.18
C TYR C 135 47.83 23.73 29.98
N GLU C 136 48.90 24.11 30.72
CA GLU C 136 48.99 25.34 31.49
C GLU C 136 49.49 26.53 30.63
N PHE C 137 49.91 26.25 29.37
CA PHE C 137 50.44 27.23 28.40
C PHE C 137 49.37 28.01 27.62
N LEU C 138 49.50 29.36 27.63
CA LEU C 138 48.63 30.31 26.92
C LEU C 138 49.17 30.50 25.50
N GLY C 139 48.48 29.89 24.54
CA GLY C 139 48.87 29.87 23.14
C GLY C 139 48.66 31.12 22.30
N ASP C 140 49.31 31.11 21.12
CA ASP C 140 49.27 32.10 20.03
C ASP C 140 49.08 31.28 18.73
N GLU C 141 49.13 31.91 17.54
CA GLU C 141 48.93 31.16 16.29
C GLU C 141 50.14 30.24 15.90
N THR C 142 51.29 30.30 16.65
CA THR C 142 52.50 29.49 16.38
C THR C 142 52.67 28.30 17.34
N CYS C 143 51.93 28.30 18.49
CA CYS C 143 51.99 27.26 19.53
C CYS C 143 50.69 27.17 20.38
N ILE C 144 50.00 26.01 20.39
CA ILE C 144 48.77 25.76 21.17
C ILE C 144 48.89 24.47 22.01
N ALA C 145 48.29 24.45 23.23
CA ALA C 145 48.28 23.31 24.14
C ALA C 145 47.30 22.20 23.74
N CYS C 146 47.55 20.97 24.22
CA CYS C 146 46.71 19.78 24.03
C CYS C 146 46.49 19.13 25.40
N SER C 147 45.26 18.64 25.66
CA SER C 147 44.89 18.02 26.93
C SER C 147 45.29 16.53 27.06
N TYR C 148 45.67 15.89 25.93
CA TYR C 148 46.09 14.49 25.91
C TYR C 148 47.61 14.42 25.92
N LYS C 149 48.21 14.10 27.09
CA LYS C 149 49.66 13.98 27.28
C LYS C 149 50.29 12.92 26.38
N LYS C 150 49.48 11.90 25.96
CA LYS C 150 49.90 10.80 25.09
C LYS C 150 49.96 11.16 23.59
N LEU C 151 49.63 12.43 23.23
CA LEU C 151 49.60 12.99 21.87
C LEU C 151 50.86 12.69 20.99
N PRO C 152 52.14 13.03 21.35
CA PRO C 152 53.26 12.71 20.44
C PRO C 152 53.63 11.23 20.39
N GLN C 153 53.00 10.42 21.26
CA GLN C 153 53.16 8.97 21.38
C GLN C 153 51.96 8.28 20.70
N SER C 154 51.07 9.09 20.04
CA SER C 154 49.83 8.67 19.38
C SER C 154 49.69 9.10 17.89
N VAL C 155 50.46 10.09 17.39
CA VAL C 155 50.34 10.55 16.00
C VAL C 155 51.70 10.58 15.25
N LYS C 156 51.68 10.17 13.95
CA LYS C 156 52.87 10.11 13.08
C LYS C 156 52.82 11.11 11.89
N PRO C 157 53.99 11.46 11.26
CA PRO C 157 53.95 12.40 10.12
C PRO C 157 52.96 11.98 9.03
N GLY C 158 52.17 12.95 8.56
CA GLY C 158 51.16 12.72 7.54
C GLY C 158 49.75 12.58 8.10
N ASN C 159 49.64 12.41 9.43
CA ASN C 159 48.35 12.27 10.10
C ASN C 159 47.63 13.61 10.17
N ILE C 160 46.32 13.61 9.90
CA ILE C 160 45.53 14.83 9.95
C ILE C 160 44.80 14.90 11.29
N ILE C 161 45.31 15.78 12.17
CA ILE C 161 44.71 16.07 13.48
C ILE C 161 43.56 17.04 13.15
N LEU C 162 42.39 16.80 13.74
CA LEU C 162 41.25 17.68 13.51
C LEU C 162 40.94 18.57 14.70
N ILE C 163 40.54 19.82 14.41
CA ILE C 163 40.19 20.84 15.41
C ILE C 163 38.85 21.49 15.05
N ALA C 164 38.05 21.79 16.10
CA ALA C 164 36.75 22.51 16.04
C ALA C 164 35.77 21.97 15.00
N ASP C 165 35.32 20.70 15.20
CA ASP C 165 34.40 19.96 14.32
C ASP C 165 34.99 19.79 12.90
N GLY C 166 36.32 19.76 12.83
CA GLY C 166 37.05 19.64 11.59
C GLY C 166 37.04 20.89 10.74
N SER C 167 36.83 22.07 11.36
CA SER C 167 36.87 23.36 10.66
C SER C 167 38.34 23.71 10.34
N VAL C 168 39.27 23.14 11.14
CA VAL C 168 40.72 23.27 11.02
C VAL C 168 41.29 21.87 10.79
N SER C 169 42.12 21.70 9.75
CA SER C 169 42.78 20.45 9.39
C SER C 169 44.28 20.64 9.63
N CYS C 170 44.94 19.68 10.32
CA CYS C 170 46.38 19.78 10.61
C CYS C 170 47.17 18.51 10.27
N LYS C 171 47.94 18.58 9.17
CA LYS C 171 48.83 17.52 8.72
C LYS C 171 50.10 17.52 9.59
N VAL C 172 50.43 16.38 10.25
CA VAL C 172 51.63 16.23 11.10
C VAL C 172 52.90 16.28 10.23
N LEU C 173 53.78 17.25 10.51
CA LEU C 173 55.05 17.41 9.79
C LEU C 173 56.12 16.55 10.47
N GLU C 174 56.18 16.60 11.83
CA GLU C 174 57.09 15.83 12.68
C GLU C 174 56.59 15.70 14.13
N THR C 175 56.97 14.59 14.79
CA THR C 175 56.59 14.29 16.18
C THR C 175 57.84 14.19 17.08
N HIS C 176 57.75 14.73 18.32
CA HIS C 176 58.83 14.70 19.30
C HIS C 176 58.39 14.11 20.65
N GLU C 177 58.94 14.59 21.79
CA GLU C 177 58.58 14.04 23.10
C GLU C 177 57.43 14.79 23.80
N ASP C 178 57.53 16.13 23.95
CA ASP C 178 56.56 16.97 24.65
C ASP C 178 55.66 17.82 23.72
N HIS C 179 55.93 17.76 22.40
CA HIS C 179 55.20 18.52 21.38
C HIS C 179 55.21 17.81 20.02
N VAL C 180 54.44 18.37 19.08
CA VAL C 180 54.36 17.94 17.69
C VAL C 180 54.43 19.19 16.80
N ILE C 181 54.76 19.02 15.51
CA ILE C 181 54.82 20.12 14.54
C ILE C 181 53.87 19.77 13.41
N THR C 182 52.86 20.62 13.21
CA THR C 182 51.83 20.41 12.19
C THR C 182 51.78 21.54 11.17
N GLU C 183 51.09 21.31 10.05
CA GLU C 183 50.90 22.32 9.02
C GLU C 183 49.41 22.60 8.96
N VAL C 184 49.02 23.87 9.24
CA VAL C 184 47.64 24.35 9.22
C VAL C 184 47.16 24.28 7.75
N LEU C 185 46.34 23.26 7.42
CA LEU C 185 45.89 23.00 6.05
C LEU C 185 44.87 24.01 5.50
N ASN C 186 44.32 24.91 6.36
CA ASN C 186 43.37 25.95 5.97
C ASN C 186 43.36 27.14 6.94
N SER C 187 42.87 28.30 6.47
CA SER C 187 42.79 29.50 7.28
C SER C 187 41.49 29.53 8.09
N ALA C 188 41.61 29.68 9.43
CA ALA C 188 40.48 29.74 10.38
C ALA C 188 40.85 30.43 11.69
N VAL C 189 39.92 31.25 12.23
CA VAL C 189 40.09 31.91 13.51
C VAL C 189 39.38 31.08 14.59
N ILE C 190 40.11 30.66 15.63
CA ILE C 190 39.57 29.81 16.70
C ILE C 190 39.83 30.41 18.09
N GLY C 191 38.97 30.04 19.05
CA GLY C 191 39.08 30.48 20.43
C GLY C 191 39.72 29.46 21.35
N GLU C 192 39.34 29.50 22.64
CA GLU C 192 39.82 28.61 23.69
C GLU C 192 39.00 27.31 23.82
N ARG C 193 39.71 26.19 24.14
CA ARG C 193 39.21 24.83 24.39
C ARG C 193 38.37 24.23 23.23
N LYS C 194 38.94 24.26 22.01
CA LYS C 194 38.30 23.66 20.83
C LYS C 194 38.51 22.15 20.89
N ASN C 195 37.46 21.37 20.51
CA ASN C 195 37.54 19.91 20.53
C ASN C 195 38.56 19.38 19.50
N MET C 196 39.16 18.22 19.78
CA MET C 196 40.18 17.60 18.94
C MET C 196 39.94 16.11 18.68
N ASN C 197 40.35 15.63 17.49
CA ASN C 197 40.24 14.22 17.10
C ASN C 197 41.57 13.73 16.54
N LEU C 198 42.14 12.69 17.20
CA LEU C 198 43.41 12.09 16.79
C LEU C 198 43.17 10.86 15.89
N PRO C 199 43.76 10.84 14.65
CA PRO C 199 43.46 9.76 13.69
C PRO C 199 43.88 8.34 14.11
N ASN C 200 42.87 7.43 14.12
CA ASN C 200 42.94 5.98 14.44
C ASN C 200 43.47 5.71 15.87
N VAL C 201 43.39 6.72 16.75
CA VAL C 201 43.87 6.67 18.13
C VAL C 201 42.76 6.24 19.07
N LYS C 202 43.05 5.22 19.89
CA LYS C 202 42.18 4.70 20.94
C LYS C 202 42.46 5.56 22.17
N VAL C 203 41.55 6.51 22.44
CA VAL C 203 41.68 7.46 23.55
C VAL C 203 41.56 6.75 24.91
N ASP C 204 42.69 6.70 25.64
CA ASP C 204 42.81 6.09 26.96
C ASP C 204 42.43 7.13 28.02
N LEU C 205 41.12 7.39 28.13
CA LEU C 205 40.53 8.33 29.07
C LEU C 205 39.22 7.74 29.65
N PRO C 206 38.77 8.16 30.88
CA PRO C 206 37.53 7.56 31.42
C PRO C 206 36.26 8.17 30.87
N ILE C 207 35.18 7.37 30.83
CA ILE C 207 33.86 7.81 30.37
C ILE C 207 33.38 9.00 31.23
N ILE C 208 33.38 8.82 32.57
CA ILE C 208 33.06 9.89 33.51
C ILE C 208 34.32 10.08 34.42
N SER C 209 34.91 11.29 34.38
CA SER C 209 36.10 11.66 35.14
C SER C 209 35.70 12.21 36.50
N GLU C 210 36.69 12.58 37.34
CA GLU C 210 36.40 13.18 38.65
C GLU C 210 35.81 14.57 38.46
N LYS C 211 36.15 15.24 37.32
CA LYS C 211 35.62 16.55 36.96
C LYS C 211 34.15 16.42 36.55
N ASP C 212 33.81 15.36 35.78
CA ASP C 212 32.42 15.03 35.36
C ASP C 212 31.57 14.74 36.60
N LYS C 213 32.15 13.98 37.56
CA LYS C 213 31.55 13.58 38.84
C LYS C 213 31.15 14.83 39.62
N ASN C 214 32.08 15.78 39.82
CA ASN C 214 31.84 17.04 40.52
C ASN C 214 30.81 17.91 39.77
N ASP C 215 30.84 17.89 38.42
CA ASP C 215 29.88 18.65 37.62
C ASP C 215 28.45 18.12 37.75
N ILE C 216 28.27 16.77 37.76
CA ILE C 216 26.97 16.11 37.91
C ILE C 216 26.45 16.27 39.36
N LEU C 217 27.30 15.97 40.35
CA LEU C 217 26.96 15.98 41.77
C LEU C 217 26.87 17.36 42.41
N ASN C 218 27.63 18.37 41.93
CA ASN C 218 27.62 19.68 42.60
C ASN C 218 27.00 20.82 41.75
N PHE C 219 26.51 20.51 40.54
CA PHE C 219 25.78 21.47 39.72
C PHE C 219 24.45 20.86 39.34
N ALA C 220 24.44 19.82 38.46
CA ALA C 220 23.21 19.18 37.97
C ALA C 220 22.20 18.81 39.07
N ILE C 221 22.65 18.16 40.16
CA ILE C 221 21.74 17.79 41.25
C ILE C 221 21.32 19.07 42.05
N PRO C 222 22.25 19.89 42.64
CA PRO C 222 21.82 21.10 43.37
C PRO C 222 21.02 22.14 42.57
N MET C 223 21.50 22.54 41.38
CA MET C 223 20.85 23.52 40.48
C MET C 223 19.52 23.01 39.93
N GLY C 224 19.39 21.70 39.80
CA GLY C 224 18.18 21.06 39.33
C GLY C 224 18.11 20.93 37.82
N CYS C 225 19.13 20.29 37.22
CA CYS C 225 19.14 20.01 35.80
C CYS C 225 18.21 18.84 35.53
N ASN C 226 17.54 18.87 34.38
CA ASN C 226 16.58 17.85 33.99
C ASN C 226 17.21 16.77 33.13
N PHE C 227 18.34 17.11 32.49
CA PHE C 227 19.01 16.21 31.58
C PHE C 227 20.51 16.29 31.72
N ILE C 228 21.16 15.17 31.41
CA ILE C 228 22.60 15.07 31.36
C ILE C 228 22.95 14.50 29.99
N ALA C 229 23.50 15.37 29.13
CA ALA C 229 23.97 15.00 27.81
C ALA C 229 25.40 14.56 28.07
N ALA C 230 25.62 13.24 28.17
CA ALA C 230 26.90 12.64 28.49
C ALA C 230 27.77 12.49 27.27
N SER C 231 28.92 13.15 27.25
CA SER C 231 29.81 13.07 26.10
C SER C 231 30.49 11.71 25.94
N PHE C 232 30.61 11.28 24.67
CA PHE C 232 31.28 10.07 24.15
C PHE C 232 30.88 8.75 24.88
N ILE C 233 29.55 8.48 24.96
CA ILE C 233 28.98 7.25 25.54
C ILE C 233 29.31 6.12 24.58
N GLN C 234 29.87 5.02 25.12
CA GLN C 234 30.30 3.89 24.30
C GLN C 234 29.49 2.63 24.52
N SER C 235 28.77 2.54 25.65
CA SER C 235 28.02 1.34 26.02
C SER C 235 26.85 1.60 26.95
N ALA C 236 26.01 0.57 27.15
CA ALA C 236 24.87 0.57 28.07
C ALA C 236 25.41 0.62 29.51
N ASP C 237 26.64 0.09 29.71
CA ASP C 237 27.36 0.07 30.98
C ASP C 237 27.73 1.48 31.43
N ASP C 238 28.04 2.36 30.45
CA ASP C 238 28.37 3.76 30.71
C ASP C 238 27.13 4.51 31.21
N VAL C 239 25.95 4.22 30.61
CA VAL C 239 24.66 4.83 31.00
C VAL C 239 24.34 4.43 32.44
N ARG C 240 24.36 3.10 32.74
CA ARG C 240 24.12 2.50 34.07
C ARG C 240 25.00 3.10 35.14
N LEU C 241 26.22 3.50 34.76
CA LEU C 241 27.23 4.10 35.63
C LEU C 241 26.78 5.49 36.11
N ILE C 242 26.27 6.33 35.18
CA ILE C 242 25.77 7.68 35.45
C ILE C 242 24.51 7.60 36.33
N ARG C 243 23.62 6.63 36.04
CA ARG C 243 22.37 6.39 36.77
C ARG C 243 22.71 6.13 38.23
N ASN C 244 23.77 5.33 38.47
CA ASN C 244 24.30 4.97 39.79
C ASN C 244 24.84 6.18 40.51
N LEU C 245 25.48 7.09 39.76
CA LEU C 245 26.07 8.32 40.25
C LEU C 245 24.98 9.30 40.67
N LEU C 246 23.97 9.51 39.81
CA LEU C 246 22.82 10.39 40.04
C LEU C 246 22.01 10.03 41.29
N GLY C 247 22.04 8.74 41.65
CA GLY C 247 21.40 8.15 42.81
C GLY C 247 19.91 8.45 42.94
N PRO C 248 19.36 8.23 44.16
CA PRO C 248 17.92 8.50 44.37
C PRO C 248 17.61 10.00 44.39
N ARG C 249 18.60 10.83 44.78
CA ARG C 249 18.48 12.29 44.84
C ARG C 249 18.25 12.86 43.44
N GLY C 250 18.92 12.30 42.43
CA GLY C 250 18.80 12.72 41.04
C GLY C 250 18.07 11.72 40.16
N ARG C 251 17.09 10.98 40.74
CA ARG C 251 16.32 9.95 40.06
C ARG C 251 15.44 10.49 38.94
N HIS C 252 15.05 11.78 39.01
CA HIS C 252 14.19 12.42 38.02
C HIS C 252 14.99 13.13 36.92
N ILE C 253 16.32 12.93 36.90
CA ILE C 253 17.24 13.49 35.90
C ILE C 253 17.39 12.47 34.76
N LYS C 254 17.17 12.94 33.53
CA LYS C 254 17.25 12.13 32.31
C LYS C 254 18.69 12.00 31.77
N ILE C 255 19.07 10.80 31.33
CA ILE C 255 20.39 10.54 30.75
C ILE C 255 20.23 10.43 29.27
N ILE C 256 20.77 11.43 28.56
CA ILE C 256 20.76 11.60 27.12
C ILE C 256 22.20 11.33 26.64
N PRO C 257 22.57 10.06 26.37
CA PRO C 257 23.91 9.79 25.81
C PRO C 257 24.14 10.54 24.51
N LYS C 258 25.40 10.93 24.26
CA LYS C 258 25.78 11.61 23.03
C LYS C 258 26.52 10.63 22.13
N ILE C 259 25.99 10.38 20.92
CA ILE C 259 26.64 9.45 20.00
C ILE C 259 27.59 10.27 19.15
N GLU C 260 28.91 10.08 19.38
CA GLU C 260 29.98 10.82 18.73
C GLU C 260 31.26 9.98 18.50
N ASN C 261 31.09 8.66 18.46
CA ASN C 261 32.17 7.68 18.19
C ASN C 261 31.62 6.39 17.60
N ILE C 262 32.51 5.60 16.98
CA ILE C 262 32.23 4.31 16.33
C ILE C 262 31.58 3.34 17.35
N GLU C 263 32.09 3.35 18.58
CA GLU C 263 31.58 2.52 19.67
C GLU C 263 30.11 2.79 19.99
N GLY C 264 29.73 4.07 19.98
CA GLY C 264 28.35 4.50 20.19
C GLY C 264 27.38 4.04 19.11
N ILE C 265 27.85 3.92 17.86
CA ILE C 265 27.05 3.47 16.70
C ILE C 265 26.88 1.95 16.73
N ILE C 266 28.00 1.22 16.96
CA ILE C 266 28.04 -0.24 17.07
C ILE C 266 27.12 -0.71 18.17
N HIS C 267 27.00 0.06 19.28
CA HIS C 267 26.19 -0.34 20.43
C HIS C 267 24.94 0.48 20.62
N PHE C 268 24.58 1.31 19.63
CA PHE C 268 23.44 2.20 19.71
C PHE C 268 22.18 1.56 20.29
N ASP C 269 21.79 0.36 19.82
CA ASP C 269 20.59 -0.35 20.31
C ASP C 269 20.57 -0.55 21.83
N LYS C 270 21.68 -1.04 22.41
CA LYS C 270 21.77 -1.28 23.86
C LYS C 270 21.85 0.03 24.63
N ILE C 271 22.50 1.05 24.04
CA ILE C 271 22.65 2.39 24.63
C ILE C 271 21.27 3.05 24.72
N LEU C 272 20.51 2.98 23.59
CA LEU C 272 19.16 3.51 23.42
C LEU C 272 18.21 2.86 24.44
N ALA C 273 18.36 1.53 24.62
CA ALA C 273 17.57 0.74 25.57
C ALA C 273 17.75 1.24 27.02
N GLU C 274 18.99 1.61 27.40
CA GLU C 274 19.28 2.11 28.74
C GLU C 274 18.93 3.57 28.95
N SER C 275 18.92 4.36 27.88
CA SER C 275 18.76 5.79 27.93
C SER C 275 17.32 6.33 27.92
N ASP C 276 17.21 7.63 28.23
CA ASP C 276 15.99 8.43 28.30
C ASP C 276 15.84 9.31 27.06
N GLY C 277 16.74 9.13 26.09
CA GLY C 277 16.81 9.90 24.86
C GLY C 277 18.21 9.89 24.26
N ILE C 278 18.38 10.39 23.03
CA ILE C 278 19.67 10.38 22.33
C ILE C 278 20.02 11.77 21.75
N MET C 279 21.32 12.10 21.74
CA MET C 279 21.81 13.29 21.07
C MET C 279 22.79 12.88 19.95
N ILE C 280 22.45 13.23 18.70
CA ILE C 280 23.30 12.98 17.56
C ILE C 280 24.34 14.10 17.59
N ALA C 281 25.51 13.82 18.17
CA ALA C 281 26.59 14.80 18.34
C ALA C 281 27.49 14.80 17.10
N ARG C 282 26.94 15.31 15.99
CA ARG C 282 27.52 15.32 14.65
C ARG C 282 28.90 15.94 14.53
N GLY C 283 29.26 16.89 15.39
CA GLY C 283 30.56 17.55 15.35
C GLY C 283 31.72 16.58 15.53
N ASP C 284 31.79 15.95 16.72
CA ASP C 284 32.80 14.95 17.05
C ASP C 284 32.60 13.70 16.21
N LEU C 285 31.35 13.34 15.93
CA LEU C 285 30.99 12.18 15.12
C LEU C 285 31.53 12.30 13.67
N GLY C 286 31.45 13.52 13.11
CA GLY C 286 31.93 13.86 11.78
C GLY C 286 33.44 13.88 11.68
N MET C 287 34.11 14.02 12.82
CA MET C 287 35.57 14.01 12.96
C MET C 287 36.07 12.56 13.12
N GLU C 288 35.27 11.68 13.74
CA GLU C 288 35.60 10.26 13.97
C GLU C 288 35.37 9.37 12.75
N ILE C 289 34.22 9.53 12.06
CA ILE C 289 33.90 8.80 10.83
C ILE C 289 33.99 9.78 9.63
N SER C 290 34.10 9.25 8.39
CA SER C 290 34.15 10.08 7.19
C SER C 290 32.89 11.00 7.16
N PRO C 291 33.04 12.32 6.85
CA PRO C 291 31.87 13.21 6.87
C PRO C 291 30.69 12.73 6.02
N GLU C 292 30.95 12.04 4.91
CA GLU C 292 29.92 11.52 4.00
C GLU C 292 29.07 10.39 4.60
N LYS C 293 29.48 9.81 5.74
CA LYS C 293 28.77 8.72 6.41
C LYS C 293 27.87 9.20 7.58
N VAL C 294 28.07 10.45 8.02
CA VAL C 294 27.33 11.05 9.13
C VAL C 294 25.81 11.13 8.84
N PHE C 295 25.42 11.47 7.59
CA PHE C 295 24.00 11.57 7.25
C PHE C 295 23.28 10.19 7.37
N LEU C 296 24.04 9.09 7.17
CA LEU C 296 23.54 7.73 7.30
C LEU C 296 23.26 7.46 8.77
N ALA C 297 24.21 7.83 9.64
CA ALA C 297 24.09 7.65 11.08
C ALA C 297 22.88 8.41 11.62
N GLN C 298 22.76 9.70 11.27
CA GLN C 298 21.65 10.57 11.67
C GLN C 298 20.29 9.92 11.34
N LYS C 299 20.06 9.58 10.06
CA LYS C 299 18.81 8.96 9.61
C LYS C 299 18.50 7.62 10.30
N LEU C 300 19.49 6.72 10.41
CA LEU C 300 19.31 5.43 11.08
C LEU C 300 18.89 5.60 12.54
N MET C 301 19.63 6.45 13.30
CA MET C 301 19.35 6.75 14.71
C MET C 301 17.97 7.37 14.95
N ILE C 302 17.55 8.34 14.13
CA ILE C 302 16.22 8.97 14.23
C ILE C 302 15.13 7.92 14.02
N SER C 303 15.26 7.14 12.92
CA SER C 303 14.35 6.04 12.57
C SER C 303 14.14 5.07 13.75
N LYS C 304 15.23 4.69 14.44
CA LYS C 304 15.24 3.80 15.59
C LYS C 304 14.63 4.43 16.82
N CYS C 305 14.96 5.70 17.13
CA CYS C 305 14.43 6.38 18.31
C CYS C 305 12.94 6.55 18.21
N ASN C 306 12.45 6.99 17.03
CA ASN C 306 11.05 7.15 16.67
C ASN C 306 10.28 5.83 16.89
N LEU C 307 10.93 4.69 16.56
CA LEU C 307 10.37 3.35 16.69
C LEU C 307 10.14 2.98 18.14
N GLN C 308 11.08 3.35 19.05
CA GLN C 308 11.01 3.08 20.50
C GLN C 308 10.30 4.21 21.26
N GLY C 309 9.87 5.24 20.54
CA GLY C 309 9.23 6.42 21.12
C GLY C 309 10.13 7.19 22.07
N LYS C 310 11.46 7.04 21.92
CA LYS C 310 12.47 7.72 22.74
C LYS C 310 12.81 9.06 22.05
N PRO C 311 13.04 10.17 22.78
CA PRO C 311 13.32 11.45 22.09
C PRO C 311 14.73 11.53 21.50
N ILE C 312 14.89 12.22 20.36
CA ILE C 312 16.21 12.42 19.75
C ILE C 312 16.46 13.93 19.44
N ILE C 313 17.69 14.38 19.72
CA ILE C 313 18.15 15.75 19.48
C ILE C 313 19.18 15.68 18.32
N THR C 314 19.00 16.47 17.25
CA THR C 314 19.95 16.55 16.13
C THR C 314 20.80 17.78 16.39
N ALA C 315 22.11 17.58 16.52
CA ALA C 315 22.99 18.67 16.89
C ALA C 315 24.15 18.90 15.96
N THR C 316 24.72 20.13 16.06
CA THR C 316 25.96 20.69 15.52
C THR C 316 25.95 21.10 14.04
N GLN C 317 26.37 22.36 13.81
CA GLN C 317 26.55 23.05 12.52
C GLN C 317 25.27 23.12 11.70
N MET C 318 24.11 23.14 12.38
CA MET C 318 22.82 23.24 11.71
C MET C 318 22.64 24.57 11.00
N LEU C 319 23.15 25.68 11.60
CA LEU C 319 23.10 27.04 11.08
C LEU C 319 24.46 27.73 11.36
N GLU C 320 25.56 26.99 11.23
CA GLU C 320 26.93 27.43 11.50
C GLU C 320 27.31 28.81 10.92
N SER C 321 26.93 29.10 9.65
CA SER C 321 27.21 30.38 8.99
C SER C 321 26.61 31.56 9.77
N MET C 322 25.55 31.29 10.56
CA MET C 322 24.88 32.30 11.36
C MET C 322 25.69 32.80 12.60
N THR C 323 26.94 32.28 12.82
CA THR C 323 27.81 32.79 13.90
C THR C 323 28.35 34.15 13.46
N LYS C 324 28.32 34.41 12.13
CA LYS C 324 28.77 35.67 11.50
C LYS C 324 27.66 36.39 10.70
N ASN C 325 26.70 35.65 10.12
CA ASN C 325 25.66 36.27 9.29
C ASN C 325 24.24 36.32 9.89
N PRO C 326 23.47 37.42 9.67
CA PRO C 326 22.08 37.46 10.17
C PRO C 326 21.12 36.50 9.43
N ARG C 327 21.60 35.82 8.37
CA ARG C 327 20.79 34.88 7.60
C ARG C 327 21.64 33.62 7.19
N PRO C 328 21.02 32.41 7.04
CA PRO C 328 21.83 31.18 6.79
C PRO C 328 22.07 30.80 5.33
N THR C 329 22.91 29.78 5.13
CA THR C 329 23.18 29.21 3.79
C THR C 329 21.97 28.32 3.39
N ARG C 330 21.92 27.92 2.12
CA ARG C 330 20.85 27.08 1.59
C ARG C 330 20.91 25.69 2.19
N ALA C 331 22.15 25.17 2.38
CA ALA C 331 22.43 23.85 2.96
C ALA C 331 21.93 23.76 4.41
N GLU C 332 22.11 24.86 5.16
CA GLU C 332 21.66 24.97 6.56
C GLU C 332 20.13 24.92 6.69
N VAL C 333 19.41 25.55 5.78
CA VAL C 333 17.94 25.51 5.75
C VAL C 333 17.43 24.06 5.50
N THR C 334 18.00 23.37 4.49
CA THR C 334 17.59 21.99 4.20
C THR C 334 17.99 21.05 5.34
N ASP C 335 19.14 21.27 6.01
CA ASP C 335 19.58 20.48 7.18
C ASP C 335 18.54 20.47 8.33
N VAL C 336 18.06 21.64 8.76
CA VAL C 336 17.04 21.79 9.80
C VAL C 336 15.75 21.17 9.30
N ALA C 337 15.29 21.56 8.10
CA ALA C 337 14.06 21.04 7.49
C ALA C 337 14.05 19.54 7.35
N ASN C 338 15.15 18.97 6.88
CA ASN C 338 15.27 17.54 6.71
C ASN C 338 15.41 16.80 8.04
N ALA C 339 15.99 17.41 9.11
CA ALA C 339 16.06 16.74 10.42
C ALA C 339 14.63 16.60 10.95
N VAL C 340 13.78 17.65 10.82
CA VAL C 340 12.38 17.63 11.19
C VAL C 340 11.68 16.50 10.40
N LEU C 341 11.82 16.47 9.06
CA LEU C 341 11.20 15.43 8.21
C LEU C 341 11.72 14.02 8.49
N ASP C 342 12.99 13.88 8.93
CA ASP C 342 13.57 12.59 9.33
C ASP C 342 12.84 12.06 10.58
N GLY C 343 12.38 12.97 11.44
CA GLY C 343 11.63 12.64 12.64
C GLY C 343 12.28 13.03 13.95
N THR C 344 13.13 14.05 13.92
CA THR C 344 13.83 14.52 15.12
C THR C 344 12.86 15.20 16.08
N ASP C 345 13.12 15.07 17.38
CA ASP C 345 12.29 15.70 18.39
C ASP C 345 12.77 17.14 18.62
N CYS C 346 14.10 17.32 18.68
CA CYS C 346 14.75 18.60 18.90
C CYS C 346 15.82 18.83 17.88
N VAL C 347 16.09 20.10 17.65
CA VAL C 347 17.18 20.62 16.81
C VAL C 347 17.97 21.45 17.80
N MET C 348 19.27 21.55 17.61
CA MET C 348 20.14 22.23 18.56
C MET C 348 21.00 23.33 17.94
N LEU C 349 21.27 24.37 18.73
CA LEU C 349 22.18 25.46 18.38
C LEU C 349 23.33 25.46 19.38
N SER C 350 24.59 25.45 18.87
CA SER C 350 25.80 25.48 19.70
C SER C 350 26.43 26.90 19.67
N GLY C 351 27.45 27.10 18.83
CA GLY C 351 28.13 28.38 18.67
C GLY C 351 27.24 29.51 18.17
N GLU C 352 26.18 29.16 17.39
CA GLU C 352 25.20 30.12 16.85
C GLU C 352 24.58 30.94 17.95
N THR C 353 24.35 30.34 19.13
CA THR C 353 23.78 31.03 20.29
C THR C 353 24.78 31.34 21.40
N ALA C 354 25.77 30.47 21.61
CA ALA C 354 26.74 30.65 22.68
C ALA C 354 27.76 31.78 22.44
N GLY C 355 28.28 31.91 21.22
CA GLY C 355 29.29 32.91 20.90
C GLY C 355 29.09 33.78 19.67
N GLY C 356 28.11 33.45 18.86
CA GLY C 356 27.82 34.17 17.62
C GLY C 356 27.34 35.60 17.75
N LYS C 357 27.31 36.29 16.61
CA LYS C 357 26.92 37.70 16.50
C LYS C 357 25.39 37.87 16.31
N PHE C 358 24.74 36.77 15.94
CA PHE C 358 23.30 36.83 15.66
C PHE C 358 22.52 35.68 16.34
N PRO C 359 22.54 35.57 17.71
CA PRO C 359 21.85 34.43 18.36
C PRO C 359 20.32 34.43 18.28
N VAL C 360 19.67 35.60 18.37
CA VAL C 360 18.20 35.68 18.32
C VAL C 360 17.69 35.31 16.93
N GLU C 361 18.35 35.83 15.88
CA GLU C 361 17.95 35.58 14.50
C GLU C 361 18.18 34.12 14.12
N ALA C 362 19.17 33.45 14.75
CA ALA C 362 19.46 32.03 14.53
C ALA C 362 18.28 31.19 15.04
N VAL C 363 17.86 31.39 16.32
CA VAL C 363 16.69 30.75 16.95
C VAL C 363 15.40 31.05 16.15
N THR C 364 15.22 32.32 15.66
CA THR C 364 14.05 32.75 14.89
C THR C 364 13.91 31.96 13.59
N ILE C 365 15.01 31.89 12.79
CA ILE C 365 15.00 31.18 11.50
C ILE C 365 14.83 29.68 11.75
N MET C 366 15.39 29.17 12.87
CA MET C 366 15.25 27.76 13.19
C MET C 366 13.80 27.41 13.40
N SER C 367 13.07 28.25 14.18
CA SER C 367 11.65 28.08 14.43
C SER C 367 10.86 28.20 13.13
N LYS C 368 11.22 29.17 12.26
CA LYS C 368 10.53 29.39 11.00
C LYS C 368 10.64 28.19 10.06
N ILE C 369 11.84 27.55 10.00
CA ILE C 369 12.10 26.36 9.20
C ILE C 369 11.27 25.19 9.78
N CYS C 370 11.26 25.02 11.11
CA CYS C 370 10.50 23.95 11.77
C CYS C 370 9.05 24.00 11.41
N LEU C 371 8.40 25.16 11.64
CA LEU C 371 7.01 25.41 11.28
C LEU C 371 6.71 25.09 9.82
N GLU C 372 7.64 25.41 8.92
CA GLU C 372 7.50 25.20 7.47
C GLU C 372 7.53 23.73 7.12
N ALA C 373 8.50 22.99 7.70
CA ALA C 373 8.68 21.55 7.52
C ALA C 373 7.50 20.78 8.09
N GLU C 374 7.06 21.11 9.32
CA GLU C 374 5.91 20.49 10.00
C GLU C 374 4.59 20.66 9.22
N ALA C 375 4.44 21.80 8.47
CA ALA C 375 3.29 22.16 7.65
C ALA C 375 3.12 21.29 6.41
N CYS C 376 4.16 20.56 6.02
CA CYS C 376 4.01 19.69 4.87
C CYS C 376 4.02 18.18 5.26
N ILE C 377 4.13 17.85 6.55
CA ILE C 377 4.06 16.47 7.05
C ILE C 377 2.63 15.93 6.83
N ASP C 378 2.49 14.66 6.38
CA ASP C 378 1.16 14.01 6.23
C ASP C 378 1.03 13.18 7.46
N TYR C 379 0.25 13.67 8.42
CA TYR C 379 0.07 13.01 9.70
C TYR C 379 -0.75 11.75 9.65
N LYS C 380 -1.72 11.67 8.74
CA LYS C 380 -2.50 10.44 8.63
C LYS C 380 -1.62 9.31 8.12
N LEU C 381 -0.71 9.60 7.16
CA LEU C 381 0.28 8.64 6.66
C LEU C 381 1.37 8.31 7.68
N LEU C 382 1.79 9.33 8.46
CA LEU C 382 2.80 9.14 9.51
C LEU C 382 2.32 8.19 10.61
N TYR C 383 1.07 8.36 11.07
CA TYR C 383 0.47 7.52 12.11
C TYR C 383 0.33 6.11 11.60
N GLN C 384 -0.08 5.96 10.32
CA GLN C 384 -0.24 4.66 9.65
C GLN C 384 1.06 3.89 9.67
N SER C 385 2.14 4.53 9.19
CA SER C 385 3.45 3.93 9.11
C SER C 385 3.99 3.54 10.48
N LEU C 386 3.73 4.37 11.52
CA LEU C 386 4.16 4.09 12.90
C LEU C 386 3.46 2.84 13.44
N VAL C 387 2.12 2.78 13.32
CA VAL C 387 1.29 1.66 13.74
C VAL C 387 1.73 0.36 13.03
N ASN C 388 2.02 0.42 11.70
CA ASN C 388 2.46 -0.75 10.90
C ASN C 388 3.85 -1.26 11.35
N ALA C 389 4.73 -0.35 11.79
CA ALA C 389 6.07 -0.67 12.27
C ALA C 389 6.10 -1.21 13.72
N ILE C 390 4.99 -1.06 14.49
CA ILE C 390 4.91 -1.54 15.88
C ILE C 390 4.02 -2.80 15.97
N GLU C 391 4.58 -3.92 16.46
CA GLU C 391 3.93 -5.23 16.60
C GLU C 391 2.81 -5.26 17.68
N THR C 392 1.71 -5.97 17.38
CA THR C 392 0.55 -6.09 18.23
C THR C 392 0.43 -7.55 18.84
N PRO C 393 -0.11 -7.74 20.07
CA PRO C 393 -0.69 -6.73 20.97
C PRO C 393 0.31 -5.81 21.70
N ILE C 394 -0.22 -4.67 22.16
CA ILE C 394 0.46 -3.62 22.92
C ILE C 394 -0.30 -3.47 24.27
N SER C 395 0.25 -2.68 25.21
CA SER C 395 -0.38 -2.42 26.49
C SER C 395 -1.65 -1.59 26.29
N VAL C 396 -2.53 -1.64 27.28
CA VAL C 396 -3.78 -0.89 27.31
C VAL C 396 -3.48 0.61 27.27
N GLN C 397 -2.39 1.03 27.98
CA GLN C 397 -1.92 2.41 28.07
C GLN C 397 -1.46 2.92 26.72
N GLU C 398 -0.68 2.10 25.97
CA GLU C 398 -0.21 2.46 24.64
C GLU C 398 -1.39 2.47 23.65
N ALA C 399 -2.37 1.53 23.81
CA ALA C 399 -3.55 1.46 22.96
C ALA C 399 -4.43 2.73 23.05
N VAL C 400 -4.77 3.15 24.28
CA VAL C 400 -5.57 4.34 24.55
C VAL C 400 -4.87 5.58 23.99
N ALA C 401 -3.55 5.73 24.26
CA ALA C 401 -2.68 6.82 23.79
C ALA C 401 -2.70 6.92 22.28
N ARG C 402 -2.62 5.77 21.59
CA ARG C 402 -2.66 5.57 20.13
C ARG C 402 -4.01 6.08 19.59
N SER C 403 -5.11 5.66 20.23
CA SER C 403 -6.48 6.05 19.94
C SER C 403 -6.76 7.52 20.10
N ALA C 404 -6.11 8.21 21.07
CA ALA C 404 -6.21 9.65 21.30
C ALA C 404 -5.68 10.37 20.05
N VAL C 405 -4.56 9.88 19.50
CA VAL C 405 -3.95 10.43 18.28
C VAL C 405 -4.87 10.24 17.08
N GLU C 406 -5.33 9.01 16.82
CA GLU C 406 -6.22 8.69 15.72
C GLU C 406 -7.51 9.52 15.75
N THR C 407 -8.16 9.63 16.93
CA THR C 407 -9.38 10.40 17.16
C THR C 407 -9.17 11.88 16.91
N ALA C 408 -8.10 12.46 17.48
CA ALA C 408 -7.76 13.85 17.32
C ALA C 408 -7.68 14.21 15.83
N GLU C 409 -6.99 13.36 15.03
CA GLU C 409 -6.82 13.55 13.58
C GLU C 409 -8.15 13.37 12.83
N SER C 410 -8.95 12.41 13.22
CA SER C 410 -10.28 12.14 12.65
C SER C 410 -11.26 13.30 12.78
N ILE C 411 -11.30 13.95 13.95
CA ILE C 411 -12.25 15.05 14.22
C ILE C 411 -11.65 16.45 14.11
N GLN C 412 -10.36 16.53 13.74
CA GLN C 412 -9.58 17.77 13.66
C GLN C 412 -9.52 18.47 15.03
N ALA C 413 -9.30 17.70 16.11
CA ALA C 413 -9.14 18.21 17.47
C ALA C 413 -7.93 19.19 17.59
N SER C 414 -8.08 20.19 18.46
CA SER C 414 -7.12 21.25 18.73
C SER C 414 -5.97 20.81 19.62
N LEU C 415 -6.27 19.90 20.59
CA LEU C 415 -5.34 19.41 21.59
C LEU C 415 -5.65 18.03 22.07
N ILE C 416 -4.64 17.38 22.63
CA ILE C 416 -4.78 16.15 23.40
C ILE C 416 -4.31 16.58 24.79
N ILE C 417 -5.20 16.49 25.78
CA ILE C 417 -4.89 16.86 27.16
C ILE C 417 -4.58 15.59 27.90
N ALA C 418 -3.34 15.47 28.38
CA ALA C 418 -2.91 14.27 29.08
C ALA C 418 -2.58 14.61 30.50
N LEU C 419 -3.33 14.02 31.44
CA LEU C 419 -3.06 14.17 32.87
C LEU C 419 -2.08 13.05 33.26
N THR C 420 -0.88 13.43 33.70
CA THR C 420 0.23 12.51 33.95
C THR C 420 1.13 13.01 35.07
N GLU C 421 1.50 12.13 36.02
CA GLU C 421 2.38 12.50 37.13
C GLU C 421 3.87 12.35 36.73
N THR C 422 4.24 11.22 36.11
CA THR C 422 5.63 10.97 35.70
C THR C 422 5.93 11.47 34.30
N GLY C 423 4.91 11.64 33.48
CA GLY C 423 5.04 12.03 32.08
C GLY C 423 4.86 10.85 31.14
N TYR C 424 4.56 9.66 31.71
CA TYR C 424 4.42 8.42 30.95
C TYR C 424 3.39 8.50 29.81
N THR C 425 2.16 8.96 30.12
CA THR C 425 1.04 9.13 29.19
C THR C 425 1.44 10.04 28.01
N ALA C 426 1.99 11.23 28.31
CA ALA C 426 2.43 12.22 27.33
C ALA C 426 3.51 11.67 26.39
N ARG C 427 4.46 10.87 26.94
CA ARG C 427 5.50 10.22 26.16
C ARG C 427 4.86 9.22 25.21
N LEU C 428 3.92 8.38 25.71
CA LEU C 428 3.20 7.41 24.88
C LEU C 428 2.44 8.07 23.75
N ILE C 429 1.77 9.23 24.01
CA ILE C 429 1.06 9.96 22.95
C ILE C 429 2.10 10.52 21.93
N ALA C 430 3.18 11.14 22.42
CA ALA C 430 4.25 11.75 21.62
C ALA C 430 4.85 10.80 20.60
N LYS C 431 4.87 9.48 20.92
CA LYS C 431 5.38 8.39 20.09
C LYS C 431 4.64 8.28 18.75
N TYR C 432 3.33 8.61 18.75
CA TYR C 432 2.46 8.51 17.58
C TYR C 432 2.29 9.82 16.81
N LYS C 433 3.12 10.81 17.17
CA LYS C 433 3.29 12.12 16.52
C LYS C 433 1.97 12.79 16.06
N PRO C 434 1.08 13.23 16.97
CA PRO C 434 -0.17 13.90 16.50
C PRO C 434 0.06 15.25 15.78
N SER C 435 -0.92 15.66 14.98
CA SER C 435 -0.91 16.92 14.24
C SER C 435 -1.21 18.05 15.19
N CYS C 436 -1.98 17.82 16.24
CA CYS C 436 -2.30 18.81 17.27
C CYS C 436 -1.28 18.74 18.41
N THR C 437 -1.18 19.84 19.20
CA THR C 437 -0.31 19.92 20.38
C THR C 437 -0.77 18.87 21.47
N ILE C 438 0.19 18.29 22.21
CA ILE C 438 -0.08 17.45 23.37
C ILE C 438 0.09 18.39 24.53
N LEU C 439 -0.97 18.63 25.29
CA LEU C 439 -0.93 19.49 26.46
C LEU C 439 -0.83 18.63 27.74
N ALA C 440 0.41 18.41 28.22
CA ALA C 440 0.66 17.60 29.40
C ALA C 440 0.49 18.45 30.64
N LEU C 441 -0.27 17.90 31.60
CA LEU C 441 -0.63 18.51 32.88
C LEU C 441 -0.06 17.61 33.97
N SER C 442 0.76 18.17 34.86
CA SER C 442 1.42 17.43 35.93
C SER C 442 1.64 18.31 37.12
N ALA C 443 1.56 17.69 38.32
CA ALA C 443 1.82 18.34 39.61
C ALA C 443 3.30 18.46 39.85
N SER C 444 4.10 17.53 39.24
CA SER C 444 5.56 17.41 39.30
C SER C 444 6.31 18.48 38.48
N ASP C 445 7.28 19.18 39.09
CA ASP C 445 8.10 20.19 38.40
C ASP C 445 9.13 19.58 37.43
N SER C 446 9.73 18.44 37.81
CA SER C 446 10.68 17.71 36.97
C SER C 446 10.02 17.20 35.67
N THR C 447 8.84 16.55 35.76
CA THR C 447 8.07 16.07 34.61
C THR C 447 7.80 17.20 33.59
N VAL C 448 7.28 18.32 34.08
CA VAL C 448 6.94 19.53 33.34
C VAL C 448 8.17 20.08 32.58
N LYS C 449 9.35 19.96 33.18
CA LYS C 449 10.58 20.44 32.54
C LYS C 449 11.34 19.35 31.77
N CYS C 450 10.93 18.08 31.88
CA CYS C 450 11.55 16.94 31.19
C CYS C 450 10.89 16.60 29.86
N LEU C 451 9.57 16.82 29.76
CA LEU C 451 8.77 16.52 28.57
C LEU C 451 9.07 17.40 27.37
N ASN C 452 9.79 18.52 27.57
CA ASN C 452 10.26 19.46 26.55
C ASN C 452 11.12 18.75 25.47
N VAL C 453 11.77 17.62 25.79
CA VAL C 453 12.61 16.91 24.84
C VAL C 453 11.74 16.13 23.81
N HIS C 454 10.44 15.95 24.11
CA HIS C 454 9.52 15.29 23.21
C HIS C 454 8.83 16.29 22.33
N ARG C 455 8.88 16.00 21.04
CA ARG C 455 8.28 16.75 19.96
C ARG C 455 6.76 16.96 20.19
N GLY C 456 6.31 18.22 20.08
CA GLY C 456 4.91 18.61 20.18
C GLY C 456 4.24 18.53 21.54
N VAL C 457 5.02 18.51 22.63
CA VAL C 457 4.52 18.46 24.03
C VAL C 457 4.72 19.81 24.72
N THR C 458 3.64 20.37 25.29
CA THR C 458 3.60 21.62 26.03
C THR C 458 3.01 21.33 27.39
N CYS C 459 3.70 21.72 28.48
CA CYS C 459 3.30 21.49 29.86
C CYS C 459 2.77 22.69 30.58
N ILE C 460 1.78 22.41 31.41
CA ILE C 460 1.18 23.32 32.36
C ILE C 460 1.34 22.60 33.69
N LYS C 461 2.04 23.23 34.63
CA LYS C 461 2.27 22.71 35.98
C LYS C 461 0.96 22.89 36.75
N VAL C 462 0.44 21.81 37.37
CA VAL C 462 -0.83 21.87 38.12
C VAL C 462 -0.63 21.64 39.62
N GLY C 463 -1.70 21.88 40.39
CA GLY C 463 -1.75 21.63 41.82
C GLY C 463 -1.90 20.13 42.07
N SER C 464 -1.23 19.64 43.12
CA SER C 464 -1.19 18.21 43.46
C SER C 464 -2.48 17.63 44.03
N PHE C 465 -3.25 18.43 44.80
CA PHE C 465 -4.45 17.91 45.46
C PHE C 465 -5.73 18.51 44.89
N GLN C 466 -5.85 18.41 43.55
CA GLN C 466 -6.97 18.89 42.75
C GLN C 466 -7.44 17.72 41.87
N GLY C 467 -8.76 17.55 41.79
CA GLY C 467 -9.39 16.50 40.99
C GLY C 467 -9.13 16.63 39.49
N THR C 468 -9.25 15.50 38.79
CA THR C 468 -9.05 15.38 37.35
C THR C 468 -9.88 16.40 36.57
N ASP C 469 -11.15 16.56 36.94
CA ASP C 469 -12.11 17.44 36.27
C ASP C 469 -11.86 18.94 36.52
N ILE C 470 -11.32 19.31 37.68
CA ILE C 470 -11.02 20.72 37.96
C ILE C 470 -9.69 21.10 37.23
N VAL C 471 -8.73 20.17 37.18
CA VAL C 471 -7.46 20.31 36.49
C VAL C 471 -7.68 20.39 34.94
N ILE C 472 -8.65 19.64 34.38
CA ILE C 472 -8.98 19.66 32.94
C ILE C 472 -9.67 20.98 32.56
N ARG C 473 -10.70 21.41 33.32
CA ARG C 473 -11.36 22.69 33.01
C ARG C 473 -10.41 23.90 33.21
N ASN C 474 -9.46 23.84 34.18
CA ASN C 474 -8.45 24.89 34.39
C ASN C 474 -7.49 24.98 33.20
N ALA C 475 -7.06 23.80 32.68
CA ALA C 475 -6.20 23.65 31.51
C ALA C 475 -6.86 24.25 30.28
N ILE C 476 -8.17 23.95 30.09
CA ILE C 476 -8.95 24.45 28.95
C ILE C 476 -8.97 25.99 28.98
N GLU C 477 -9.23 26.58 30.15
CA GLU C 477 -9.27 28.03 30.30
C GLU C 477 -7.90 28.66 30.02
N ILE C 478 -6.81 27.95 30.38
CA ILE C 478 -5.44 28.41 30.08
C ILE C 478 -5.14 28.24 28.58
N ALA C 479 -5.60 27.11 27.97
CA ALA C 479 -5.45 26.85 26.54
C ALA C 479 -6.17 27.95 25.76
N LYS C 480 -7.35 28.39 26.24
CA LYS C 480 -8.13 29.47 25.66
C LYS C 480 -7.39 30.80 25.73
N GLN C 481 -6.82 31.14 26.90
CA GLN C 481 -6.05 32.38 27.10
C GLN C 481 -4.81 32.42 26.20
N ARG C 482 -4.18 31.26 25.96
CA ARG C 482 -3.00 31.16 25.13
C ARG C 482 -3.34 31.00 23.66
N ASN C 483 -4.64 30.78 23.38
CA ASN C 483 -5.18 30.58 22.04
C ASN C 483 -4.65 29.26 21.42
N MET C 484 -4.48 28.25 22.28
CA MET C 484 -4.03 26.90 21.91
C MET C 484 -5.26 26.08 21.54
N ALA C 485 -6.45 26.55 21.97
CA ALA C 485 -7.80 26.00 21.79
C ALA C 485 -8.76 27.19 21.82
N LYS C 486 -10.02 26.99 21.37
CA LYS C 486 -11.05 28.05 21.29
C LYS C 486 -12.45 27.48 21.36
N VAL C 487 -13.42 28.38 21.53
CA VAL C 487 -14.84 28.04 21.54
C VAL C 487 -15.15 27.21 20.30
N GLY C 488 -15.84 26.08 20.50
CA GLY C 488 -16.26 25.21 19.41
C GLY C 488 -15.31 24.08 19.07
N ASP C 489 -14.09 24.09 19.63
CA ASP C 489 -13.11 23.05 19.38
C ASP C 489 -13.43 21.79 20.13
N SER C 490 -12.86 20.69 19.64
CA SER C 490 -12.91 19.40 20.29
C SER C 490 -11.50 19.19 20.80
N VAL C 491 -11.40 18.66 22.00
CA VAL C 491 -10.12 18.34 22.62
C VAL C 491 -10.26 16.91 23.15
N ILE C 492 -9.16 16.16 23.15
CA ILE C 492 -9.14 14.78 23.62
C ILE C 492 -8.51 14.79 24.99
N ALA C 493 -9.21 14.32 26.00
CA ALA C 493 -8.66 14.24 27.35
C ALA C 493 -8.42 12.76 27.68
N ILE C 494 -7.19 12.42 28.08
CA ILE C 494 -6.77 11.06 28.41
C ILE C 494 -6.19 10.97 29.84
N HIS C 495 -6.68 10.01 30.66
CA HIS C 495 -6.23 9.76 32.04
C HIS C 495 -6.58 8.36 32.57
N ASN C 506 -8.21 3.39 32.50
CA ASN C 506 -7.65 3.84 31.21
C ASN C 506 -8.75 4.34 30.27
N LEU C 507 -8.77 5.66 30.01
CA LEU C 507 -9.84 6.21 29.20
C LEU C 507 -9.46 7.40 28.34
N MET C 508 -10.33 7.66 27.37
CA MET C 508 -10.27 8.74 26.43
C MET C 508 -11.65 9.37 26.35
N LYS C 509 -11.69 10.68 26.55
CA LYS C 509 -12.91 11.46 26.52
C LYS C 509 -12.73 12.59 25.49
N VAL C 510 -13.79 12.94 24.75
CA VAL C 510 -13.80 14.05 23.79
C VAL C 510 -14.62 15.20 24.42
N VAL C 511 -13.96 16.32 24.70
CA VAL C 511 -14.54 17.51 25.32
C VAL C 511 -14.71 18.63 24.28
N GLN C 512 -15.90 19.26 24.28
CA GLN C 512 -16.17 20.43 23.45
C GLN C 512 -15.77 21.69 24.24
N ILE C 513 -15.09 22.65 23.60
CA ILE C 513 -14.72 23.89 24.29
C ILE C 513 -15.94 24.81 24.20
N GLU C 514 -16.46 25.19 25.36
CA GLU C 514 -17.65 26.05 25.44
C GLU C 514 -17.33 27.33 26.20
N GLY D 15 0.10 21.49 -5.85
CA GLY D 15 1.45 20.97 -5.62
C GLY D 15 1.63 19.47 -5.77
N ALA D 16 2.60 18.89 -5.01
CA ALA D 16 2.99 17.47 -5.04
C ALA D 16 3.26 16.81 -3.62
N SER D 17 3.71 15.52 -3.60
CA SER D 17 4.04 14.70 -2.42
C SER D 17 5.35 13.93 -2.73
N MET D 18 6.27 13.61 -1.73
CA MET D 18 7.59 13.04 -2.14
C MET D 18 8.53 12.19 -1.17
N GLN D 19 9.85 12.14 -1.58
CA GLN D 19 11.13 11.53 -1.12
C GLN D 19 11.16 10.01 -1.02
N SER D 20 12.17 9.42 -1.73
CA SER D 20 12.45 7.99 -1.91
C SER D 20 12.94 7.25 -0.67
N ALA D 21 12.56 5.95 -0.60
CA ALA D 21 12.89 5.00 0.47
C ALA D 21 14.39 4.68 0.61
N ALA D 22 14.94 5.03 1.80
CA ALA D 22 16.32 4.81 2.24
C ALA D 22 16.39 3.52 3.09
N ASN D 23 17.51 2.78 2.99
CA ASN D 23 17.79 1.56 3.74
C ASN D 23 19.20 1.70 4.26
N ILE D 24 19.36 1.87 5.58
CA ILE D 24 20.66 2.08 6.22
C ILE D 24 21.04 0.91 7.11
N THR D 25 22.17 0.29 6.81
CA THR D 25 22.78 -0.80 7.58
C THR D 25 24.01 -0.20 8.34
N LEU D 26 24.50 -0.90 9.39
CA LEU D 26 25.69 -0.44 10.13
C LEU D 26 26.92 -0.50 9.24
N ARG D 27 27.03 -1.55 8.39
CA ARG D 27 28.16 -1.76 7.48
C ARG D 27 28.31 -0.61 6.49
N GLN D 28 27.19 0.04 6.07
CA GLN D 28 27.22 1.22 5.20
C GLN D 28 27.88 2.39 5.93
N ILE D 29 27.63 2.52 7.25
CA ILE D 29 28.18 3.58 8.10
C ILE D 29 29.64 3.34 8.45
N LEU D 30 30.03 2.06 8.63
CA LEU D 30 31.36 1.69 9.10
C LEU D 30 32.36 1.21 8.03
N GLU D 31 31.98 0.30 7.13
CA GLU D 31 32.88 -0.20 6.09
C GLU D 31 33.11 0.85 4.98
N PRO D 32 34.37 1.07 4.54
CA PRO D 32 34.63 2.10 3.54
C PRO D 32 34.15 1.79 2.12
N ASN D 33 33.74 2.86 1.41
CA ASN D 33 33.27 2.78 0.04
C ASN D 33 34.51 3.05 -0.83
N ASN D 34 35.14 1.95 -1.32
CA ASN D 34 36.37 1.97 -2.13
C ASN D 34 36.14 2.15 -3.64
N VAL D 35 34.87 2.31 -4.07
CA VAL D 35 34.44 2.43 -5.47
C VAL D 35 35.04 3.69 -6.20
N ASN D 36 35.12 3.60 -7.56
CA ASN D 36 35.55 4.67 -8.47
C ASN D 36 34.52 5.80 -8.40
N LEU D 37 34.98 7.06 -8.27
CA LEU D 37 34.10 8.22 -8.11
C LEU D 37 33.22 8.51 -9.34
N ARG D 38 33.67 8.14 -10.53
CA ARG D 38 32.93 8.36 -11.77
C ARG D 38 31.85 7.29 -12.03
N SER D 39 31.76 6.28 -11.14
CA SER D 39 30.77 5.22 -11.22
C SER D 39 29.39 5.64 -10.68
N LYS D 40 29.30 6.82 -10.03
CA LYS D 40 28.05 7.37 -9.47
C LYS D 40 26.98 7.65 -10.55
N LYS D 41 25.71 7.72 -10.11
CA LYS D 41 24.55 7.98 -10.95
C LYS D 41 24.27 9.46 -11.02
N THR D 42 24.39 10.17 -9.87
CA THR D 42 24.17 11.62 -9.80
C THR D 42 25.36 12.34 -10.42
N HIS D 43 25.06 13.22 -11.36
CA HIS D 43 26.09 13.96 -12.08
C HIS D 43 26.38 15.32 -11.47
N ILE D 44 27.66 15.74 -11.57
CA ILE D 44 28.11 17.00 -10.98
C ILE D 44 28.34 18.02 -12.05
N VAL D 45 27.82 19.24 -11.80
CA VAL D 45 28.02 20.43 -12.60
C VAL D 45 29.04 21.29 -11.83
N CYS D 46 30.20 21.57 -12.43
CA CYS D 46 31.24 22.42 -11.83
C CYS D 46 31.34 23.73 -12.57
N THR D 47 31.30 24.86 -11.84
CA THR D 47 31.44 26.18 -12.42
C THR D 47 32.94 26.40 -12.60
N LEU D 48 33.38 26.77 -13.82
CA LEU D 48 34.81 26.98 -14.04
C LEU D 48 35.23 28.41 -13.83
N GLY D 49 36.41 28.57 -13.26
CA GLY D 49 36.95 29.87 -12.94
C GLY D 49 38.44 29.83 -12.69
N PRO D 50 39.01 30.97 -12.17
CA PRO D 50 40.45 31.04 -11.94
C PRO D 50 41.02 29.89 -11.11
N ALA D 51 40.26 29.41 -10.09
CA ALA D 51 40.66 28.32 -9.20
C ALA D 51 40.88 26.99 -9.91
N CYS D 52 40.24 26.80 -11.09
CA CYS D 52 40.38 25.54 -11.85
C CYS D 52 40.63 25.74 -13.35
N LYS D 53 41.29 26.84 -13.73
CA LYS D 53 41.58 27.15 -15.13
C LYS D 53 42.53 26.14 -15.83
N SER D 54 43.58 25.67 -15.12
CA SER D 54 44.61 24.77 -15.67
C SER D 54 44.10 23.40 -16.10
N VAL D 55 44.73 22.85 -17.16
CA VAL D 55 44.44 21.53 -17.73
C VAL D 55 44.67 20.49 -16.63
N GLU D 56 45.74 20.70 -15.83
CA GLU D 56 46.17 19.88 -14.68
C GLU D 56 45.05 19.73 -13.65
N THR D 57 44.37 20.84 -13.31
CA THR D 57 43.27 20.88 -12.35
C THR D 57 42.02 20.27 -12.93
N LEU D 58 41.68 20.61 -14.19
CA LEU D 58 40.51 20.11 -14.90
C LEU D 58 40.54 18.60 -15.03
N VAL D 59 41.75 18.03 -15.18
CA VAL D 59 41.92 16.57 -15.21
C VAL D 59 41.58 15.93 -13.83
N LYS D 60 42.05 16.56 -12.73
CA LYS D 60 41.76 16.12 -11.36
C LYS D 60 40.26 16.27 -11.11
N LEU D 61 39.63 17.35 -11.64
CA LEU D 61 38.19 17.53 -11.52
C LEU D 61 37.43 16.40 -12.23
N ILE D 62 37.91 15.98 -13.42
CA ILE D 62 37.33 14.83 -14.12
C ILE D 62 37.45 13.59 -13.22
N ASP D 63 38.65 13.34 -12.67
CA ASP D 63 38.95 12.22 -11.76
C ASP D 63 38.09 12.21 -10.47
N ALA D 64 37.72 13.42 -9.96
CA ALA D 64 36.90 13.58 -8.76
C ALA D 64 35.39 13.51 -9.03
N GLY D 65 34.99 13.41 -10.31
CA GLY D 65 33.60 13.23 -10.72
C GLY D 65 32.85 14.31 -11.47
N MET D 66 33.51 15.29 -12.06
CA MET D 66 32.86 16.36 -12.82
C MET D 66 32.27 15.80 -14.13
N ASP D 67 31.02 16.16 -14.43
CA ASP D 67 30.30 15.69 -15.61
C ASP D 67 29.94 16.79 -16.58
N ILE D 68 29.64 18.00 -16.05
CA ILE D 68 29.24 19.16 -16.83
C ILE D 68 30.06 20.32 -16.33
N CYS D 69 30.44 21.22 -17.24
CA CYS D 69 31.18 22.44 -17.00
C CYS D 69 30.27 23.64 -17.18
N ARG D 70 30.25 24.52 -16.19
CA ARG D 70 29.42 25.71 -16.21
C ARG D 70 30.27 26.96 -16.44
N PHE D 71 29.87 27.73 -17.44
CA PHE D 71 30.56 28.94 -17.81
C PHE D 71 29.61 30.06 -17.47
N ASN D 72 29.89 30.77 -16.35
CA ASN D 72 29.04 31.87 -15.91
C ASN D 72 29.42 33.13 -16.64
N PHE D 73 28.56 33.60 -17.55
CA PHE D 73 28.82 34.75 -18.40
C PHE D 73 28.55 36.08 -17.69
N SER D 74 28.26 36.01 -16.37
CA SER D 74 28.12 37.16 -15.50
C SER D 74 29.51 37.57 -15.03
N HIS D 75 30.48 36.65 -15.12
CA HIS D 75 31.87 36.80 -14.73
C HIS D 75 32.79 36.56 -15.89
N GLY D 76 34.03 36.98 -15.74
CA GLY D 76 35.03 36.81 -16.80
C GLY D 76 34.77 37.68 -18.01
N SER D 77 35.04 37.10 -19.19
CA SER D 77 34.90 37.70 -20.51
C SER D 77 34.74 36.54 -21.49
N HIS D 78 34.41 36.83 -22.76
CA HIS D 78 34.30 35.85 -23.82
C HIS D 78 35.67 35.17 -24.02
N GLU D 79 36.75 35.94 -24.09
CA GLU D 79 38.10 35.42 -24.28
C GLU D 79 38.53 34.50 -23.12
N ASP D 80 38.26 34.91 -21.87
CA ASP D 80 38.59 34.09 -20.72
C ASP D 80 37.82 32.77 -20.70
N HIS D 81 36.52 32.79 -21.09
CA HIS D 81 35.63 31.62 -21.18
C HIS D 81 36.03 30.68 -22.31
N LYS D 82 36.53 31.22 -23.44
CA LYS D 82 37.05 30.51 -24.62
C LYS D 82 38.34 29.75 -24.27
N GLU D 83 39.27 30.39 -23.52
CA GLU D 83 40.53 29.80 -23.07
C GLU D 83 40.24 28.63 -22.14
N MET D 84 39.26 28.79 -21.23
CA MET D 84 38.85 27.75 -20.29
C MET D 84 38.19 26.55 -21.02
N PHE D 85 37.31 26.87 -22.01
CA PHE D 85 36.60 25.88 -22.82
C PHE D 85 37.60 25.04 -23.59
N ASN D 86 38.63 25.68 -24.15
CA ASN D 86 39.67 24.98 -24.89
C ASN D 86 40.60 24.15 -23.96
N ASN D 87 40.69 24.53 -22.67
CA ASN D 87 41.43 23.79 -21.65
C ASN D 87 40.65 22.55 -21.23
N VAL D 88 39.30 22.63 -21.32
CA VAL D 88 38.41 21.52 -21.04
C VAL D 88 38.57 20.49 -22.16
N LEU D 89 38.72 20.94 -23.41
CA LEU D 89 38.93 20.05 -24.54
C LEU D 89 40.28 19.33 -24.47
N LYS D 90 41.33 19.98 -23.89
CA LYS D 90 42.66 19.37 -23.71
C LYS D 90 42.59 18.36 -22.57
N ALA D 91 41.84 18.68 -21.48
CA ALA D 91 41.64 17.79 -20.33
C ALA D 91 40.98 16.48 -20.79
N GLN D 92 39.97 16.58 -21.67
CA GLN D 92 39.21 15.47 -22.25
C GLN D 92 40.06 14.57 -23.15
N GLU D 93 41.14 15.10 -23.75
CA GLU D 93 42.03 14.30 -24.61
C GLU D 93 42.83 13.31 -23.74
N LEU D 94 43.10 13.69 -22.47
CA LEU D 94 43.81 12.91 -21.46
C LEU D 94 42.87 11.94 -20.76
N ARG D 95 41.56 12.19 -20.87
CA ARG D 95 40.53 11.35 -20.29
C ARG D 95 39.52 10.98 -21.41
N PRO D 96 39.92 10.12 -22.38
CA PRO D 96 38.99 9.82 -23.49
C PRO D 96 37.70 9.06 -23.10
N ASN D 97 37.59 8.58 -21.85
CA ASN D 97 36.38 7.91 -21.37
C ASN D 97 35.43 8.91 -20.67
N CYS D 98 35.75 10.21 -20.77
CA CYS D 98 34.95 11.27 -20.17
C CYS D 98 34.51 12.29 -21.23
N LEU D 99 33.18 12.43 -21.41
CA LEU D 99 32.57 13.34 -22.38
C LEU D 99 31.77 14.37 -21.64
N LEU D 100 32.34 15.58 -21.47
CA LEU D 100 31.73 16.66 -20.68
C LEU D 100 30.74 17.48 -21.45
N GLY D 101 29.63 17.79 -20.79
CA GLY D 101 28.59 18.66 -21.30
C GLY D 101 29.03 20.08 -20.97
N MET D 102 28.78 21.02 -21.88
CA MET D 102 29.18 22.40 -21.76
C MET D 102 27.92 23.25 -21.60
N LEU D 103 27.89 24.04 -20.51
CA LEU D 103 26.71 24.80 -20.14
C LEU D 103 27.07 26.26 -19.99
N LEU D 104 26.37 27.10 -20.75
CA LEU D 104 26.51 28.54 -20.70
C LEU D 104 25.41 29.08 -19.78
N ASP D 105 25.81 29.82 -18.75
CA ASP D 105 24.90 30.45 -17.80
C ASP D 105 24.83 31.95 -18.22
N THR D 106 23.63 32.41 -18.62
CA THR D 106 23.44 33.79 -19.08
C THR D 106 23.48 34.79 -17.93
N LYS D 107 23.86 36.04 -18.25
CA LYS D 107 23.85 37.19 -17.32
C LYS D 107 22.39 37.40 -16.89
N GLY D 108 21.51 37.58 -17.88
CA GLY D 108 20.09 37.84 -17.70
C GLY D 108 19.80 39.19 -17.02
N PRO D 109 18.52 39.40 -16.56
CA PRO D 109 18.18 40.69 -15.91
C PRO D 109 18.72 40.80 -14.48
N GLU D 110 20.05 40.82 -14.33
CA GLU D 110 20.77 40.84 -13.06
C GLU D 110 21.17 42.22 -12.54
N ILE D 111 21.28 42.35 -11.22
CA ILE D 111 21.79 43.56 -10.55
C ILE D 111 23.11 43.10 -9.91
N ARG D 112 24.21 43.77 -10.22
CA ARG D 112 25.52 43.34 -9.73
C ARG D 112 26.27 44.44 -9.05
N THR D 113 27.18 44.06 -8.14
CA THR D 113 28.09 45.06 -7.54
C THR D 113 29.16 45.34 -8.60
N GLY D 114 29.95 46.38 -8.41
CA GLY D 114 30.97 46.72 -9.39
C GLY D 114 32.32 46.04 -9.26
N PHE D 115 33.29 46.63 -9.93
CA PHE D 115 34.70 46.22 -9.89
C PHE D 115 35.33 46.89 -8.69
N LEU D 116 36.44 46.33 -8.19
CA LEU D 116 37.09 46.85 -6.98
C LEU D 116 38.53 47.14 -7.25
N LYS D 117 39.07 48.22 -6.61
CA LYS D 117 40.47 48.66 -6.72
C LYS D 117 41.47 47.53 -6.49
N ASN D 118 41.28 46.76 -5.38
CA ASN D 118 42.11 45.65 -4.88
C ASN D 118 41.52 44.26 -5.04
N LYS D 119 40.59 44.08 -5.98
CA LYS D 119 39.96 42.78 -6.29
C LYS D 119 39.08 42.17 -5.14
N GLU D 120 39.20 42.70 -3.90
CA GLU D 120 38.47 42.24 -2.71
C GLU D 120 38.22 43.37 -1.69
N VAL D 121 37.12 43.28 -0.96
CA VAL D 121 36.78 44.23 0.09
C VAL D 121 36.40 43.48 1.34
N HIS D 122 36.91 43.93 2.48
CA HIS D 122 36.61 43.36 3.79
C HIS D 122 35.62 44.30 4.47
N LEU D 123 34.34 44.10 4.15
CA LEU D 123 33.22 44.86 4.68
C LEU D 123 33.07 44.48 6.14
N LYS D 124 32.94 45.50 7.00
CA LYS D 124 32.85 45.32 8.45
C LYS D 124 31.50 45.73 8.97
N GLU D 125 30.92 44.89 9.83
CA GLU D 125 29.61 45.10 10.46
C GLU D 125 29.63 46.45 11.19
N GLY D 126 28.65 47.30 10.89
CA GLY D 126 28.49 48.61 11.53
C GLY D 126 28.97 49.78 10.70
N SER D 127 29.82 49.49 9.70
CA SER D 127 30.41 50.48 8.80
C SER D 127 29.39 50.92 7.79
N LYS D 128 29.61 52.08 7.22
CA LYS D 128 28.75 52.66 6.21
C LYS D 128 29.32 52.29 4.86
N LEU D 129 28.43 51.99 3.90
CA LEU D 129 28.84 51.68 2.54
C LEU D 129 28.00 52.53 1.58
N LYS D 130 28.70 53.30 0.74
CA LYS D 130 28.04 54.14 -0.26
C LYS D 130 27.91 53.32 -1.53
N LEU D 131 26.69 53.24 -2.10
CA LEU D 131 26.45 52.53 -3.35
C LEU D 131 26.25 53.54 -4.49
N VAL D 132 27.16 53.55 -5.48
CA VAL D 132 27.13 54.48 -6.62
C VAL D 132 26.58 53.80 -7.87
N THR D 133 26.11 54.59 -8.84
CA THR D 133 25.54 54.08 -10.08
C THR D 133 26.52 54.18 -11.26
N ASP D 134 27.70 54.83 -11.06
CA ASP D 134 28.75 54.85 -12.09
C ASP D 134 29.42 53.46 -12.05
N TYR D 135 29.01 52.58 -13.00
CA TYR D 135 29.49 51.21 -13.04
C TYR D 135 30.94 51.05 -13.48
N GLU D 136 31.58 52.13 -13.93
CA GLU D 136 32.99 52.16 -14.35
C GLU D 136 33.94 52.45 -13.18
N PHE D 137 33.39 52.69 -11.99
CA PHE D 137 34.14 53.04 -10.80
C PHE D 137 34.67 51.82 -10.05
N LEU D 138 36.01 51.77 -9.81
CA LEU D 138 36.65 50.70 -9.04
C LEU D 138 36.47 51.09 -7.59
N GLY D 139 35.68 50.32 -6.86
CA GLY D 139 35.39 50.62 -5.47
C GLY D 139 36.36 50.11 -4.42
N ASP D 140 35.94 50.27 -3.18
CA ASP D 140 36.65 49.89 -1.96
C ASP D 140 35.63 49.63 -0.83
N GLU D 141 36.09 49.42 0.40
CA GLU D 141 35.25 49.14 1.59
C GLU D 141 34.22 50.20 1.90
N THR D 142 34.46 51.44 1.47
CA THR D 142 33.63 52.61 1.71
C THR D 142 32.65 52.95 0.58
N CYS D 143 32.90 52.46 -0.66
CA CYS D 143 32.11 52.83 -1.83
C CYS D 143 32.25 51.81 -2.96
N ILE D 144 31.15 51.17 -3.33
CA ILE D 144 31.07 50.18 -4.40
C ILE D 144 29.95 50.61 -5.36
N ALA D 145 30.15 50.34 -6.65
CA ALA D 145 29.20 50.62 -7.71
C ALA D 145 28.14 49.53 -7.74
N CYS D 146 26.98 49.84 -8.37
CA CYS D 146 25.85 48.93 -8.59
C CYS D 146 25.47 49.07 -10.07
N SER D 147 25.16 47.94 -10.74
CA SER D 147 24.86 47.91 -12.19
C SER D 147 23.49 48.46 -12.57
N TYR D 148 22.57 48.58 -11.57
CA TYR D 148 21.22 49.08 -11.76
C TYR D 148 21.19 50.59 -11.54
N LYS D 149 21.05 51.36 -12.64
CA LYS D 149 21.07 52.82 -12.62
C LYS D 149 19.92 53.42 -11.78
N LYS D 150 18.76 52.78 -11.86
CA LYS D 150 17.56 53.18 -11.12
C LYS D 150 17.62 52.83 -9.60
N LEU D 151 18.79 52.35 -9.08
CA LEU D 151 18.95 51.98 -7.66
C LEU D 151 18.47 53.03 -6.66
N PRO D 152 18.91 54.30 -6.70
CA PRO D 152 18.48 55.25 -5.66
C PRO D 152 16.98 55.54 -5.60
N GLN D 153 16.29 55.44 -6.76
CA GLN D 153 14.85 55.69 -6.88
C GLN D 153 14.03 54.42 -6.62
N SER D 154 14.69 53.25 -6.48
CA SER D 154 14.09 51.93 -6.24
C SER D 154 14.07 51.49 -4.77
N VAL D 155 14.87 52.13 -3.90
CA VAL D 155 14.95 51.77 -2.49
C VAL D 155 14.55 52.94 -1.61
N LYS D 156 14.14 52.63 -0.37
CA LYS D 156 13.72 53.59 0.64
C LYS D 156 14.49 53.29 1.93
N PRO D 157 14.82 54.30 2.78
CA PRO D 157 15.51 53.99 4.06
C PRO D 157 14.82 52.88 4.85
N GLY D 158 15.63 51.98 5.40
CA GLY D 158 15.17 50.83 6.16
C GLY D 158 15.14 49.53 5.39
N ASN D 159 15.21 49.61 4.05
CA ASN D 159 15.20 48.42 3.20
C ASN D 159 16.51 47.66 3.36
N ILE D 160 16.47 46.32 3.19
CA ILE D 160 17.69 45.51 3.30
C ILE D 160 18.11 45.05 1.93
N ILE D 161 19.25 45.55 1.44
CA ILE D 161 19.83 45.13 0.17
C ILE D 161 20.67 43.88 0.50
N LEU D 162 20.43 42.79 -0.23
CA LEU D 162 21.16 41.53 -0.05
C LEU D 162 22.19 41.43 -1.16
N ILE D 163 23.39 40.96 -0.80
CA ILE D 163 24.52 40.81 -1.72
C ILE D 163 25.11 39.42 -1.56
N ALA D 164 25.69 38.86 -2.66
CA ALA D 164 26.39 37.58 -2.71
C ALA D 164 25.62 36.42 -2.06
N ASP D 165 24.45 36.10 -2.62
CA ASP D 165 23.53 35.04 -2.20
C ASP D 165 22.93 35.29 -0.80
N GLY D 166 23.00 36.53 -0.35
CA GLY D 166 22.50 36.94 0.96
C GLY D 166 23.58 36.85 2.02
N SER D 167 24.83 36.62 1.60
CA SER D 167 25.98 36.54 2.51
C SER D 167 26.32 37.92 3.14
N VAL D 168 25.91 39.02 2.46
CA VAL D 168 26.07 40.38 2.96
C VAL D 168 24.69 41.04 3.02
N SER D 169 24.37 41.68 4.15
CA SER D 169 23.13 42.41 4.28
C SER D 169 23.48 43.87 4.55
N CYS D 170 22.86 44.82 3.82
CA CYS D 170 23.03 46.27 3.95
C CYS D 170 21.69 46.96 4.18
N LYS D 171 21.59 47.75 5.21
CA LYS D 171 20.37 48.49 5.54
C LYS D 171 20.53 49.90 4.96
N VAL D 172 19.58 50.31 4.09
CA VAL D 172 19.57 51.63 3.46
C VAL D 172 19.32 52.70 4.54
N LEU D 173 20.27 53.65 4.66
CA LEU D 173 20.19 54.75 5.61
C LEU D 173 19.60 55.99 4.97
N GLU D 174 20.07 56.35 3.77
CA GLU D 174 19.60 57.53 3.05
C GLU D 174 19.71 57.35 1.55
N THR D 175 18.76 58.00 0.85
CA THR D 175 18.58 57.95 -0.60
C THR D 175 18.81 59.34 -1.22
N HIS D 176 19.66 59.39 -2.26
CA HIS D 176 20.00 60.63 -2.97
C HIS D 176 19.91 60.39 -4.47
N GLU D 177 19.93 61.47 -5.26
CA GLU D 177 19.80 61.40 -6.71
C GLU D 177 20.56 60.24 -7.35
N ASP D 178 21.89 60.27 -7.28
CA ASP D 178 22.84 59.35 -7.93
C ASP D 178 23.44 58.28 -7.04
N HIS D 179 23.08 58.23 -5.73
CA HIS D 179 23.68 57.27 -4.81
C HIS D 179 22.80 56.94 -3.58
N VAL D 180 23.24 55.92 -2.84
CA VAL D 180 22.57 55.37 -1.66
C VAL D 180 23.62 55.18 -0.55
N ILE D 181 23.28 55.56 0.70
CA ILE D 181 24.15 55.33 1.88
C ILE D 181 23.55 54.12 2.64
N THR D 182 24.38 53.12 2.97
CA THR D 182 23.89 51.94 3.70
C THR D 182 24.76 51.62 4.94
N GLU D 183 24.29 50.67 5.76
CA GLU D 183 25.01 50.17 6.93
C GLU D 183 25.28 48.68 6.67
N VAL D 184 26.54 48.25 6.81
CA VAL D 184 26.90 46.86 6.63
C VAL D 184 26.41 46.13 7.88
N LEU D 185 25.45 45.21 7.71
CA LEU D 185 24.88 44.53 8.89
C LEU D 185 25.72 43.35 9.39
N ASN D 186 26.68 42.89 8.59
CA ASN D 186 27.55 41.77 8.94
C ASN D 186 28.86 41.85 8.19
N SER D 187 29.92 41.35 8.82
CA SER D 187 31.25 41.31 8.24
C SER D 187 31.30 40.22 7.16
N ALA D 188 31.95 40.55 6.02
CA ALA D 188 32.10 39.65 4.88
C ALA D 188 33.22 40.15 3.97
N VAL D 189 33.95 39.21 3.35
CA VAL D 189 34.92 39.58 2.32
C VAL D 189 34.30 39.17 0.96
N ILE D 190 34.23 40.12 0.03
CA ILE D 190 33.62 39.89 -1.28
C ILE D 190 34.49 40.39 -2.42
N GLY D 191 34.38 39.72 -3.56
CA GLY D 191 35.08 40.08 -4.78
C GLY D 191 34.22 41.00 -5.62
N GLU D 192 34.49 41.02 -6.92
CA GLU D 192 33.77 41.89 -7.87
C GLU D 192 32.54 41.22 -8.43
N ARG D 193 31.62 42.05 -8.95
CA ARG D 193 30.39 41.63 -9.61
C ARG D 193 29.63 40.56 -8.85
N LYS D 194 29.37 40.81 -7.57
CA LYS D 194 28.57 39.92 -6.76
C LYS D 194 27.13 40.22 -7.08
N ASN D 195 26.25 39.22 -7.04
CA ASN D 195 24.83 39.42 -7.31
C ASN D 195 24.19 40.26 -6.17
N MET D 196 23.10 40.97 -6.50
CA MET D 196 22.37 41.81 -5.57
C MET D 196 20.87 41.59 -5.67
N ASN D 197 20.18 41.82 -4.56
CA ASN D 197 18.74 41.79 -4.50
C ASN D 197 18.21 43.06 -3.80
N LEU D 198 17.33 43.79 -4.50
CA LEU D 198 16.68 44.99 -4.01
C LEU D 198 15.28 44.59 -3.58
N PRO D 199 14.89 44.82 -2.30
CA PRO D 199 13.54 44.35 -1.88
C PRO D 199 12.38 45.13 -2.53
N ASN D 200 11.34 44.36 -2.90
CA ASN D 200 10.06 44.81 -3.49
C ASN D 200 10.27 45.69 -4.70
N VAL D 201 11.26 45.31 -5.51
CA VAL D 201 11.63 46.00 -6.73
C VAL D 201 11.36 45.01 -7.86
N LYS D 202 10.61 45.45 -8.87
CA LYS D 202 10.36 44.67 -10.08
C LYS D 202 11.41 45.27 -11.02
N VAL D 203 12.46 44.48 -11.27
CA VAL D 203 13.63 44.87 -12.07
C VAL D 203 13.21 45.24 -13.47
N ASP D 204 13.47 46.49 -13.84
CA ASP D 204 13.12 47.00 -15.16
C ASP D 204 14.18 46.58 -16.21
N LEU D 205 14.48 45.25 -16.28
CA LEU D 205 15.45 44.66 -17.22
C LEU D 205 14.86 43.52 -18.02
N PRO D 206 15.25 43.33 -19.30
CA PRO D 206 14.63 42.27 -20.11
C PRO D 206 15.14 40.87 -19.80
N ILE D 207 14.36 39.83 -20.19
CA ILE D 207 14.76 38.44 -20.01
C ILE D 207 16.09 38.17 -20.77
N ILE D 208 16.15 38.53 -22.06
CA ILE D 208 17.35 38.46 -22.89
C ILE D 208 17.70 39.89 -23.30
N SER D 209 18.90 40.35 -22.93
CA SER D 209 19.41 41.66 -23.31
C SER D 209 20.23 41.45 -24.58
N GLU D 210 20.70 42.56 -25.22
CA GLU D 210 21.61 42.45 -26.36
C GLU D 210 22.91 41.69 -25.99
N LYS D 211 23.40 41.82 -24.75
CA LYS D 211 24.60 41.10 -24.28
C LYS D 211 24.31 39.60 -24.13
N ASP D 212 23.11 39.23 -23.65
CA ASP D 212 22.68 37.85 -23.54
C ASP D 212 22.54 37.24 -24.95
N LYS D 213 22.01 38.01 -25.92
CA LYS D 213 21.90 37.62 -27.33
C LYS D 213 23.28 37.32 -27.92
N ASN D 214 24.27 38.19 -27.63
CA ASN D 214 25.62 38.01 -28.13
C ASN D 214 26.34 36.80 -27.48
N ASP D 215 26.10 36.53 -26.20
CA ASP D 215 26.69 35.38 -25.55
C ASP D 215 26.18 34.07 -26.14
N ILE D 216 24.88 34.02 -26.44
CA ILE D 216 24.21 32.87 -27.04
C ILE D 216 24.69 32.63 -28.48
N LEU D 217 24.56 33.63 -29.35
CA LEU D 217 24.89 33.54 -30.77
C LEU D 217 26.37 33.62 -31.09
N ASN D 218 27.15 34.32 -30.26
CA ASN D 218 28.56 34.51 -30.57
C ASN D 218 29.48 33.63 -29.72
N PHE D 219 28.96 32.91 -28.71
CA PHE D 219 29.77 31.96 -27.94
C PHE D 219 29.13 30.56 -27.89
N ALA D 220 27.88 30.44 -27.41
CA ALA D 220 27.20 29.14 -27.31
C ALA D 220 27.09 28.38 -28.62
N ILE D 221 26.68 29.06 -29.70
CA ILE D 221 26.56 28.38 -30.99
C ILE D 221 27.97 28.10 -31.56
N PRO D 222 28.90 29.08 -31.68
CA PRO D 222 30.22 28.77 -32.25
C PRO D 222 31.08 27.81 -31.45
N MET D 223 31.11 27.92 -30.12
CA MET D 223 31.92 27.02 -29.27
C MET D 223 31.35 25.61 -29.17
N GLY D 224 30.04 25.49 -29.37
CA GLY D 224 29.32 24.23 -29.32
C GLY D 224 28.87 23.89 -27.91
N CYS D 225 28.22 24.82 -27.22
CA CYS D 225 27.69 24.53 -25.90
C CYS D 225 26.48 23.62 -26.03
N ASN D 226 26.23 22.77 -25.03
CA ASN D 226 25.13 21.81 -25.06
C ASN D 226 23.90 22.30 -24.36
N PHE D 227 24.07 23.21 -23.43
CA PHE D 227 22.98 23.74 -22.63
C PHE D 227 23.10 25.26 -22.44
N ILE D 228 21.95 25.92 -22.37
CA ILE D 228 21.84 27.32 -21.99
C ILE D 228 21.09 27.32 -20.67
N ALA D 229 21.77 27.71 -19.58
CA ALA D 229 21.08 27.86 -18.31
C ALA D 229 20.68 29.33 -18.30
N ALA D 230 19.37 29.59 -18.48
CA ALA D 230 18.86 30.95 -18.60
C ALA D 230 18.40 31.54 -17.27
N SER D 231 19.12 32.59 -16.87
CA SER D 231 18.89 33.27 -15.61
C SER D 231 17.57 34.00 -15.56
N PHE D 232 16.83 33.82 -14.45
CA PHE D 232 15.58 34.50 -14.15
C PHE D 232 14.43 34.26 -15.13
N ILE D 233 14.17 33.01 -15.52
CA ILE D 233 13.05 32.72 -16.43
C ILE D 233 11.74 32.92 -15.65
N GLN D 234 10.80 33.62 -16.27
CA GLN D 234 9.51 33.94 -15.64
C GLN D 234 8.28 33.32 -16.34
N SER D 235 8.44 32.86 -17.59
CA SER D 235 7.33 32.28 -18.33
C SER D 235 7.83 31.32 -19.39
N ALA D 236 6.88 30.60 -20.04
CA ALA D 236 7.14 29.69 -21.13
C ALA D 236 7.50 30.55 -22.37
N ASP D 237 7.00 31.82 -22.42
CA ASP D 237 7.32 32.75 -23.50
C ASP D 237 8.79 33.06 -23.56
N ASP D 238 9.46 33.16 -22.38
CA ASP D 238 10.91 33.39 -22.29
C ASP D 238 11.69 32.22 -22.93
N VAL D 239 11.33 30.96 -22.61
CA VAL D 239 11.94 29.75 -23.16
C VAL D 239 11.78 29.73 -24.69
N ARG D 240 10.59 30.11 -25.20
CA ARG D 240 10.33 30.14 -26.65
C ARG D 240 11.12 31.22 -27.34
N LEU D 241 11.35 32.36 -26.66
CA LEU D 241 12.17 33.47 -27.14
C LEU D 241 13.57 32.93 -27.39
N ILE D 242 14.16 32.23 -26.39
CA ILE D 242 15.48 31.63 -26.44
C ILE D 242 15.56 30.58 -27.54
N ARG D 243 14.59 29.66 -27.62
CA ARG D 243 14.54 28.65 -28.68
C ARG D 243 14.58 29.32 -30.07
N ASN D 244 13.78 30.41 -30.24
CA ASN D 244 13.77 31.12 -31.51
C ASN D 244 15.11 31.81 -31.78
N LEU D 245 15.73 32.41 -30.75
CA LEU D 245 17.04 33.05 -30.82
C LEU D 245 18.13 32.05 -31.25
N LEU D 246 18.08 30.81 -30.73
CA LEU D 246 19.02 29.74 -31.08
C LEU D 246 18.87 29.33 -32.55
N GLY D 247 17.63 29.24 -33.01
CA GLY D 247 17.29 28.91 -34.39
C GLY D 247 17.80 27.57 -34.90
N PRO D 248 17.82 27.37 -36.24
CA PRO D 248 18.31 26.11 -36.80
C PRO D 248 19.70 25.69 -36.32
N ARG D 249 20.69 26.62 -36.29
CA ARG D 249 22.07 26.35 -35.88
C ARG D 249 22.18 25.87 -34.42
N GLY D 250 21.24 26.32 -33.58
CA GLY D 250 21.20 25.93 -32.18
C GLY D 250 20.13 24.91 -31.84
N ARG D 251 19.59 24.17 -32.83
CA ARG D 251 18.50 23.19 -32.65
C ARG D 251 18.80 22.08 -31.62
N HIS D 252 20.08 21.69 -31.47
CA HIS D 252 20.54 20.63 -30.57
C HIS D 252 20.96 21.14 -29.17
N ILE D 253 20.98 22.48 -28.97
CA ILE D 253 21.32 23.11 -27.71
C ILE D 253 20.10 23.04 -26.81
N LYS D 254 20.25 22.48 -25.60
CA LYS D 254 19.18 22.34 -24.62
C LYS D 254 19.02 23.63 -23.83
N ILE D 255 17.78 24.01 -23.47
CA ILE D 255 17.47 25.20 -22.70
C ILE D 255 17.11 24.71 -21.30
N ILE D 256 17.94 25.09 -20.31
CA ILE D 256 17.74 24.74 -18.91
C ILE D 256 17.32 26.06 -18.19
N PRO D 257 16.01 26.39 -18.11
CA PRO D 257 15.62 27.62 -17.40
C PRO D 257 16.04 27.58 -15.92
N LYS D 258 16.49 28.73 -15.37
CA LYS D 258 16.82 28.84 -13.94
C LYS D 258 15.66 29.46 -13.20
N ILE D 259 15.14 28.74 -12.20
CA ILE D 259 14.06 29.23 -11.33
C ILE D 259 14.73 29.97 -10.19
N GLU D 260 14.68 31.31 -10.23
CA GLU D 260 15.30 32.12 -9.18
C GLU D 260 14.48 33.36 -8.79
N ASN D 261 13.17 33.37 -9.06
CA ASN D 261 12.24 34.44 -8.68
C ASN D 261 10.81 33.88 -8.52
N ILE D 262 9.89 34.66 -7.93
CA ILE D 262 8.51 34.22 -7.66
C ILE D 262 7.75 33.82 -8.93
N GLU D 263 7.96 34.60 -9.99
CA GLU D 263 7.32 34.38 -11.27
C GLU D 263 7.72 33.02 -11.89
N GLY D 264 8.96 32.57 -11.66
CA GLY D 264 9.47 31.27 -12.07
C GLY D 264 8.81 30.11 -11.34
N ILE D 265 8.43 30.30 -10.06
CA ILE D 265 7.73 29.32 -9.22
C ILE D 265 6.24 29.29 -9.62
N ILE D 266 5.59 30.46 -9.69
CA ILE D 266 4.18 30.57 -10.07
C ILE D 266 3.91 29.89 -11.44
N HIS D 267 4.81 30.11 -12.43
CA HIS D 267 4.67 29.58 -13.80
C HIS D 267 5.47 28.34 -14.08
N PHE D 268 5.96 27.66 -13.04
CA PHE D 268 6.80 26.46 -13.11
C PHE D 268 6.28 25.38 -14.03
N ASP D 269 5.03 24.97 -13.89
CA ASP D 269 4.49 23.90 -14.73
C ASP D 269 4.55 24.21 -16.19
N LYS D 270 4.25 25.47 -16.58
CA LYS D 270 4.32 25.86 -17.99
C LYS D 270 5.76 26.03 -18.44
N ILE D 271 6.64 26.56 -17.55
CA ILE D 271 8.09 26.71 -17.84
C ILE D 271 8.67 25.30 -18.12
N LEU D 272 8.46 24.36 -17.18
CA LEU D 272 8.90 22.97 -17.23
C LEU D 272 8.47 22.27 -18.54
N ALA D 273 7.22 22.48 -18.98
CA ALA D 273 6.68 21.94 -20.23
C ALA D 273 7.50 22.32 -21.46
N GLU D 274 8.00 23.57 -21.52
CA GLU D 274 8.80 24.10 -22.63
C GLU D 274 10.29 23.76 -22.51
N SER D 275 10.79 23.68 -21.27
CA SER D 275 12.19 23.44 -20.94
C SER D 275 12.69 22.03 -21.35
N ASP D 276 14.01 21.85 -21.33
CA ASP D 276 14.68 20.58 -21.59
C ASP D 276 15.24 20.09 -20.24
N GLY D 277 14.91 20.81 -19.18
CA GLY D 277 15.37 20.54 -17.83
C GLY D 277 15.31 21.80 -16.99
N ILE D 278 15.64 21.71 -15.70
CA ILE D 278 15.54 22.84 -14.76
C ILE D 278 16.76 22.96 -13.86
N MET D 279 17.14 24.18 -13.55
CA MET D 279 18.15 24.46 -12.52
C MET D 279 17.42 25.17 -11.35
N ILE D 280 17.61 24.67 -10.13
CA ILE D 280 17.03 25.29 -8.93
C ILE D 280 18.12 26.26 -8.51
N ALA D 281 18.04 27.52 -8.98
CA ALA D 281 19.05 28.53 -8.71
C ALA D 281 18.74 29.11 -7.30
N ARG D 282 19.14 28.34 -6.27
CA ARG D 282 18.82 28.64 -4.86
C ARG D 282 19.42 29.93 -4.33
N GLY D 283 20.48 30.44 -4.96
CA GLY D 283 21.16 31.68 -4.55
C GLY D 283 20.21 32.85 -4.58
N ASP D 284 19.84 33.27 -5.80
CA ASP D 284 18.91 34.36 -6.04
C ASP D 284 17.52 34.10 -5.49
N LEU D 285 16.99 32.87 -5.67
CA LEU D 285 15.70 32.46 -5.14
C LEU D 285 15.69 32.68 -3.64
N GLY D 286 16.76 32.28 -2.96
CA GLY D 286 16.93 32.47 -1.52
C GLY D 286 17.03 33.92 -1.08
N MET D 287 17.30 34.87 -2.03
CA MET D 287 17.39 36.31 -1.75
C MET D 287 16.02 36.95 -2.02
N GLU D 288 15.25 36.40 -2.96
CA GLU D 288 13.94 36.91 -3.35
C GLU D 288 12.85 36.41 -2.37
N ILE D 289 12.84 35.09 -2.07
CA ILE D 289 11.86 34.55 -1.12
C ILE D 289 12.57 34.32 0.21
N SER D 290 11.80 34.14 1.29
CA SER D 290 12.34 33.90 2.63
C SER D 290 13.16 32.62 2.62
N PRO D 291 14.38 32.63 3.23
CA PRO D 291 15.24 31.43 3.18
C PRO D 291 14.52 30.13 3.56
N GLU D 292 13.65 30.17 4.59
CA GLU D 292 12.88 28.98 5.03
C GLU D 292 11.99 28.38 3.94
N LYS D 293 11.55 29.18 2.95
CA LYS D 293 10.67 28.75 1.89
C LYS D 293 11.36 27.99 0.77
N VAL D 294 12.67 28.15 0.65
CA VAL D 294 13.46 27.59 -0.45
C VAL D 294 13.45 26.05 -0.44
N PHE D 295 13.57 25.41 0.73
CA PHE D 295 13.56 23.94 0.78
C PHE D 295 12.26 23.32 0.23
N LEU D 296 11.13 24.03 0.40
CA LEU D 296 9.81 23.65 -0.11
C LEU D 296 9.84 23.73 -1.63
N ALA D 297 10.32 24.88 -2.18
CA ALA D 297 10.47 25.09 -3.62
C ALA D 297 11.30 23.98 -4.24
N GLN D 298 12.43 23.63 -3.62
CA GLN D 298 13.31 22.56 -4.09
C GLN D 298 12.61 21.18 -4.12
N LYS D 299 11.97 20.75 -3.03
CA LYS D 299 11.33 19.41 -2.99
C LYS D 299 10.16 19.25 -4.00
N LEU D 300 9.43 20.33 -4.23
CA LEU D 300 8.30 20.41 -5.15
C LEU D 300 8.79 20.29 -6.60
N MET D 301 9.79 21.10 -6.96
CA MET D 301 10.37 21.14 -8.29
C MET D 301 11.01 19.80 -8.71
N ILE D 302 11.72 19.13 -7.79
CA ILE D 302 12.32 17.82 -8.05
C ILE D 302 11.25 16.77 -8.36
N SER D 303 10.16 16.79 -7.60
CA SER D 303 9.02 15.91 -7.74
C SER D 303 8.34 16.07 -9.09
N LYS D 304 8.09 17.33 -9.50
CA LYS D 304 7.42 17.67 -10.76
C LYS D 304 8.28 17.26 -11.96
N CYS D 305 9.61 17.45 -11.85
CA CYS D 305 10.61 17.05 -12.84
C CYS D 305 10.71 15.55 -12.94
N ASN D 306 10.86 14.84 -11.80
CA ASN D 306 10.90 13.37 -11.73
C ASN D 306 9.64 12.76 -12.36
N LEU D 307 8.47 13.37 -12.10
CA LEU D 307 7.22 12.90 -12.67
C LEU D 307 7.11 13.10 -14.17
N GLN D 308 7.79 14.14 -14.73
CA GLN D 308 7.78 14.42 -16.17
C GLN D 308 8.94 13.79 -16.95
N GLY D 309 9.92 13.26 -16.22
CA GLY D 309 11.11 12.68 -16.82
C GLY D 309 12.06 13.75 -17.30
N LYS D 310 11.93 14.98 -16.77
CA LYS D 310 12.79 16.12 -17.12
C LYS D 310 13.91 16.20 -16.09
N PRO D 311 15.17 16.40 -16.53
CA PRO D 311 16.27 16.44 -15.56
C PRO D 311 16.30 17.73 -14.76
N ILE D 312 16.76 17.63 -13.53
CA ILE D 312 16.85 18.75 -12.61
C ILE D 312 18.26 18.84 -12.00
N ILE D 313 18.72 20.09 -11.84
CA ILE D 313 19.98 20.44 -11.20
C ILE D 313 19.65 21.21 -9.90
N THR D 314 20.18 20.75 -8.77
CA THR D 314 20.07 21.46 -7.49
C THR D 314 21.37 22.21 -7.40
N ALA D 315 21.25 23.53 -7.27
CA ALA D 315 22.38 24.44 -7.28
C ALA D 315 22.46 25.33 -6.06
N THR D 316 23.67 25.86 -5.83
CA THR D 316 24.12 26.95 -4.94
C THR D 316 24.20 26.61 -3.46
N GLN D 317 25.38 26.94 -2.89
CA GLN D 317 25.77 26.85 -1.48
C GLN D 317 25.69 25.42 -0.89
N MET D 318 25.74 24.40 -1.77
CA MET D 318 25.71 22.99 -1.37
C MET D 318 26.89 22.63 -0.49
N LEU D 319 28.13 23.09 -0.82
CA LEU D 319 29.32 22.87 0.02
C LEU D 319 30.08 24.18 0.21
N GLU D 320 29.34 25.29 0.43
CA GLU D 320 29.87 26.65 0.55
C GLU D 320 31.14 26.80 1.37
N SER D 321 31.14 26.26 2.62
CA SER D 321 32.27 26.40 3.54
C SER D 321 33.58 25.90 2.97
N MET D 322 33.50 25.04 1.94
CA MET D 322 34.67 24.47 1.28
C MET D 322 35.43 25.45 0.33
N THR D 323 35.00 26.74 0.26
CA THR D 323 35.74 27.80 -0.46
C THR D 323 36.97 28.14 0.39
N LYS D 324 36.89 27.91 1.73
CA LYS D 324 37.96 28.20 2.68
C LYS D 324 38.49 26.96 3.42
N ASN D 325 37.67 25.90 3.51
CA ASN D 325 38.02 24.69 4.25
C ASN D 325 38.10 23.42 3.39
N PRO D 326 39.06 22.49 3.68
CA PRO D 326 39.13 21.23 2.92
C PRO D 326 38.06 20.20 3.31
N ARG D 327 37.16 20.55 4.26
CA ARG D 327 36.08 19.67 4.73
C ARG D 327 34.78 20.47 4.79
N PRO D 328 33.59 19.86 4.50
CA PRO D 328 32.34 20.65 4.62
C PRO D 328 31.74 20.59 6.02
N THR D 329 30.69 21.38 6.25
CA THR D 329 29.95 21.40 7.53
C THR D 329 28.95 20.22 7.55
N ARG D 330 28.38 19.94 8.71
CA ARG D 330 27.43 18.83 8.80
C ARG D 330 26.20 19.05 7.94
N ALA D 331 25.73 20.32 7.88
CA ALA D 331 24.56 20.75 7.11
C ALA D 331 24.76 20.56 5.63
N GLU D 332 25.98 20.86 5.14
CA GLU D 332 26.37 20.75 3.73
C GLU D 332 26.33 19.32 3.20
N VAL D 333 26.78 18.34 3.99
CA VAL D 333 26.73 16.90 3.67
C VAL D 333 25.27 16.44 3.56
N THR D 334 24.40 16.77 4.55
CA THR D 334 22.98 16.41 4.51
C THR D 334 22.27 17.08 3.32
N ASP D 335 22.62 18.35 2.99
CA ASP D 335 22.03 19.06 1.84
C ASP D 335 22.25 18.27 0.52
N VAL D 336 23.50 17.83 0.29
CA VAL D 336 23.85 17.06 -0.90
C VAL D 336 23.12 15.70 -0.91
N ALA D 337 23.25 14.94 0.18
CA ALA D 337 22.63 13.63 0.33
C ALA D 337 21.11 13.73 0.13
N ASN D 338 20.48 14.75 0.72
CA ASN D 338 19.06 14.94 0.63
C ASN D 338 18.64 15.40 -0.72
N ALA D 339 19.51 16.07 -1.49
CA ALA D 339 19.17 16.44 -2.87
C ALA D 339 19.05 15.16 -3.72
N VAL D 340 20.01 14.21 -3.55
CA VAL D 340 20.04 12.90 -4.21
C VAL D 340 18.78 12.05 -3.87
N LEU D 341 18.46 11.88 -2.56
CA LEU D 341 17.28 11.14 -2.11
C LEU D 341 16.01 11.78 -2.58
N ASP D 342 15.98 13.14 -2.67
CA ASP D 342 14.85 13.92 -3.17
C ASP D 342 14.59 13.50 -4.61
N GLY D 343 15.67 13.25 -5.34
CA GLY D 343 15.60 12.80 -6.72
C GLY D 343 16.23 13.72 -7.73
N THR D 344 17.22 14.54 -7.32
CA THR D 344 17.90 15.45 -8.24
C THR D 344 18.75 14.65 -9.25
N ASP D 345 18.88 15.15 -10.47
CA ASP D 345 19.68 14.44 -11.47
C ASP D 345 21.13 14.82 -11.34
N CYS D 346 21.38 16.13 -11.09
CA CYS D 346 22.69 16.74 -10.92
C CYS D 346 22.68 17.55 -9.68
N VAL D 347 23.87 17.77 -9.14
CA VAL D 347 24.17 18.67 -8.02
C VAL D 347 25.24 19.62 -8.57
N MET D 348 25.27 20.86 -8.09
CA MET D 348 26.19 21.86 -8.61
C MET D 348 27.14 22.45 -7.57
N LEU D 349 28.35 22.81 -8.04
CA LEU D 349 29.38 23.51 -7.30
C LEU D 349 29.60 24.80 -8.05
N SER D 350 29.57 25.93 -7.34
CA SER D 350 29.69 27.26 -7.92
C SER D 350 31.01 27.86 -7.51
N GLY D 351 31.02 28.67 -6.45
CA GLY D 351 32.22 29.30 -5.91
C GLY D 351 33.24 28.30 -5.37
N GLU D 352 32.77 27.07 -5.04
CA GLU D 352 33.55 25.94 -4.53
C GLU D 352 34.59 25.47 -5.54
N THR D 353 34.29 25.58 -6.85
CA THR D 353 35.25 25.19 -7.89
C THR D 353 35.79 26.36 -8.67
N ALA D 354 34.99 27.41 -8.87
CA ALA D 354 35.39 28.57 -9.67
C ALA D 354 36.38 29.53 -8.98
N GLY D 355 36.21 29.77 -7.68
CA GLY D 355 37.07 30.70 -6.96
C GLY D 355 37.70 30.20 -5.67
N GLY D 356 37.20 29.09 -5.15
CA GLY D 356 37.64 28.52 -3.89
C GLY D 356 39.08 28.03 -3.79
N LYS D 357 39.46 27.62 -2.57
CA LYS D 357 40.80 27.14 -2.21
C LYS D 357 40.93 25.60 -2.28
N PHE D 358 39.80 24.90 -2.39
CA PHE D 358 39.76 23.45 -2.41
C PHE D 358 38.76 22.94 -3.47
N PRO D 359 38.97 23.28 -4.78
CA PRO D 359 38.04 22.79 -5.81
C PRO D 359 38.01 21.26 -5.99
N VAL D 360 39.17 20.60 -5.98
CA VAL D 360 39.28 19.14 -6.13
C VAL D 360 38.67 18.40 -4.93
N GLU D 361 38.94 18.85 -3.68
CA GLU D 361 38.40 18.13 -2.53
C GLU D 361 36.88 18.37 -2.40
N ALA D 362 36.36 19.46 -2.97
CA ALA D 362 34.93 19.76 -3.01
C ALA D 362 34.21 18.74 -3.92
N VAL D 363 34.73 18.54 -5.17
CA VAL D 363 34.18 17.60 -6.17
C VAL D 363 34.30 16.15 -5.62
N THR D 364 35.46 15.79 -5.02
CA THR D 364 35.70 14.48 -4.44
C THR D 364 34.60 14.10 -3.41
N ILE D 365 34.39 14.95 -2.38
CA ILE D 365 33.44 14.66 -1.33
C ILE D 365 32.00 14.65 -1.89
N MET D 366 31.68 15.53 -2.86
CA MET D 366 30.36 15.56 -3.46
C MET D 366 30.05 14.21 -4.11
N SER D 367 31.06 13.59 -4.79
CA SER D 367 30.94 12.28 -5.42
C SER D 367 30.71 11.25 -4.36
N LYS D 368 31.46 11.36 -3.24
CA LYS D 368 31.41 10.45 -2.09
C LYS D 368 30.08 10.47 -1.34
N ILE D 369 29.44 11.66 -1.21
CA ILE D 369 28.13 11.79 -0.57
C ILE D 369 27.10 11.17 -1.53
N CYS D 370 27.19 11.49 -2.85
CA CYS D 370 26.30 10.99 -3.89
C CYS D 370 26.27 9.46 -3.85
N LEU D 371 27.44 8.79 -3.86
CA LEU D 371 27.57 7.33 -3.82
C LEU D 371 26.98 6.70 -2.56
N GLU D 372 27.19 7.39 -1.43
CA GLU D 372 26.69 6.98 -0.13
C GLU D 372 25.15 7.01 -0.11
N ALA D 373 24.56 8.11 -0.62
CA ALA D 373 23.11 8.29 -0.69
C ALA D 373 22.49 7.38 -1.73
N GLU D 374 23.12 7.22 -2.91
CA GLU D 374 22.60 6.35 -3.97
C GLU D 374 22.49 4.88 -3.50
N ALA D 375 23.35 4.48 -2.52
CA ALA D 375 23.43 3.14 -1.91
C ALA D 375 22.31 2.87 -0.89
N CYS D 376 21.57 3.91 -0.47
CA CYS D 376 20.45 3.86 0.45
C CYS D 376 19.19 3.56 -0.28
N ILE D 377 19.06 4.04 -1.50
CA ILE D 377 17.84 3.93 -2.29
C ILE D 377 17.30 2.49 -2.40
N ASP D 378 15.98 2.38 -2.29
CA ASP D 378 15.27 1.12 -2.53
C ASP D 378 14.69 1.35 -3.93
N TYR D 379 15.40 0.82 -4.94
CA TYR D 379 15.03 1.00 -6.34
C TYR D 379 13.73 0.30 -6.69
N LYS D 380 13.44 -0.83 -6.02
CA LYS D 380 12.18 -1.52 -6.24
C LYS D 380 11.01 -0.62 -5.77
N LEU D 381 11.16 0.05 -4.61
CA LEU D 381 10.12 0.93 -4.12
C LEU D 381 10.03 2.19 -4.96
N LEU D 382 11.18 2.67 -5.48
CA LEU D 382 11.29 3.87 -6.33
C LEU D 382 10.59 3.62 -7.66
N TYR D 383 10.80 2.43 -8.25
CA TYR D 383 10.20 2.06 -9.52
C TYR D 383 8.69 1.99 -9.36
N GLN D 384 8.21 1.31 -8.31
CA GLN D 384 6.81 1.15 -7.97
C GLN D 384 6.12 2.51 -7.86
N SER D 385 6.72 3.45 -7.11
CA SER D 385 6.17 4.79 -6.92
C SER D 385 5.95 5.55 -8.22
N LEU D 386 6.97 5.60 -9.11
CA LEU D 386 6.92 6.29 -10.40
C LEU D 386 5.84 5.70 -11.29
N VAL D 387 5.87 4.37 -11.46
CA VAL D 387 4.90 3.59 -12.23
C VAL D 387 3.45 3.87 -11.75
N ASN D 388 3.25 3.99 -10.41
CA ASN D 388 1.96 4.32 -9.80
C ASN D 388 1.54 5.74 -10.13
N ALA D 389 2.50 6.69 -10.15
CA ALA D 389 2.26 8.10 -10.41
C ALA D 389 1.98 8.42 -11.89
N ILE D 390 2.64 7.71 -12.82
CA ILE D 390 2.49 7.92 -14.26
C ILE D 390 1.27 7.16 -14.76
N GLU D 391 0.31 7.89 -15.36
CA GLU D 391 -0.96 7.33 -15.86
C GLU D 391 -0.85 6.67 -17.24
N THR D 392 -1.45 5.45 -17.32
CA THR D 392 -1.53 4.56 -18.48
C THR D 392 -2.78 4.90 -19.40
N PRO D 393 -2.73 4.67 -20.74
CA PRO D 393 -1.62 4.10 -21.53
C PRO D 393 -0.48 5.06 -21.80
N ILE D 394 0.72 4.47 -21.82
CA ILE D 394 1.97 5.12 -22.14
C ILE D 394 2.32 4.61 -23.54
N SER D 395 3.27 5.27 -24.20
CA SER D 395 3.69 4.88 -25.54
C SER D 395 4.45 3.56 -25.51
N VAL D 396 4.46 2.84 -26.64
CA VAL D 396 5.22 1.59 -26.82
C VAL D 396 6.69 1.84 -26.43
N GLN D 397 7.28 2.98 -26.88
N GLN D 397 7.25 2.98 -26.87
CA GLN D 397 8.64 3.39 -26.59
CA GLN D 397 8.62 3.44 -26.63
C GLN D 397 8.90 3.54 -25.11
C GLN D 397 8.91 3.58 -25.14
N GLU D 398 7.99 4.23 -24.38
CA GLU D 398 8.09 4.43 -22.93
C GLU D 398 7.87 3.09 -22.19
N ALA D 399 7.04 2.19 -22.76
CA ALA D 399 6.74 0.89 -22.17
C ALA D 399 7.93 -0.06 -22.18
N VAL D 400 8.69 -0.12 -23.31
CA VAL D 400 9.86 -0.99 -23.43
C VAL D 400 11.02 -0.43 -22.57
N ALA D 401 11.07 0.91 -22.42
CA ALA D 401 12.06 1.59 -21.57
C ALA D 401 11.83 1.24 -20.09
N ARG D 402 10.55 1.31 -19.66
CA ARG D 402 10.01 0.96 -18.33
C ARG D 402 10.31 -0.54 -18.07
N SER D 403 10.06 -1.40 -19.07
CA SER D 403 10.31 -2.85 -19.00
C SER D 403 11.78 -3.21 -18.93
N ALA D 404 12.67 -2.41 -19.52
CA ALA D 404 14.11 -2.64 -19.41
C ALA D 404 14.55 -2.40 -17.95
N VAL D 405 13.99 -1.37 -17.29
CA VAL D 405 14.29 -1.04 -15.88
C VAL D 405 13.85 -2.21 -14.96
N GLU D 406 12.58 -2.63 -15.07
CA GLU D 406 12.02 -3.72 -14.30
C GLU D 406 12.77 -5.06 -14.54
N THR D 407 13.08 -5.41 -15.82
CA THR D 407 13.82 -6.63 -16.14
C THR D 407 15.24 -6.64 -15.53
N ALA D 408 15.95 -5.48 -15.56
CA ALA D 408 17.28 -5.31 -15.01
C ALA D 408 17.29 -5.53 -13.50
N GLU D 409 16.32 -4.92 -12.79
CA GLU D 409 16.20 -5.04 -11.33
C GLU D 409 15.81 -6.46 -10.91
N SER D 410 14.97 -7.13 -11.71
CA SER D 410 14.53 -8.52 -11.48
C SER D 410 15.68 -9.53 -11.61
N ILE D 411 16.59 -9.33 -12.57
CA ILE D 411 17.72 -10.25 -12.76
C ILE D 411 19.06 -9.70 -12.23
N GLN D 412 19.06 -8.51 -11.59
CA GLN D 412 20.27 -7.84 -11.05
C GLN D 412 21.30 -7.59 -12.18
N ALA D 413 20.86 -6.95 -13.27
CA ALA D 413 21.69 -6.63 -14.43
C ALA D 413 22.71 -5.52 -14.13
N SER D 414 23.90 -5.62 -14.79
CA SER D 414 25.02 -4.67 -14.62
C SER D 414 24.87 -3.37 -15.38
N LEU D 415 24.20 -3.40 -16.54
CA LEU D 415 24.02 -2.23 -17.39
C LEU D 415 22.75 -2.31 -18.21
N ILE D 416 22.25 -1.12 -18.62
CA ILE D 416 21.17 -1.03 -19.60
C ILE D 416 21.84 -0.38 -20.82
N ILE D 417 21.97 -1.12 -21.90
CA ILE D 417 22.56 -0.62 -23.12
C ILE D 417 21.48 -0.09 -24.06
N ALA D 418 21.38 1.24 -24.21
CA ALA D 418 20.40 1.86 -25.09
C ALA D 418 21.08 2.52 -26.28
N LEU D 419 20.78 2.04 -27.49
CA LEU D 419 21.33 2.61 -28.72
C LEU D 419 20.32 3.64 -29.18
N THR D 420 20.73 4.91 -29.16
CA THR D 420 19.83 6.02 -29.48
C THR D 420 20.57 7.11 -30.24
N GLU D 421 19.91 7.70 -31.24
CA GLU D 421 20.48 8.77 -32.07
C GLU D 421 20.22 10.13 -31.45
N THR D 422 18.95 10.40 -31.05
CA THR D 422 18.53 11.68 -30.46
C THR D 422 18.69 11.71 -28.93
N GLY D 423 18.80 10.54 -28.32
CA GLY D 423 18.90 10.45 -26.87
C GLY D 423 17.60 10.06 -26.21
N TYR D 424 16.48 10.16 -26.96
CA TYR D 424 15.11 9.87 -26.55
C TYR D 424 14.96 8.59 -25.71
N THR D 425 15.47 7.44 -26.20
CA THR D 425 15.43 6.15 -25.52
C THR D 425 16.11 6.21 -24.17
N ALA D 426 17.34 6.76 -24.09
CA ALA D 426 18.05 6.88 -22.82
C ALA D 426 17.35 7.80 -21.82
N ARG D 427 16.64 8.83 -22.28
CA ARG D 427 15.89 9.74 -21.40
C ARG D 427 14.69 9.00 -20.83
N LEU D 428 14.04 8.14 -21.65
CA LEU D 428 12.90 7.34 -21.22
C LEU D 428 13.25 6.33 -20.11
N ILE D 429 14.46 5.73 -20.17
CA ILE D 429 14.98 4.77 -19.19
C ILE D 429 15.37 5.54 -17.95
N ALA D 430 16.10 6.67 -18.13
CA ALA D 430 16.57 7.53 -17.04
C ALA D 430 15.42 8.00 -16.13
N LYS D 431 14.22 8.21 -16.72
CA LYS D 431 13.00 8.62 -16.00
C LYS D 431 12.56 7.56 -14.97
N TYR D 432 12.74 6.26 -15.29
CA TYR D 432 12.34 5.18 -14.38
C TYR D 432 13.44 4.76 -13.38
N LYS D 433 14.47 5.60 -13.27
CA LYS D 433 15.64 5.56 -12.38
C LYS D 433 16.13 4.13 -12.03
N PRO D 434 16.80 3.43 -12.99
CA PRO D 434 17.35 2.08 -12.68
C PRO D 434 18.48 2.07 -11.66
N SER D 435 18.66 0.93 -10.98
CA SER D 435 19.71 0.69 -9.97
C SER D 435 21.08 0.62 -10.62
N CYS D 436 21.12 0.20 -11.92
CA CYS D 436 22.32 0.09 -12.75
C CYS D 436 22.46 1.25 -13.70
N THR D 437 23.69 1.46 -14.20
CA THR D 437 24.05 2.51 -15.17
C THR D 437 23.35 2.25 -16.51
N ILE D 438 23.01 3.34 -17.20
CA ILE D 438 22.45 3.35 -18.54
C ILE D 438 23.61 3.74 -19.48
N LEU D 439 24.03 2.80 -20.30
CA LEU D 439 25.07 3.02 -21.31
C LEU D 439 24.36 3.43 -22.62
N ALA D 440 24.48 4.71 -22.98
CA ALA D 440 23.87 5.20 -24.20
C ALA D 440 24.91 5.27 -25.30
N LEU D 441 24.62 4.65 -26.43
CA LEU D 441 25.52 4.57 -27.57
C LEU D 441 24.93 5.43 -28.68
N SER D 442 25.67 6.46 -29.12
CA SER D 442 25.18 7.37 -30.15
C SER D 442 26.26 7.84 -31.08
N ALA D 443 25.94 7.98 -32.38
CA ALA D 443 26.85 8.53 -33.37
C ALA D 443 26.85 10.08 -33.29
N SER D 444 25.84 10.69 -32.62
CA SER D 444 25.75 12.15 -32.48
C SER D 444 26.58 12.70 -31.33
N ASP D 445 27.51 13.61 -31.65
CA ASP D 445 28.35 14.27 -30.65
C ASP D 445 27.58 15.17 -29.71
N SER D 446 26.45 15.75 -30.18
CA SER D 446 25.61 16.57 -29.31
C SER D 446 24.85 15.68 -28.30
N THR D 447 24.30 14.55 -28.75
CA THR D 447 23.56 13.60 -27.92
C THR D 447 24.39 13.10 -26.72
N VAL D 448 25.58 12.61 -27.06
CA VAL D 448 26.59 12.03 -26.19
C VAL D 448 27.01 13.01 -25.04
N LYS D 449 26.93 14.32 -25.31
CA LYS D 449 27.28 15.38 -24.36
C LYS D 449 26.07 15.96 -23.62
N CYS D 450 24.87 15.92 -24.24
CA CYS D 450 23.61 16.44 -23.69
C CYS D 450 23.02 15.53 -22.62
N LEU D 451 23.15 14.21 -22.85
CA LEU D 451 22.60 13.16 -21.99
C LEU D 451 23.19 13.13 -20.58
N ASN D 452 24.28 13.85 -20.36
CA ASN D 452 25.01 14.04 -19.11
C ASN D 452 24.15 14.64 -18.01
N VAL D 453 23.11 15.40 -18.37
CA VAL D 453 22.27 16.08 -17.40
C VAL D 453 21.29 15.09 -16.75
N HIS D 454 21.24 13.87 -17.30
CA HIS D 454 20.39 12.81 -16.82
C HIS D 454 21.12 11.91 -15.85
N ARG D 455 20.56 11.75 -14.66
CA ARG D 455 21.06 10.87 -13.62
C ARG D 455 21.25 9.47 -14.19
N GLY D 456 22.41 8.88 -13.91
CA GLY D 456 22.76 7.52 -14.29
C GLY D 456 23.07 7.23 -15.73
N VAL D 457 23.22 8.24 -16.61
CA VAL D 457 23.52 7.99 -18.03
C VAL D 457 25.00 8.24 -18.36
N THR D 458 25.65 7.23 -18.98
CA THR D 458 27.04 7.27 -19.46
C THR D 458 27.02 6.99 -20.95
N CYS D 459 27.69 7.85 -21.71
CA CYS D 459 27.68 7.82 -23.16
C CYS D 459 28.97 7.42 -23.80
N ILE D 460 28.83 6.64 -24.87
CA ILE D 460 29.91 6.24 -25.73
C ILE D 460 29.55 6.74 -27.13
N LYS D 461 30.50 7.40 -27.79
CA LYS D 461 30.28 7.84 -29.17
C LYS D 461 30.62 6.67 -30.08
N VAL D 462 29.68 6.30 -30.94
CA VAL D 462 29.87 5.22 -31.90
C VAL D 462 29.97 5.81 -33.31
N GLY D 463 30.45 5.02 -34.26
CA GLY D 463 30.56 5.42 -35.65
C GLY D 463 29.21 5.38 -36.32
N SER D 464 28.97 6.30 -37.26
CA SER D 464 27.72 6.45 -38.01
C SER D 464 27.30 5.19 -38.79
N PHE D 465 28.25 4.48 -39.41
CA PHE D 465 27.94 3.35 -40.27
C PHE D 465 28.12 1.96 -39.62
N GLN D 466 28.23 1.90 -38.28
CA GLN D 466 28.37 0.63 -37.56
C GLN D 466 26.97 0.03 -37.28
N GLY D 467 26.88 -1.30 -37.35
CA GLY D 467 25.66 -2.06 -37.11
C GLY D 467 25.41 -2.32 -35.65
N THR D 468 24.13 -2.62 -35.31
CA THR D 468 23.61 -2.88 -33.95
C THR D 468 24.47 -3.89 -33.16
N ASP D 469 24.80 -5.03 -33.79
CA ASP D 469 25.62 -6.09 -33.20
C ASP D 469 27.05 -5.63 -32.95
N ILE D 470 27.67 -4.99 -33.95
CA ILE D 470 29.01 -4.41 -33.82
C ILE D 470 29.04 -3.37 -32.66
N VAL D 471 28.00 -2.52 -32.57
CA VAL D 471 27.89 -1.47 -31.56
C VAL D 471 27.67 -2.08 -30.14
N ILE D 472 26.73 -3.03 -29.99
CA ILE D 472 26.46 -3.67 -28.69
C ILE D 472 27.71 -4.47 -28.21
N ARG D 473 28.42 -5.13 -29.14
CA ARG D 473 29.64 -5.89 -28.81
C ARG D 473 30.78 -4.99 -28.34
N ASN D 474 30.99 -3.83 -29.01
CA ASN D 474 32.04 -2.87 -28.62
C ASN D 474 31.68 -2.18 -27.31
N ALA D 475 30.37 -1.92 -27.08
CA ALA D 475 29.86 -1.35 -25.85
C ALA D 475 30.17 -2.30 -24.67
N ILE D 476 29.89 -3.62 -24.84
CA ILE D 476 30.17 -4.66 -23.84
C ILE D 476 31.68 -4.75 -23.59
N GLU D 477 32.47 -4.58 -24.65
CA GLU D 477 33.93 -4.64 -24.56
C GLU D 477 34.50 -3.46 -23.79
N ILE D 478 33.98 -2.25 -24.03
CA ILE D 478 34.36 -1.02 -23.34
C ILE D 478 33.96 -1.15 -21.87
N ALA D 479 32.74 -1.69 -21.63
CA ALA D 479 32.19 -1.95 -20.30
C ALA D 479 33.12 -2.79 -19.43
N LYS D 480 33.70 -3.89 -20.00
CA LYS D 480 34.66 -4.77 -19.32
C LYS D 480 35.93 -4.00 -19.00
N GLN D 481 36.43 -3.20 -19.97
CA GLN D 481 37.64 -2.39 -19.85
C GLN D 481 37.51 -1.31 -18.78
N ARG D 482 36.28 -0.77 -18.64
CA ARG D 482 35.92 0.29 -17.71
C ARG D 482 35.47 -0.21 -16.34
N ASN D 483 35.40 -1.54 -16.16
CA ASN D 483 34.96 -2.20 -14.92
C ASN D 483 33.47 -1.90 -14.61
N MET D 484 32.70 -1.61 -15.68
CA MET D 484 31.27 -1.32 -15.59
C MET D 484 30.46 -2.62 -15.55
N ALA D 485 31.02 -3.71 -16.10
CA ALA D 485 30.43 -5.04 -16.19
C ALA D 485 31.53 -6.08 -16.28
N LYS D 486 31.24 -7.32 -15.86
CA LYS D 486 32.20 -8.43 -15.87
C LYS D 486 31.63 -9.67 -16.59
N VAL D 487 32.46 -10.68 -16.84
CA VAL D 487 32.03 -11.96 -17.44
C VAL D 487 31.02 -12.65 -16.52
N GLY D 488 29.92 -13.15 -17.09
CA GLY D 488 28.88 -13.83 -16.33
C GLY D 488 27.69 -12.95 -15.99
N ASP D 489 27.83 -11.63 -16.24
CA ASP D 489 26.80 -10.62 -15.99
C ASP D 489 25.78 -10.54 -17.11
N SER D 490 24.57 -10.13 -16.75
CA SER D 490 23.49 -9.93 -17.69
C SER D 490 23.41 -8.43 -17.99
N VAL D 491 23.16 -8.09 -19.27
CA VAL D 491 22.94 -6.72 -19.72
C VAL D 491 21.67 -6.65 -20.53
N ILE D 492 20.93 -5.58 -20.36
CA ILE D 492 19.71 -5.39 -21.11
C ILE D 492 20.12 -4.50 -22.27
N ALA D 493 19.75 -4.86 -23.50
CA ALA D 493 19.97 -4.05 -24.70
C ALA D 493 18.61 -3.69 -25.30
N ILE D 494 18.42 -2.40 -25.59
CA ILE D 494 17.15 -1.87 -26.08
C ILE D 494 17.33 -0.99 -27.34
N HIS D 495 16.51 -1.24 -28.41
CA HIS D 495 16.56 -0.54 -29.72
C HIS D 495 15.38 -0.83 -30.66
N ASN D 506 10.47 -1.69 -31.68
CA ASN D 506 10.81 -1.56 -30.26
C ASN D 506 11.01 -2.93 -29.58
N LEU D 507 12.24 -3.20 -29.13
CA LEU D 507 12.56 -4.47 -28.52
C LEU D 507 13.52 -4.36 -27.37
N MET D 508 13.44 -5.36 -26.47
CA MET D 508 14.32 -5.48 -25.33
C MET D 508 14.93 -6.90 -25.36
N LYS D 509 16.26 -7.00 -25.19
CA LYS D 509 16.94 -8.29 -25.13
C LYS D 509 17.91 -8.36 -23.95
N VAL D 510 18.07 -9.55 -23.38
CA VAL D 510 18.99 -9.80 -22.27
C VAL D 510 20.19 -10.55 -22.89
N VAL D 511 21.40 -10.05 -22.63
CA VAL D 511 22.64 -10.59 -23.16
C VAL D 511 23.56 -11.00 -22.02
N GLN D 512 24.23 -12.15 -22.15
CA GLN D 512 25.22 -12.61 -21.17
C GLN D 512 26.60 -12.18 -21.64
N ILE D 513 27.39 -11.57 -20.74
CA ILE D 513 28.76 -11.16 -21.05
C ILE D 513 29.63 -12.40 -20.95
N GLU D 514 30.30 -12.75 -22.07
CA GLU D 514 31.15 -13.93 -22.20
C GLU D 514 32.61 -13.57 -22.54
#